data_8HUG
#
_entry.id   8HUG
#
_cell.length_a   105.570
_cell.length_b   105.570
_cell.length_c   304.000
_cell.angle_alpha   90.000
_cell.angle_beta   90.000
_cell.angle_gamma   90.000
#
_symmetry.space_group_name_H-M   'P 43 21 2'
#
loop_
_entity.id
_entity.type
_entity.pdbx_description
1 polymer 'GTP-binding nuclear protein Ran'
2 polymer 'YRB1 isoform 1'
3 polymer 'CRM1 isoform 1'
4 non-polymer 'MAGNESIUM ION'
5 non-polymer GLYCEROL
6 non-polymer "GUANOSINE-5'-TRIPHOSPHATE"
7 non-polymer 'CHLORIDE ION'
8 non-polymer 'DIMETHYL SULFOXIDE'
9 non-polymer '4-[4-(3-chlorophenyl)piperazin-1-yl]-3-[(3-fluorophenyl)sulfonylamino]benzoic acid'
10 water water
#
loop_
_entity_poly.entity_id
_entity_poly.type
_entity_poly.pdbx_seq_one_letter_code
_entity_poly.pdbx_strand_id
1 'polypeptide(L)'
;MAAQGEPQVQFKLVLVGDGGTGKTTFVKRHLTGEFEKKYVATLGVEVHPLVFHTNRGPIKFNVWDTAGLEKFGGLRDGYY
IQAQCAIIMFDVTSRVTYKNVPNWHRDLVRVCENIPIVLCGNKVDIKDRKVKAKSIVFHRKKNLQYYDISAKSNYNFEKP
FLWLARKLIGDPNLEFVAMPAAAPPEVVMDPALAAQYEHDLEVAQTTALPDEDDDL
;
A
2 'polypeptide(L)'
;DIHFEPVVHLEKVDVKTMEEDEEVLYKVRAKLFRFDADAKEWKERGTGDCKFLKNKKTNKVRILMRRDKTLKICANHIIA
PEYTLKPNVGSDRSWVYACTADIAEGEAEAFTFAIRFGSKENADKFKEEFEKAQEINKKA
;
B
3 'polypeptide(L)'
;GGSMEGILDFSNDLDIALLDQVVSTFYQGEGVQQKQAQEILTKFQDNPDAWEKVDQILQFSTNPQSKFIALSILDKLITR
KWKLLPNDHRIGIRNFVVGMIISMCQDDEVFKTQKNLINKSDLTLVQILKQEWPQNWPEFIPELIGSSSSSVNVCENNMI
VLKLLSEEVFDFSAEQMTQAKALHLKNSMSKEFEQIFKLCFQVLEQGSSSSLIVATLESLLRYLHWIPYRYIYETNILEL
LSTKFMTSPDTRAITLKCLTEVSNLKIPQDNDLIKRQTVLFFQNTLQQIATSVMPVTADLKATYANANGNDQSFLQDLAM
FLTTYLARNRALLESDESLRELLLNAHQYLIQLSKIEERELFKTTLDYWHNLVADLFYEPLKKHIYEEICSQLRLVIIEN
MVRPEEIQLYKSEREVLVYLTHLNVIDTEEIMISKLARQIDGSEWSWHNINTLSWAIGSISGTMSEDTEKRFVVTVIKDL
LGLCEQKRGKDNKAVVARDIMYVVGEYPRFLKAHWNFLRTVILKLFEFMHETHEGVQDMACDTFIKIVQKCKYHFVIQQP
RESEPFIQTIIRDIQKTTADLQPQQVHTFYKACGIIISEERSVAERNRLLSDLMQLPNMAWDTIVEQSTANPTLLLDSET
VKIIANIIKTNVAVCTSMGADFYPQLGHIYYNMLQLYRAVSSMISTQVAAEGLIATKTPKVRGLRTIKKEILKLVETYIS
KARNLDDVVKVLVEPLLNAVLEDYMNNVPDARDAEVLNCMTTVVEKVGHMIPQGVILILQSVFECTLDMINKDFTEYPEH
RVEFYKLLKVINEKSFAAFLELPPAAFKLFVDAICWAFKHNNRDVEVNGLQIALDLVKNIERMGNVPFANEFHKNYFFIF
VSETFFVLTDSDHKSGFSKQALLLMKLISLVYDNKISVPLYQEAEVPQGTSNQVYLSQYLANMLSNAFPHLTSEQIASFL
SALTKQCKDLVVFKGTLRDFLVQIKEVGGDPTDYLFAEDKENA
;
C
#
loop_
_chem_comp.id
_chem_comp.type
_chem_comp.name
_chem_comp.formula
CL non-polymer 'CHLORIDE ION' 'Cl -1'
DMS non-polymer 'DIMETHYL SULFOXIDE' 'C2 H6 O S'
GOL non-polymer GLYCEROL 'C3 H8 O3'
GTP non-polymer GUANOSINE-5'-TRIPHOSPHATE 'C10 H16 N5 O14 P3'
MG non-polymer 'MAGNESIUM ION' 'Mg 2'
N59 non-polymer '4-[4-(3-chlorophenyl)piperazin-1-yl]-3-[(3-fluorophenyl)sulfonylamino]benzoic acid' 'C23 H21 Cl F N3 O4 S'
#
# COMPACT_ATOMS: atom_id res chain seq x y z
N GLN A 8 -22.45 3.76 26.59
CA GLN A 8 -21.59 3.05 25.62
C GLN A 8 -22.45 2.54 24.45
N VAL A 9 -22.00 2.80 23.23
CA VAL A 9 -22.72 2.35 22.01
C VAL A 9 -21.79 1.38 21.27
N GLN A 10 -22.32 0.24 20.83
CA GLN A 10 -21.49 -0.77 20.11
C GLN A 10 -21.97 -0.89 18.66
N PHE A 11 -21.03 -0.86 17.72
CA PHE A 11 -21.34 -0.95 16.27
C PHE A 11 -20.56 -2.11 15.65
N LYS A 12 -21.21 -2.90 14.82
CA LYS A 12 -20.52 -4.02 14.14
C LYS A 12 -19.69 -3.44 12.99
N LEU A 13 -18.40 -3.77 12.96
CA LEU A 13 -17.50 -3.27 11.90
C LEU A 13 -16.91 -4.48 11.15
N VAL A 14 -17.10 -4.51 9.82
CA VAL A 14 -16.59 -5.63 9.01
C VAL A 14 -15.31 -5.16 8.30
N LEU A 15 -14.27 -5.97 8.38
CA LEU A 15 -12.96 -5.70 7.77
C LEU A 15 -12.77 -6.72 6.65
N VAL A 16 -12.63 -6.24 5.41
CA VAL A 16 -12.48 -7.12 4.22
C VAL A 16 -11.30 -6.67 3.38
N GLY A 17 -10.80 -7.58 2.55
CA GLY A 17 -9.67 -7.31 1.64
C GLY A 17 -8.83 -8.55 1.42
N ASP A 18 -7.93 -8.49 0.45
CA ASP A 18 -7.13 -9.65 -0.01
C ASP A 18 -6.33 -10.20 1.19
N GLY A 19 -6.03 -11.50 1.11
CA GLY A 19 -5.12 -12.16 2.04
C GLY A 19 -3.80 -11.41 2.11
N GLY A 20 -3.30 -11.20 3.32
CA GLY A 20 -1.95 -10.68 3.59
C GLY A 20 -1.87 -9.17 3.47
N THR A 21 -3.01 -8.47 3.39
CA THR A 21 -3.03 -7.00 3.26
C THR A 21 -2.82 -6.32 4.62
N GLY A 22 -3.07 -7.01 5.73
CA GLY A 22 -2.75 -6.47 7.07
C GLY A 22 -3.95 -6.27 7.97
N LYS A 23 -5.09 -6.88 7.66
CA LYS A 23 -6.37 -6.72 8.39
C LYS A 23 -6.16 -7.15 9.85
N THR A 24 -5.72 -8.38 10.07
CA THR A 24 -5.57 -8.96 11.42
C THR A 24 -4.47 -8.18 12.16
N THR A 25 -3.38 -7.87 11.47
CA THR A 25 -2.23 -7.14 12.05
C THR A 25 -2.71 -5.80 12.56
N PHE A 26 -3.53 -5.10 11.78
CA PHE A 26 -4.05 -3.75 12.10
C PHE A 26 -4.96 -3.83 13.33
N VAL A 27 -5.88 -4.80 13.37
CA VAL A 27 -6.84 -4.96 14.50
C VAL A 27 -6.06 -5.31 15.79
N LYS A 28 -5.12 -6.26 15.71
CA LYS A 28 -4.30 -6.71 16.86
C LYS A 28 -3.52 -5.53 17.42
N ARG A 29 -2.97 -4.70 16.55
CA ARG A 29 -2.23 -3.49 16.98
C ARG A 29 -3.18 -2.63 17.82
N HIS A 30 -4.42 -2.48 17.37
CA HIS A 30 -5.45 -1.69 18.08
C HIS A 30 -5.88 -2.36 19.39
N LEU A 31 -5.97 -3.69 19.46
CA LEU A 31 -6.42 -4.44 20.68
C LEU A 31 -5.35 -4.45 21.77
N THR A 32 -4.12 -4.85 21.43
CA THR A 32 -3.03 -5.18 22.41
C THR A 32 -1.87 -4.19 22.31
N GLY A 33 -1.74 -3.46 21.20
CA GLY A 33 -0.57 -2.60 20.94
C GLY A 33 0.55 -3.33 20.19
N GLU A 34 0.45 -4.63 19.98
CA GLU A 34 1.55 -5.47 19.46
C GLU A 34 1.59 -5.42 17.93
N PHE A 35 2.78 -5.63 17.33
CA PHE A 35 2.96 -5.75 15.87
C PHE A 35 3.34 -7.20 15.58
N GLU A 36 2.38 -7.96 15.05
CA GLU A 36 2.61 -9.37 14.65
C GLU A 36 3.31 -9.37 13.28
N LYS A 37 4.54 -9.86 13.23
CA LYS A 37 5.35 -9.99 11.98
C LYS A 37 4.93 -11.23 11.19
N LYS A 38 4.43 -12.28 11.83
CA LYS A 38 4.11 -13.56 11.14
C LYS A 38 2.78 -13.40 10.40
N TYR A 39 2.68 -13.95 9.19
CA TYR A 39 1.41 -14.09 8.44
C TYR A 39 0.74 -15.40 8.87
N VAL A 40 -0.32 -15.34 9.65
CA VAL A 40 -1.18 -16.52 9.95
C VAL A 40 -2.56 -16.20 9.39
N ALA A 41 -2.90 -16.79 8.25
CA ALA A 41 -4.15 -16.53 7.50
C ALA A 41 -5.37 -16.73 8.42
N THR A 42 -6.30 -15.78 8.42
CA THR A 42 -7.55 -15.87 9.21
C THR A 42 -8.40 -17.00 8.61
N LEU A 43 -9.02 -17.81 9.46
CA LEU A 43 -9.96 -18.89 9.06
C LEU A 43 -11.40 -18.38 9.24
N GLY A 44 -12.05 -17.96 8.15
CA GLY A 44 -13.41 -17.41 8.20
C GLY A 44 -13.44 -16.01 8.78
N VAL A 45 -13.57 -15.89 10.10
CA VAL A 45 -13.66 -14.57 10.77
C VAL A 45 -13.13 -14.71 12.21
N GLU A 46 -12.50 -13.65 12.70
CA GLU A 46 -12.22 -13.41 14.13
C GLU A 46 -13.03 -12.18 14.57
N VAL A 47 -13.74 -12.31 15.68
CA VAL A 47 -14.58 -11.21 16.24
C VAL A 47 -13.91 -10.70 17.51
N HIS A 48 -13.64 -9.39 17.62
CA HIS A 48 -13.03 -8.80 18.84
C HIS A 48 -13.71 -7.47 19.14
N PRO A 49 -14.10 -7.23 20.41
CA PRO A 49 -14.57 -5.91 20.80
C PRO A 49 -13.37 -4.95 20.87
N LEU A 50 -13.55 -3.74 20.38
CA LEU A 50 -12.54 -2.66 20.41
C LEU A 50 -13.21 -1.38 20.92
N VAL A 51 -12.72 -0.80 22.02
CA VAL A 51 -13.34 0.39 22.68
C VAL A 51 -12.42 1.58 22.45
N PHE A 52 -12.98 2.73 22.08
CA PHE A 52 -12.28 4.03 22.13
C PHE A 52 -12.99 4.94 23.12
N HIS A 53 -12.24 5.80 23.77
CA HIS A 53 -12.77 6.88 24.63
C HIS A 53 -12.78 8.18 23.83
N THR A 54 -13.96 8.79 23.73
CA THR A 54 -14.22 10.05 22.99
C THR A 54 -14.74 11.11 23.96
N ASN A 55 -14.70 12.37 23.54
CA ASN A 55 -15.30 13.52 24.27
C ASN A 55 -16.83 13.33 24.38
N ARG A 56 -17.38 12.36 23.65
CA ARG A 56 -18.82 12.02 23.71
C ARG A 56 -19.00 10.65 24.38
N GLY A 57 -18.03 10.23 25.21
CA GLY A 57 -18.09 8.95 25.95
C GLY A 57 -17.49 7.79 25.14
N PRO A 58 -17.54 6.56 25.67
CA PRO A 58 -16.90 5.43 25.01
C PRO A 58 -17.68 4.96 23.77
N ILE A 59 -16.97 4.50 22.76
CA ILE A 59 -17.59 3.81 21.59
C ILE A 59 -16.95 2.44 21.45
N LYS A 60 -17.78 1.41 21.26
CA LYS A 60 -17.34 0.01 21.10
C LYS A 60 -17.60 -0.44 19.66
N PHE A 61 -16.58 -0.94 18.99
CA PHE A 61 -16.69 -1.61 17.66
C PHE A 61 -16.60 -3.12 17.89
N ASN A 62 -17.60 -3.86 17.43
CA ASN A 62 -17.52 -5.34 17.37
C ASN A 62 -16.89 -5.62 16.01
N VAL A 63 -15.59 -5.90 16.02
CA VAL A 63 -14.78 -6.03 14.79
C VAL A 63 -14.85 -7.46 14.26
N TRP A 64 -15.43 -7.61 13.07
CA TRP A 64 -15.48 -8.89 12.31
C TRP A 64 -14.34 -8.82 11.28
N ASP A 65 -13.21 -9.40 11.65
CA ASP A 65 -11.97 -9.44 10.83
C ASP A 65 -12.05 -10.70 9.94
N THR A 66 -12.43 -10.54 8.66
CA THR A 66 -12.78 -11.68 7.78
C THR A 66 -11.54 -12.17 7.01
N ALA A 67 -11.61 -13.41 6.53
CA ALA A 67 -10.55 -14.09 5.76
C ALA A 67 -10.56 -13.53 4.33
N GLY A 68 -9.38 -13.15 3.83
CA GLY A 68 -9.19 -12.65 2.45
C GLY A 68 -8.85 -13.76 1.48
N LEU A 69 -8.28 -14.88 1.92
CA LEU A 69 -7.92 -16.01 1.03
C LEU A 69 -9.19 -16.82 0.72
N GLU A 70 -9.41 -17.10 -0.57
CA GLU A 70 -10.64 -17.77 -1.07
C GLU A 70 -10.82 -19.09 -0.32
N LYS A 71 -9.75 -19.87 -0.16
CA LYS A 71 -9.84 -21.23 0.43
C LYS A 71 -10.17 -21.13 1.93
N PHE A 72 -9.99 -20.00 2.59
CA PHE A 72 -10.31 -19.83 4.05
C PHE A 72 -11.50 -18.88 4.22
N GLY A 73 -12.29 -18.66 3.15
CA GLY A 73 -13.36 -17.64 3.06
C GLY A 73 -14.48 -17.86 4.08
N GLY A 74 -14.74 -19.11 4.46
CA GLY A 74 -15.86 -19.46 5.34
C GLY A 74 -17.19 -18.99 4.76
N LEU A 75 -17.95 -18.21 5.53
CA LEU A 75 -19.33 -17.81 5.17
C LEU A 75 -19.31 -16.62 4.22
N ARG A 76 -18.14 -16.04 3.94
CA ARG A 76 -18.00 -14.92 2.98
C ARG A 76 -18.97 -13.80 3.38
N ASP A 77 -19.92 -13.46 2.53
CA ASP A 77 -20.84 -12.30 2.72
C ASP A 77 -21.80 -12.57 3.89
N GLY A 78 -21.92 -13.82 4.33
CA GLY A 78 -22.60 -14.19 5.59
C GLY A 78 -22.09 -13.37 6.77
N TYR A 79 -20.80 -12.98 6.74
CA TYR A 79 -20.19 -12.14 7.81
C TYR A 79 -20.65 -10.69 7.72
N TYR A 80 -21.24 -10.26 6.61
CA TYR A 80 -21.50 -8.81 6.41
C TYR A 80 -22.85 -8.42 6.98
N ILE A 81 -23.72 -9.39 7.27
CA ILE A 81 -25.14 -9.19 7.70
C ILE A 81 -25.18 -8.25 8.91
N GLN A 82 -25.93 -7.15 8.79
CA GLN A 82 -26.21 -6.12 9.82
C GLN A 82 -24.91 -5.43 10.28
N ALA A 83 -23.88 -5.39 9.43
CA ALA A 83 -22.72 -4.50 9.63
C ALA A 83 -23.19 -3.04 9.57
N GLN A 84 -22.64 -2.19 10.41
CA GLN A 84 -23.00 -0.76 10.48
C GLN A 84 -21.86 0.08 9.90
N CYS A 85 -20.71 -0.52 9.65
CA CYS A 85 -19.56 0.20 9.06
C CYS A 85 -18.56 -0.85 8.56
N ALA A 86 -17.59 -0.42 7.79
CA ALA A 86 -16.62 -1.36 7.19
C ALA A 86 -15.34 -0.63 6.83
N ILE A 87 -14.27 -1.39 6.85
CA ILE A 87 -12.95 -1.08 6.27
C ILE A 87 -12.68 -2.08 5.14
N ILE A 88 -12.33 -1.56 3.97
CA ILE A 88 -11.76 -2.34 2.85
C ILE A 88 -10.26 -2.07 2.84
N MET A 89 -9.48 -3.11 2.97
CA MET A 89 -8.00 -3.03 3.07
C MET A 89 -7.36 -3.54 1.77
N PHE A 90 -6.35 -2.83 1.29
CA PHE A 90 -5.40 -3.37 0.29
C PHE A 90 -3.99 -3.01 0.75
N ASP A 91 -3.03 -3.49 0.01
CA ASP A 91 -1.58 -3.36 0.29
C ASP A 91 -1.01 -2.55 -0.87
N VAL A 92 -0.44 -1.37 -0.59
CA VAL A 92 0.11 -0.46 -1.63
C VAL A 92 1.39 -1.08 -2.24
N THR A 93 1.91 -2.16 -1.66
CA THR A 93 3.04 -2.90 -2.27
C THR A 93 2.53 -4.00 -3.22
N SER A 94 1.21 -4.21 -3.38
CA SER A 94 0.66 -5.32 -4.21
C SER A 94 -0.50 -4.83 -5.07
N ARG A 95 -0.23 -4.60 -6.35
CA ARG A 95 -1.22 -4.09 -7.34
C ARG A 95 -2.47 -4.97 -7.35
N VAL A 96 -2.33 -6.29 -7.27
CA VAL A 96 -3.51 -7.18 -7.41
C VAL A 96 -4.49 -6.85 -6.30
N THR A 97 -4.01 -6.45 -5.12
CA THR A 97 -4.87 -6.23 -3.93
C THR A 97 -5.72 -4.99 -4.19
N TYR A 98 -5.21 -4.01 -4.93
CA TYR A 98 -5.99 -2.81 -5.28
C TYR A 98 -6.95 -3.17 -6.42
N LYS A 99 -6.50 -3.98 -7.38
CA LYS A 99 -7.35 -4.46 -8.49
C LYS A 99 -8.59 -5.18 -7.92
N ASN A 100 -8.46 -5.84 -6.77
CA ASN A 100 -9.57 -6.62 -6.16
C ASN A 100 -10.48 -5.74 -5.30
N VAL A 101 -10.12 -4.49 -5.03
CA VAL A 101 -10.94 -3.61 -4.14
C VAL A 101 -12.37 -3.50 -4.68
N PRO A 102 -12.62 -3.29 -6.00
CA PRO A 102 -14.00 -3.23 -6.51
C PRO A 102 -14.82 -4.49 -6.22
N ASN A 103 -14.16 -5.66 -6.19
CA ASN A 103 -14.81 -6.97 -5.94
C ASN A 103 -15.23 -7.05 -4.46
N TRP A 104 -14.36 -6.67 -3.54
CA TRP A 104 -14.69 -6.65 -2.09
C TRP A 104 -15.84 -5.64 -1.86
N HIS A 105 -15.76 -4.48 -2.51
CA HIS A 105 -16.76 -3.41 -2.36
C HIS A 105 -18.10 -3.91 -2.87
N ARG A 106 -18.13 -4.50 -4.06
CA ARG A 106 -19.33 -5.10 -4.66
C ARG A 106 -20.00 -6.04 -3.65
N ASP A 107 -19.27 -7.04 -3.14
CA ASP A 107 -19.81 -8.09 -2.24
C ASP A 107 -20.33 -7.44 -0.95
N LEU A 108 -19.63 -6.42 -0.45
CA LEU A 108 -19.98 -5.72 0.80
C LEU A 108 -21.29 -4.92 0.63
N VAL A 109 -21.41 -4.07 -0.40
CA VAL A 109 -22.55 -3.11 -0.49
C VAL A 109 -23.80 -3.83 -0.98
N ARG A 110 -23.67 -5.01 -1.57
CA ARG A 110 -24.87 -5.84 -1.89
C ARG A 110 -25.55 -6.30 -0.61
N VAL A 111 -24.80 -6.51 0.49
CA VAL A 111 -25.39 -6.90 1.79
C VAL A 111 -25.67 -5.65 2.65
N CYS A 112 -24.80 -4.64 2.62
CA CYS A 112 -24.83 -3.40 3.46
C CYS A 112 -24.93 -2.17 2.56
N GLU A 113 -26.16 -1.70 2.30
CA GLU A 113 -26.47 -0.76 1.20
C GLU A 113 -26.04 0.67 1.54
N ASN A 114 -26.08 1.07 2.81
CA ASN A 114 -26.01 2.49 3.19
C ASN A 114 -25.16 2.66 4.46
N ILE A 115 -23.91 2.19 4.43
CA ILE A 115 -23.02 2.24 5.62
C ILE A 115 -21.77 3.05 5.30
N PRO A 116 -21.19 3.72 6.31
CA PRO A 116 -19.89 4.35 6.14
C PRO A 116 -18.77 3.33 5.95
N ILE A 117 -17.97 3.54 4.92
CA ILE A 117 -16.86 2.63 4.53
C ILE A 117 -15.59 3.43 4.32
N VAL A 118 -14.51 2.97 4.93
CA VAL A 118 -13.15 3.49 4.74
C VAL A 118 -12.38 2.50 3.86
N LEU A 119 -11.77 3.01 2.80
CA LEU A 119 -10.72 2.30 2.04
C LEU A 119 -9.34 2.64 2.61
N CYS A 120 -8.56 1.61 2.91
CA CYS A 120 -7.22 1.72 3.55
C CYS A 120 -6.16 1.05 2.69
N GLY A 121 -5.20 1.84 2.22
CA GLY A 121 -3.96 1.33 1.62
C GLY A 121 -2.91 1.17 2.69
N ASN A 122 -2.67 -0.08 3.08
CA ASN A 122 -1.73 -0.45 4.16
C ASN A 122 -0.32 -0.61 3.58
N LYS A 123 0.66 -0.55 4.47
CA LYS A 123 2.10 -0.86 4.27
C LYS A 123 2.76 0.31 3.54
N VAL A 124 2.35 1.55 3.82
CA VAL A 124 3.01 2.74 3.22
C VAL A 124 4.40 2.93 3.83
N ASP A 125 4.78 2.15 4.84
CA ASP A 125 6.15 2.18 5.45
C ASP A 125 7.18 1.59 4.49
N ILE A 126 6.76 0.76 3.54
CA ILE A 126 7.67 0.04 2.60
C ILE A 126 8.08 1.01 1.49
N LYS A 127 9.38 1.13 1.25
CA LYS A 127 10.01 2.11 0.33
C LYS A 127 9.49 1.91 -1.11
N ASP A 128 9.46 0.66 -1.59
CA ASP A 128 9.06 0.29 -2.98
C ASP A 128 7.54 0.12 -3.06
N ARG A 129 6.81 1.24 -3.11
CA ARG A 129 5.34 1.28 -3.25
C ARG A 129 4.96 0.94 -4.69
N LYS A 130 3.96 0.09 -4.92
CA LYS A 130 3.57 -0.37 -6.28
C LYS A 130 2.25 0.26 -6.69
N VAL A 131 1.35 0.52 -5.73
CA VAL A 131 0.09 1.25 -6.02
C VAL A 131 0.29 2.73 -5.65
N LYS A 132 0.55 3.55 -6.67
CA LYS A 132 0.89 4.98 -6.55
C LYS A 132 -0.37 5.78 -6.18
N ALA A 133 -0.18 6.89 -5.46
CA ALA A 133 -1.25 7.81 -5.03
C ALA A 133 -2.16 8.12 -6.22
N LYS A 134 -1.59 8.56 -7.34
CA LYS A 134 -2.33 8.87 -8.60
C LYS A 134 -3.30 7.74 -9.00
N SER A 135 -3.00 6.47 -8.75
CA SER A 135 -3.82 5.33 -9.22
C SER A 135 -5.04 5.15 -8.31
N ILE A 136 -5.02 5.68 -7.08
CA ILE A 136 -6.07 5.35 -6.07
C ILE A 136 -7.22 6.36 -6.19
N VAL A 137 -8.26 5.99 -6.95
CA VAL A 137 -9.43 6.86 -7.30
C VAL A 137 -10.75 6.09 -7.11
N PHE A 138 -10.74 4.78 -6.82
CA PHE A 138 -11.96 3.96 -6.73
C PHE A 138 -12.94 4.52 -5.68
N HIS A 139 -12.42 5.09 -4.58
CA HIS A 139 -13.23 5.63 -3.46
C HIS A 139 -14.12 6.80 -3.90
N ARG A 140 -13.76 7.55 -4.94
CA ARG A 140 -14.40 8.87 -5.24
C ARG A 140 -15.88 8.67 -5.60
N LYS A 141 -16.15 7.91 -6.65
CA LYS A 141 -17.53 7.64 -7.08
C LYS A 141 -18.28 6.78 -6.06
N LYS A 142 -17.60 6.06 -5.17
CA LYS A 142 -18.29 5.17 -4.20
C LYS A 142 -18.49 5.87 -2.86
N ASN A 143 -18.02 7.11 -2.72
CA ASN A 143 -18.16 7.91 -1.48
C ASN A 143 -17.47 7.19 -0.31
N LEU A 144 -16.35 6.52 -0.55
CA LEU A 144 -15.55 5.92 0.54
C LEU A 144 -14.56 6.96 1.02
N GLN A 145 -14.31 7.03 2.32
CA GLN A 145 -13.12 7.73 2.86
C GLN A 145 -11.90 6.89 2.47
N TYR A 146 -10.78 7.55 2.17
CA TYR A 146 -9.52 6.84 1.86
C TYR A 146 -8.44 7.33 2.84
N TYR A 147 -7.65 6.41 3.37
CA TYR A 147 -6.39 6.73 4.09
C TYR A 147 -5.28 5.78 3.65
N ASP A 148 -4.11 6.36 3.41
CA ASP A 148 -2.80 5.68 3.48
C ASP A 148 -2.62 5.30 4.95
N ILE A 149 -2.37 4.02 5.27
CA ILE A 149 -2.02 3.58 6.66
C ILE A 149 -0.78 2.68 6.64
N SER A 150 -0.14 2.57 7.80
CA SER A 150 0.85 1.51 8.11
C SER A 150 0.57 0.99 9.52
N ALA A 151 0.11 -0.25 9.62
CA ALA A 151 0.01 -0.98 10.90
C ALA A 151 1.39 -1.05 11.56
N LYS A 152 2.47 -0.99 10.78
CA LYS A 152 3.85 -1.18 11.31
C LYS A 152 4.42 0.13 11.85
N SER A 153 4.24 1.26 11.16
CA SER A 153 4.81 2.57 11.59
C SER A 153 3.75 3.37 12.38
N ASN A 154 2.50 2.91 12.36
CA ASN A 154 1.30 3.54 13.00
C ASN A 154 0.88 4.79 12.22
N TYR A 155 1.41 5.02 11.03
CA TYR A 155 0.99 6.13 10.12
C TYR A 155 -0.54 6.08 9.96
N ASN A 156 -1.24 7.15 10.34
CA ASN A 156 -2.72 7.28 10.24
C ASN A 156 -3.47 6.10 10.87
N PHE A 157 -2.87 5.39 11.83
N PHE A 157 -2.84 5.43 11.83
CA PHE A 157 -3.46 4.12 12.34
CA PHE A 157 -3.33 4.19 12.50
C PHE A 157 -4.78 4.38 13.05
C PHE A 157 -4.74 4.38 13.06
N GLU A 158 -5.01 5.58 13.59
CA GLU A 158 -6.26 5.90 14.32
C GLU A 158 -7.36 6.41 13.37
N LYS A 159 -6.98 6.87 12.17
CA LYS A 159 -7.87 7.67 11.28
C LYS A 159 -9.10 6.87 10.86
N PRO A 160 -9.01 5.59 10.45
CA PRO A 160 -10.20 4.86 10.01
C PRO A 160 -11.26 4.85 11.11
N PHE A 161 -10.87 4.58 12.37
CA PHE A 161 -11.82 4.44 13.51
C PHE A 161 -12.38 5.81 13.88
N LEU A 162 -11.55 6.85 13.86
CA LEU A 162 -12.01 8.20 14.21
C LEU A 162 -13.08 8.63 13.19
N TRP A 163 -12.83 8.38 11.90
CA TRP A 163 -13.77 8.78 10.83
C TRP A 163 -15.07 7.99 11.00
N LEU A 164 -15.00 6.69 11.22
CA LEU A 164 -16.21 5.85 11.38
C LEU A 164 -16.99 6.29 12.62
N ALA A 165 -16.31 6.58 13.72
CA ALA A 165 -16.92 7.06 14.97
C ALA A 165 -17.67 8.39 14.73
N ARG A 166 -17.07 9.31 13.98
CA ARG A 166 -17.71 10.62 13.64
C ARG A 166 -18.99 10.35 12.85
N LYS A 167 -18.94 9.43 11.88
CA LYS A 167 -20.10 9.06 11.03
C LYS A 167 -21.18 8.35 11.86
N LEU A 168 -20.83 7.39 12.72
CA LEU A 168 -21.85 6.56 13.42
C LEU A 168 -22.49 7.35 14.58
N ILE A 169 -21.72 8.14 15.34
CA ILE A 169 -22.26 9.00 16.44
C ILE A 169 -22.96 10.22 15.80
N GLY A 170 -22.51 10.63 14.61
CA GLY A 170 -23.09 11.77 13.87
C GLY A 170 -22.62 13.08 14.47
N ASP A 171 -21.39 13.15 14.98
CA ASP A 171 -20.75 14.38 15.53
C ASP A 171 -19.41 14.55 14.84
N PRO A 172 -19.29 15.56 13.95
CA PRO A 172 -18.07 15.71 13.15
C PRO A 172 -16.85 16.17 13.96
N ASN A 173 -17.05 16.71 15.18
CA ASN A 173 -15.97 17.25 16.04
C ASN A 173 -15.61 16.28 17.16
N LEU A 174 -16.08 15.03 17.08
CA LEU A 174 -15.75 13.96 18.06
C LEU A 174 -14.22 13.78 18.03
N GLU A 175 -13.60 13.63 19.20
CA GLU A 175 -12.13 13.41 19.33
C GLU A 175 -11.92 12.19 20.21
N PHE A 176 -10.82 11.46 20.02
CA PHE A 176 -10.30 10.49 20.99
C PHE A 176 -9.73 11.30 22.15
N VAL A 177 -10.08 10.91 23.38
CA VAL A 177 -9.58 11.58 24.60
C VAL A 177 -8.82 10.54 25.43
N ALA A 178 -7.95 11.02 26.30
CA ALA A 178 -7.32 10.19 27.34
C ALA A 178 -8.30 10.06 28.52
N MET A 179 -8.65 8.86 28.96
CA MET A 179 -9.41 8.68 30.24
C MET A 179 -8.45 8.84 31.42
N PRO A 180 -8.85 9.53 32.51
CA PRO A 180 -8.02 9.63 33.70
C PRO A 180 -7.48 8.24 34.09
N ALA A 181 -6.26 8.21 34.61
CA ALA A 181 -5.51 6.99 34.96
C ALA A 181 -5.63 6.81 36.48
N ALA A 182 -6.30 5.74 36.91
CA ALA A 182 -6.49 5.40 38.35
C ALA A 182 -5.12 5.31 39.04
N ALA A 183 -5.00 5.81 40.25
CA ALA A 183 -3.82 5.59 41.13
C ALA A 183 -3.55 4.09 41.18
N PRO A 184 -2.32 3.65 40.85
CA PRO A 184 -2.01 2.21 40.81
C PRO A 184 -1.68 1.66 42.19
N PRO A 185 -2.03 0.39 42.51
CA PRO A 185 -1.85 -0.13 43.86
C PRO A 185 -0.37 -0.27 44.26
N GLU A 186 -0.09 -0.14 45.54
CA GLU A 186 1.23 -0.46 46.15
C GLU A 186 1.14 -1.90 46.63
N VAL A 187 1.94 -2.83 46.10
CA VAL A 187 1.91 -4.24 46.57
C VAL A 187 3.28 -4.61 47.12
N VAL A 188 3.33 -5.68 47.92
CA VAL A 188 4.56 -6.26 48.52
C VAL A 188 4.90 -7.54 47.73
N MET A 189 6.11 -7.59 47.15
CA MET A 189 6.63 -8.78 46.42
C MET A 189 6.52 -9.99 47.36
N ASP A 190 5.81 -11.04 46.93
CA ASP A 190 5.60 -12.31 47.65
C ASP A 190 6.95 -13.04 47.77
N PRO A 191 7.42 -13.39 48.99
CA PRO A 191 8.69 -14.07 49.14
C PRO A 191 8.67 -15.51 48.59
N ALA A 192 7.49 -16.09 48.38
CA ALA A 192 7.31 -17.48 47.87
C ALA A 192 7.49 -17.53 46.35
N LEU A 193 7.22 -16.44 45.61
CA LEU A 193 7.36 -16.37 44.12
C LEU A 193 8.62 -15.60 43.70
N ALA A 194 9.54 -15.32 44.63
CA ALA A 194 10.80 -14.56 44.39
C ALA A 194 11.72 -15.36 43.48
N ALA A 195 11.85 -16.68 43.73
CA ALA A 195 12.59 -17.65 42.89
C ALA A 195 11.96 -17.73 41.51
N GLN A 196 10.63 -17.83 41.44
CA GLN A 196 9.82 -17.81 40.18
C GLN A 196 10.26 -16.62 39.32
N TYR A 197 10.34 -15.42 39.89
CA TYR A 197 10.51 -14.16 39.10
C TYR A 197 11.95 -14.04 38.58
N GLU A 198 12.96 -14.47 39.32
CA GLU A 198 14.37 -14.37 38.83
C GLU A 198 14.51 -15.24 37.56
N HIS A 199 13.86 -16.41 37.52
CA HIS A 199 13.89 -17.34 36.36
C HIS A 199 13.38 -16.60 35.11
N ASP A 200 12.16 -16.12 35.27
CA ASP A 200 11.35 -15.47 34.20
C ASP A 200 12.06 -14.22 33.69
N LEU A 201 12.78 -13.51 34.58
CA LEU A 201 13.59 -12.31 34.24
C LEU A 201 14.86 -12.71 33.49
N GLU A 202 15.45 -13.86 33.87
CA GLU A 202 16.63 -14.46 33.17
C GLU A 202 16.26 -14.71 31.70
N VAL A 203 15.19 -15.47 31.45
CA VAL A 203 14.67 -15.79 30.07
C VAL A 203 14.47 -14.50 29.27
N ALA A 204 13.95 -13.45 29.91
CA ALA A 204 13.50 -12.21 29.23
C ALA A 204 14.71 -11.29 28.93
N GLN A 205 15.71 -11.25 29.80
CA GLN A 205 16.95 -10.47 29.55
C GLN A 205 17.74 -11.05 28.37
N THR A 206 17.66 -12.37 28.16
CA THR A 206 18.48 -13.15 27.19
C THR A 206 17.68 -13.45 25.90
N THR A 207 16.48 -12.90 25.77
CA THR A 207 15.71 -12.85 24.50
C THR A 207 15.75 -11.42 23.97
N ALA A 208 16.19 -11.22 22.72
CA ALA A 208 16.45 -9.87 22.15
C ALA A 208 15.11 -9.18 21.90
N LEU A 209 15.08 -7.87 22.09
CA LEU A 209 13.92 -7.03 21.68
C LEU A 209 13.89 -6.99 20.15
N PRO A 210 12.71 -7.09 19.51
CA PRO A 210 12.64 -6.97 18.05
C PRO A 210 12.96 -5.55 17.56
N ASP A 211 13.40 -5.43 16.29
CA ASP A 211 13.48 -4.16 15.50
C ASP A 211 14.42 -3.17 16.18
N GLU A 212 15.62 -3.61 16.54
CA GLU A 212 16.60 -2.79 17.29
C GLU A 212 17.14 -1.65 16.39
N ASP A 213 16.80 -1.61 15.10
CA ASP A 213 17.23 -0.53 14.16
C ASP A 213 16.15 0.55 14.00
N ASP A 214 15.01 0.43 14.68
CA ASP A 214 13.92 1.45 14.60
C ASP A 214 14.25 2.67 15.50
N ASP A 215 13.57 3.79 15.24
CA ASP A 215 13.70 5.09 15.98
C ASP A 215 13.34 4.89 17.46
N LEU A 216 12.43 3.97 17.74
CA LEU A 216 12.19 3.39 19.09
C LEU A 216 11.94 1.89 18.92
N GLU B 20 -5.11 18.17 37.14
CA GLU B 20 -4.29 16.97 37.48
C GLU B 20 -3.87 17.08 38.95
N ASP B 21 -3.79 15.95 39.66
CA ASP B 21 -3.32 15.90 41.07
C ASP B 21 -1.85 15.52 41.12
N GLU B 22 -1.13 15.63 40.00
CA GLU B 22 0.25 15.08 39.84
C GLU B 22 1.14 16.09 39.13
N GLU B 23 2.43 16.03 39.45
CA GLU B 23 3.52 16.86 38.87
C GLU B 23 4.37 15.94 37.98
N VAL B 24 4.74 16.40 36.78
CA VAL B 24 5.62 15.66 35.82
C VAL B 24 7.08 15.88 36.21
N LEU B 25 7.75 14.85 36.74
CA LEU B 25 9.17 14.89 37.18
C LEU B 25 10.10 14.67 35.98
N TYR B 26 9.69 13.79 35.06
CA TYR B 26 10.47 13.38 33.86
C TYR B 26 9.47 12.93 32.80
N LYS B 27 9.77 13.27 31.55
CA LYS B 27 8.99 12.86 30.35
C LYS B 27 9.98 12.42 29.28
N VAL B 28 9.82 11.23 28.71
CA VAL B 28 10.69 10.74 27.60
C VAL B 28 9.87 9.84 26.66
N ARG B 29 10.12 9.96 25.36
CA ARG B 29 9.56 9.09 24.29
C ARG B 29 10.18 7.71 24.46
N ALA B 30 9.34 6.68 24.41
CA ALA B 30 9.76 5.29 24.69
C ALA B 30 8.80 4.34 23.99
N LYS B 31 9.28 3.12 23.80
CA LYS B 31 8.51 1.96 23.31
C LYS B 31 8.55 0.94 24.44
N LEU B 32 7.39 0.46 24.85
CA LEU B 32 7.23 -0.54 25.94
C LEU B 32 6.83 -1.89 25.32
N PHE B 33 7.47 -2.95 25.83
CA PHE B 33 7.21 -4.36 25.52
C PHE B 33 6.89 -5.10 26.81
N ARG B 34 6.08 -6.14 26.70
CA ARG B 34 5.85 -7.13 27.77
C ARG B 34 6.32 -8.46 27.22
N PHE B 35 6.92 -9.29 28.07
CA PHE B 35 7.39 -10.64 27.67
C PHE B 35 6.20 -11.59 27.74
N ASP B 36 5.95 -12.30 26.64
CA ASP B 36 4.97 -13.40 26.56
C ASP B 36 5.76 -14.70 26.74
N ALA B 37 5.64 -15.30 27.93
CA ALA B 37 6.42 -16.49 28.36
C ALA B 37 6.03 -17.69 27.48
N ASP B 38 4.74 -17.84 27.16
CA ASP B 38 4.17 -18.90 26.27
C ASP B 38 4.87 -18.90 24.92
N ALA B 39 4.81 -17.78 24.18
CA ALA B 39 5.41 -17.59 22.84
C ALA B 39 6.90 -17.25 22.98
N LYS B 40 7.42 -17.20 24.21
CA LYS B 40 8.85 -16.91 24.52
C LYS B 40 9.33 -15.79 23.60
N GLU B 41 8.54 -14.72 23.50
CA GLU B 41 8.86 -13.55 22.64
C GLU B 41 8.37 -12.29 23.34
N TRP B 42 9.05 -11.18 23.07
CA TRP B 42 8.63 -9.82 23.45
C TRP B 42 7.49 -9.37 22.54
N LYS B 43 6.43 -8.81 23.10
CA LYS B 43 5.34 -8.19 22.33
C LYS B 43 5.25 -6.72 22.72
N GLU B 44 5.22 -5.86 21.73
CA GLU B 44 5.08 -4.40 21.94
C GLU B 44 3.74 -4.11 22.64
N ARG B 45 3.76 -3.15 23.57
CA ARG B 45 2.54 -2.74 24.32
C ARG B 45 2.13 -1.32 23.95
N GLY B 46 3.09 -0.47 23.58
CA GLY B 46 2.75 0.88 23.09
C GLY B 46 3.98 1.72 22.85
N THR B 47 3.79 2.83 22.17
CA THR B 47 4.81 3.87 21.90
C THR B 47 4.17 5.21 22.25
N GLY B 48 4.92 6.04 22.97
CA GLY B 48 4.46 7.39 23.35
C GLY B 48 5.30 7.96 24.47
N ASP B 49 4.78 8.99 25.14
CA ASP B 49 5.50 9.71 26.21
C ASP B 49 5.38 8.89 27.49
N CYS B 50 6.50 8.37 27.98
CA CYS B 50 6.62 7.79 29.33
C CYS B 50 6.79 8.94 30.32
N LYS B 51 5.92 9.01 31.33
CA LYS B 51 5.87 10.11 32.31
C LYS B 51 6.07 9.55 33.72
N PHE B 52 6.94 10.20 34.51
CA PHE B 52 7.08 9.98 35.97
C PHE B 52 6.22 11.04 36.64
N LEU B 53 5.15 10.59 37.29
CA LEU B 53 4.13 11.50 37.88
C LEU B 53 4.16 11.38 39.39
N LYS B 54 4.34 12.53 40.07
CA LYS B 54 4.36 12.60 41.54
C LYS B 54 2.99 13.09 42.01
N ASN B 55 2.30 12.24 42.78
CA ASN B 55 0.96 12.53 43.34
C ASN B 55 1.13 13.58 44.45
N LYS B 56 0.47 14.74 44.31
CA LYS B 56 0.65 15.92 45.20
C LYS B 56 0.04 15.67 46.59
N LYS B 57 -0.74 14.60 46.77
CA LYS B 57 -1.35 14.25 48.08
C LYS B 57 -0.46 13.25 48.83
N THR B 58 -0.04 12.16 48.17
CA THR B 58 0.72 11.03 48.77
C THR B 58 2.23 11.14 48.53
N ASN B 59 2.68 11.99 47.59
CA ASN B 59 4.10 12.17 47.18
C ASN B 59 4.65 10.89 46.54
N LYS B 60 3.78 9.94 46.17
CA LYS B 60 4.11 8.68 45.46
C LYS B 60 4.34 8.98 43.98
N VAL B 61 5.39 8.39 43.37
CA VAL B 61 5.74 8.57 41.93
C VAL B 61 5.38 7.29 41.16
N ARG B 62 4.62 7.44 40.09
CA ARG B 62 4.27 6.30 39.20
C ARG B 62 4.87 6.53 37.82
N ILE B 63 4.98 5.44 37.06
CA ILE B 63 5.10 5.50 35.57
C ILE B 63 3.68 5.57 35.00
N LEU B 64 3.42 6.57 34.17
CA LEU B 64 2.19 6.61 33.34
C LEU B 64 2.62 6.78 31.88
N MET B 65 2.24 5.84 31.04
CA MET B 65 2.61 5.86 29.62
C MET B 65 1.33 5.73 28.78
N ARG B 66 1.16 6.61 27.80
CA ARG B 66 -0.01 6.63 26.89
C ARG B 66 0.47 6.44 25.46
N ARG B 67 -0.33 5.76 24.65
CA ARG B 67 -0.01 5.49 23.22
C ARG B 67 -0.20 6.76 22.38
N ASP B 68 0.72 7.03 21.46
CA ASP B 68 0.50 7.99 20.36
C ASP B 68 -0.90 7.80 19.76
N LYS B 69 -1.60 8.93 19.56
CA LYS B 69 -2.83 9.09 18.73
C LYS B 69 -4.07 8.50 19.43
N THR B 70 -4.02 7.29 19.98
CA THR B 70 -5.20 6.71 20.69
C THR B 70 -5.24 7.28 22.12
N LEU B 71 -4.07 7.57 22.69
CA LEU B 71 -3.86 8.07 24.09
C LEU B 71 -4.27 7.00 25.10
N LYS B 72 -4.40 5.73 24.69
CA LYS B 72 -4.75 4.60 25.60
C LYS B 72 -3.55 4.31 26.51
N ILE B 73 -3.81 3.96 27.77
CA ILE B 73 -2.73 3.74 28.77
C ILE B 73 -2.08 2.39 28.44
N CYS B 74 -0.75 2.35 28.33
CA CYS B 74 0.01 1.09 28.13
C CYS B 74 0.87 0.78 29.37
N ALA B 75 1.08 1.73 30.29
CA ALA B 75 1.71 1.47 31.59
C ALA B 75 1.14 2.40 32.64
N ASN B 76 0.86 1.83 33.81
CA ASN B 76 0.35 2.55 35.01
C ASN B 76 0.71 1.70 36.24
N HIS B 77 1.85 1.99 36.87
CA HIS B 77 2.35 1.29 38.07
C HIS B 77 3.24 2.24 38.86
N ILE B 78 3.29 2.03 40.19
CA ILE B 78 4.23 2.68 41.14
C ILE B 78 5.64 2.23 40.79
N ILE B 79 6.60 3.14 40.82
CA ILE B 79 8.05 2.78 40.72
C ILE B 79 8.49 2.23 42.08
N ALA B 80 8.18 0.96 42.33
CA ALA B 80 8.46 0.25 43.60
C ALA B 80 9.96 0.31 43.88
N PRO B 81 10.38 0.58 45.14
CA PRO B 81 11.81 0.52 45.50
C PRO B 81 12.45 -0.85 45.23
N GLU B 82 11.66 -1.93 45.18
CA GLU B 82 12.17 -3.32 45.01
C GLU B 82 12.44 -3.64 43.53
N TYR B 83 12.10 -2.75 42.60
CA TYR B 83 12.37 -2.96 41.15
C TYR B 83 13.84 -2.67 40.84
N THR B 84 14.42 -3.49 39.97
CA THR B 84 15.79 -3.33 39.41
C THR B 84 15.67 -3.30 37.89
N LEU B 85 16.19 -2.24 37.28
CA LEU B 85 16.40 -2.10 35.80
C LEU B 85 17.61 -2.96 35.42
N LYS B 86 17.42 -3.89 34.49
CA LYS B 86 18.48 -4.80 33.99
C LYS B 86 18.66 -4.54 32.51
N PRO B 87 19.87 -4.71 31.94
CA PRO B 87 20.04 -4.60 30.50
C PRO B 87 19.35 -5.76 29.76
N ASN B 88 18.97 -5.51 28.51
CA ASN B 88 18.59 -6.55 27.51
C ASN B 88 19.82 -6.87 26.65
N VAL B 89 20.10 -8.15 26.42
CA VAL B 89 21.25 -8.64 25.60
C VAL B 89 21.26 -7.97 24.21
N GLY B 90 20.11 -7.55 23.67
CA GLY B 90 19.97 -7.03 22.30
C GLY B 90 20.28 -5.54 22.18
N SER B 91 20.25 -4.80 23.27
CA SER B 91 20.09 -3.32 23.23
C SER B 91 21.04 -2.65 24.21
N ASP B 92 21.53 -1.45 23.88
CA ASP B 92 22.29 -0.55 24.78
C ASP B 92 21.43 0.66 25.14
N ARG B 93 20.13 0.63 24.83
CA ARG B 93 19.20 1.76 25.03
C ARG B 93 17.86 1.23 25.57
N SER B 94 17.88 0.17 26.39
CA SER B 94 16.68 -0.52 26.93
C SER B 94 16.91 -0.98 28.38
N TRP B 95 15.83 -1.08 29.15
CA TRP B 95 15.85 -1.69 30.51
C TRP B 95 14.78 -2.78 30.56
N VAL B 96 15.04 -3.87 31.27
CA VAL B 96 13.96 -4.85 31.60
C VAL B 96 13.80 -4.90 33.12
N TYR B 97 12.55 -4.90 33.56
CA TYR B 97 12.22 -5.06 34.99
C TYR B 97 10.89 -5.81 35.11
N ALA B 98 10.78 -6.58 36.18
CA ALA B 98 9.53 -7.19 36.67
C ALA B 98 8.70 -6.09 37.30
N CYS B 99 7.41 -6.09 37.00
CA CYS B 99 6.39 -5.26 37.65
C CYS B 99 5.35 -6.20 38.25
N THR B 100 4.99 -6.03 39.53
CA THR B 100 4.10 -6.97 40.23
C THR B 100 2.63 -6.56 40.03
N ALA B 101 2.33 -5.27 39.79
CA ALA B 101 0.96 -4.72 39.80
C ALA B 101 0.81 -3.51 38.86
N ASP B 102 0.60 -3.77 37.57
CA ASP B 102 0.31 -2.74 36.55
C ASP B 102 -1.20 -2.78 36.25
N ILE B 103 -1.84 -1.61 36.14
CA ILE B 103 -3.32 -1.49 35.95
C ILE B 103 -3.63 -0.78 34.62
N ALA B 104 -2.75 -0.87 33.62
CA ALA B 104 -3.03 -0.34 32.27
C ALA B 104 -4.32 -0.98 31.76
N GLU B 105 -4.42 -2.31 31.77
CA GLU B 105 -5.53 -3.06 31.14
C GLU B 105 -6.61 -3.38 32.18
N GLY B 106 -6.42 -2.96 33.43
CA GLY B 106 -7.46 -2.95 34.48
C GLY B 106 -6.97 -3.60 35.75
N GLU B 107 -7.47 -4.81 36.05
CA GLU B 107 -7.03 -5.69 37.16
C GLU B 107 -5.49 -5.71 37.24
N ALA B 108 -4.93 -5.28 38.37
CA ALA B 108 -3.46 -5.24 38.64
C ALA B 108 -2.86 -6.61 38.28
N GLU B 109 -1.95 -6.64 37.30
CA GLU B 109 -1.28 -7.88 36.82
C GLU B 109 0.23 -7.70 36.93
N ALA B 110 0.95 -8.81 37.04
CA ALA B 110 2.43 -8.92 37.00
C ALA B 110 2.84 -8.98 35.53
N PHE B 111 3.89 -8.25 35.15
CA PHE B 111 4.49 -8.29 33.79
C PHE B 111 6.00 -8.25 33.94
N THR B 112 6.72 -8.90 33.03
CA THR B 112 8.11 -8.55 32.70
C THR B 112 8.06 -7.54 31.56
N PHE B 113 8.44 -6.30 31.86
CA PHE B 113 8.49 -5.15 30.94
C PHE B 113 9.90 -4.98 30.37
N ALA B 114 9.96 -4.44 29.16
CA ALA B 114 11.17 -3.84 28.56
C ALA B 114 10.75 -2.51 27.98
N ILE B 115 11.55 -1.49 28.24
CA ILE B 115 11.26 -0.13 27.72
C ILE B 115 12.50 0.29 26.93
N ARG B 116 12.30 0.78 25.72
CA ARG B 116 13.42 1.17 24.82
C ARG B 116 13.23 2.63 24.45
N PHE B 117 14.35 3.35 24.35
CA PHE B 117 14.43 4.82 24.14
C PHE B 117 15.14 5.08 22.80
N GLY B 118 15.24 6.36 22.44
CA GLY B 118 15.90 6.80 21.20
C GLY B 118 17.40 6.61 21.25
N SER B 119 18.00 6.54 22.43
CA SER B 119 19.48 6.60 22.60
C SER B 119 19.90 6.06 23.96
N LYS B 120 21.13 5.60 24.05
CA LYS B 120 21.80 5.17 25.30
C LYS B 120 21.67 6.28 26.35
N GLU B 121 21.84 7.55 25.93
CA GLU B 121 21.75 8.76 26.79
C GLU B 121 20.34 8.84 27.42
N ASN B 122 19.29 8.71 26.63
CA ASN B 122 17.89 8.74 27.13
C ASN B 122 17.71 7.60 28.12
N ALA B 123 18.27 6.43 27.83
CA ALA B 123 18.11 5.20 28.65
C ALA B 123 18.81 5.40 30.00
N ASP B 124 20.02 5.97 30.01
CA ASP B 124 20.81 6.22 31.24
C ASP B 124 20.07 7.29 32.07
N LYS B 125 19.59 8.35 31.41
CA LYS B 125 18.85 9.45 32.08
C LYS B 125 17.60 8.86 32.75
N PHE B 126 16.85 8.01 32.04
CA PHE B 126 15.68 7.26 32.55
C PHE B 126 16.06 6.48 33.82
N LYS B 127 17.19 5.75 33.80
CA LYS B 127 17.68 4.93 34.94
C LYS B 127 17.91 5.84 36.15
N GLU B 128 18.59 6.97 35.93
CA GLU B 128 18.88 8.00 36.96
C GLU B 128 17.56 8.49 37.59
N GLU B 129 16.60 8.91 36.76
CA GLU B 129 15.27 9.42 37.18
C GLU B 129 14.50 8.34 37.95
N PHE B 130 14.59 7.07 37.50
CA PHE B 130 13.85 5.90 38.07
C PHE B 130 14.38 5.63 39.48
N GLU B 131 15.69 5.80 39.66
CA GLU B 131 16.34 5.66 40.99
C GLU B 131 15.87 6.80 41.89
N LYS B 132 15.91 8.06 41.42
CA LYS B 132 15.38 9.24 42.16
C LYS B 132 13.94 8.98 42.61
N ALA B 133 13.10 8.40 41.74
CA ALA B 133 11.69 8.09 42.03
C ALA B 133 11.60 6.98 43.09
N GLN B 134 12.49 5.98 43.03
CA GLN B 134 12.54 4.87 44.02
C GLN B 134 12.83 5.47 45.41
N GLU B 135 13.76 6.43 45.49
CA GLU B 135 14.16 7.09 46.75
C GLU B 135 12.99 7.95 47.26
N ILE B 136 12.31 8.69 46.38
CA ILE B 136 11.09 9.46 46.78
C ILE B 136 10.04 8.47 47.29
N ASN B 137 9.90 7.30 46.67
CA ASN B 137 8.88 6.29 47.07
C ASN B 137 9.29 5.55 48.35
N LYS B 138 10.55 5.68 48.83
CA LYS B 138 11.01 5.00 50.07
C LYS B 138 10.50 5.79 51.30
N LYS B 139 10.48 7.13 51.23
CA LYS B 139 9.85 8.03 52.24
C LYS B 139 8.60 7.37 52.83
N SER C 3 -24.18 -30.20 21.59
CA SER C 3 -25.34 -30.74 20.80
C SER C 3 -25.47 -30.00 19.46
N MET C 4 -24.94 -28.76 19.35
CA MET C 4 -24.95 -27.95 18.10
C MET C 4 -24.40 -28.78 16.93
N GLU C 5 -23.34 -29.55 17.15
CA GLU C 5 -22.68 -30.40 16.10
C GLU C 5 -23.66 -31.43 15.53
N GLY C 6 -24.91 -31.47 16.04
CA GLY C 6 -26.02 -32.25 15.48
C GLY C 6 -26.14 -32.08 13.97
N ILE C 7 -26.15 -30.84 13.49
CA ILE C 7 -26.41 -30.49 12.05
C ILE C 7 -25.32 -31.07 11.14
N LEU C 8 -24.12 -31.33 11.66
CA LEU C 8 -23.01 -31.89 10.85
C LEU C 8 -23.24 -33.39 10.60
N ASP C 9 -24.18 -34.01 11.31
CA ASP C 9 -24.55 -35.44 11.14
C ASP C 9 -25.62 -35.58 10.06
N PHE C 10 -25.20 -35.92 8.82
CA PHE C 10 -26.07 -35.93 7.62
C PHE C 10 -26.81 -37.28 7.48
N SER C 11 -26.42 -38.31 8.26
CA SER C 11 -27.14 -39.62 8.33
C SER C 11 -28.56 -39.43 8.89
N ASN C 12 -28.77 -38.40 9.73
CA ASN C 12 -30.08 -37.98 10.30
C ASN C 12 -30.58 -36.71 9.59
N ASP C 13 -31.89 -36.64 9.33
CA ASP C 13 -32.56 -35.44 8.78
C ASP C 13 -32.16 -34.20 9.58
N LEU C 14 -32.16 -33.02 8.95
CA LEU C 14 -31.72 -31.75 9.59
C LEU C 14 -32.79 -31.26 10.56
N ASP C 15 -32.39 -30.85 11.76
CA ASP C 15 -33.26 -30.15 12.74
C ASP C 15 -33.12 -28.65 12.51
N ILE C 16 -34.14 -28.04 11.89
CA ILE C 16 -34.19 -26.61 11.50
C ILE C 16 -34.05 -25.73 12.75
N ALA C 17 -34.69 -26.13 13.85
CA ALA C 17 -34.70 -25.37 15.12
C ALA C 17 -33.29 -25.32 15.71
N LEU C 18 -32.49 -26.37 15.47
CA LEU C 18 -31.08 -26.48 15.93
C LEU C 18 -30.20 -25.55 15.08
N LEU C 19 -30.25 -25.69 13.75
CA LEU C 19 -29.58 -24.78 12.79
C LEU C 19 -29.87 -23.33 13.20
N ASP C 20 -31.15 -23.00 13.44
CA ASP C 20 -31.61 -21.62 13.83
C ASP C 20 -30.92 -21.19 15.13
N GLN C 21 -30.56 -22.14 16.00
CA GLN C 21 -29.88 -21.86 17.30
C GLN C 21 -28.41 -21.53 17.02
N VAL C 22 -27.72 -22.44 16.33
CA VAL C 22 -26.31 -22.28 15.87
C VAL C 22 -26.15 -20.88 15.24
N VAL C 23 -26.97 -20.58 14.23
CA VAL C 23 -26.94 -19.30 13.49
C VAL C 23 -27.09 -18.14 14.49
N SER C 24 -28.09 -18.19 15.36
CA SER C 24 -28.36 -17.15 16.39
C SER C 24 -27.16 -16.98 17.32
N THR C 25 -26.60 -18.10 17.79
CA THR C 25 -25.37 -18.15 18.62
C THR C 25 -24.24 -17.41 17.89
N PHE C 26 -24.06 -17.70 16.60
CA PHE C 26 -22.98 -17.07 15.79
C PHE C 26 -23.23 -15.57 15.71
N TYR C 27 -24.44 -15.16 15.30
CA TYR C 27 -24.69 -13.74 14.97
C TYR C 27 -24.83 -12.90 16.23
N GLN C 28 -25.45 -13.43 17.30
CA GLN C 28 -25.81 -12.64 18.51
C GLN C 28 -25.03 -13.11 19.76
N GLY C 29 -24.59 -14.37 19.83
CA GLY C 29 -23.74 -14.88 20.93
C GLY C 29 -22.40 -14.16 21.05
N GLU C 30 -21.54 -14.59 21.97
CA GLU C 30 -20.22 -13.94 22.27
C GLU C 30 -19.14 -14.97 22.63
N GLY C 31 -17.89 -14.50 22.59
CA GLY C 31 -16.64 -15.22 22.90
C GLY C 31 -16.65 -16.65 22.40
N VAL C 32 -16.48 -17.61 23.32
CA VAL C 32 -16.24 -19.06 23.03
C VAL C 32 -17.45 -19.64 22.30
N GLN C 33 -18.66 -19.23 22.71
CA GLN C 33 -19.97 -19.71 22.14
C GLN C 33 -20.08 -19.32 20.66
N GLN C 34 -19.92 -18.04 20.35
CA GLN C 34 -19.91 -17.50 18.96
C GLN C 34 -18.94 -18.34 18.13
N LYS C 35 -17.69 -18.45 18.59
CA LYS C 35 -16.56 -19.15 17.91
C LYS C 35 -16.97 -20.57 17.52
N GLN C 36 -17.54 -21.36 18.42
CA GLN C 36 -17.91 -22.78 18.16
C GLN C 36 -19.02 -22.85 17.10
N ALA C 37 -20.05 -22.00 17.21
CA ALA C 37 -21.14 -21.90 16.22
C ALA C 37 -20.51 -21.63 14.84
N GLN C 38 -19.54 -20.72 14.79
CA GLN C 38 -18.83 -20.26 13.56
C GLN C 38 -18.24 -21.45 12.81
N GLU C 39 -17.58 -22.36 13.53
CA GLU C 39 -16.87 -23.53 12.97
C GLU C 39 -17.91 -24.53 12.45
N ILE C 40 -18.99 -24.72 13.21
CA ILE C 40 -20.06 -25.71 12.86
C ILE C 40 -20.73 -25.23 11.58
N LEU C 41 -21.15 -23.96 11.53
CA LEU C 41 -21.79 -23.30 10.36
C LEU C 41 -20.90 -23.44 9.11
N THR C 42 -19.59 -23.26 9.27
CA THR C 42 -18.63 -23.33 8.14
C THR C 42 -18.58 -24.76 7.60
N LYS C 43 -18.49 -25.76 8.48
CA LYS C 43 -18.45 -27.18 8.06
C LYS C 43 -19.80 -27.56 7.41
N PHE C 44 -20.90 -27.06 7.95
CA PHE C 44 -22.24 -27.31 7.36
C PHE C 44 -22.25 -26.81 5.92
N GLN C 45 -21.95 -25.52 5.73
CA GLN C 45 -22.01 -24.81 4.42
C GLN C 45 -21.09 -25.49 3.40
N ASP C 46 -19.94 -26.01 3.83
CA ASP C 46 -18.91 -26.60 2.94
C ASP C 46 -19.19 -28.09 2.72
N ASN C 47 -20.15 -28.68 3.44
CA ASN C 47 -20.58 -30.06 3.17
C ASN C 47 -21.13 -30.09 1.74
N PRO C 48 -20.58 -30.93 0.84
CA PRO C 48 -20.97 -30.92 -0.58
C PRO C 48 -22.43 -31.32 -0.87
N ASP C 49 -23.13 -31.86 0.13
CA ASP C 49 -24.54 -32.29 0.00
C ASP C 49 -25.48 -31.31 0.71
N ALA C 50 -24.93 -30.32 1.41
CA ALA C 50 -25.69 -29.30 2.16
C ALA C 50 -26.76 -28.65 1.27
N TRP C 51 -26.49 -28.46 -0.03
CA TRP C 51 -27.43 -27.77 -0.97
C TRP C 51 -28.77 -28.50 -1.01
N GLU C 52 -28.77 -29.83 -0.82
CA GLU C 52 -30.01 -30.65 -0.82
C GLU C 52 -30.92 -30.22 0.34
N LYS C 53 -30.37 -29.55 1.36
CA LYS C 53 -31.12 -29.14 2.58
C LYS C 53 -31.76 -27.77 2.38
N VAL C 54 -31.39 -27.04 1.33
CA VAL C 54 -31.67 -25.58 1.22
C VAL C 54 -33.19 -25.35 1.15
N ASP C 55 -33.92 -26.14 0.36
CA ASP C 55 -35.36 -25.88 0.12
C ASP C 55 -36.13 -26.14 1.44
N GLN C 56 -35.69 -27.13 2.24
CA GLN C 56 -36.21 -27.48 3.59
C GLN C 56 -35.99 -26.28 4.53
N ILE C 57 -34.76 -25.73 4.54
CA ILE C 57 -34.38 -24.56 5.39
C ILE C 57 -35.20 -23.32 4.97
N LEU C 58 -35.33 -23.05 3.67
CA LEU C 58 -36.04 -21.84 3.18
C LEU C 58 -37.52 -21.91 3.57
N GLN C 59 -38.08 -23.13 3.64
CA GLN C 59 -39.54 -23.35 3.89
C GLN C 59 -39.84 -23.24 5.38
N PHE C 60 -39.01 -23.83 6.24
CA PHE C 60 -39.35 -24.18 7.64
C PHE C 60 -38.52 -23.38 8.65
N SER C 61 -37.46 -22.66 8.25
CA SER C 61 -36.68 -21.83 9.19
C SER C 61 -37.47 -20.56 9.51
N THR C 62 -37.40 -20.09 10.75
CA THR C 62 -37.97 -18.78 11.18
C THR C 62 -36.90 -17.70 11.03
N ASN C 63 -35.62 -18.10 11.07
CA ASN C 63 -34.43 -17.21 11.14
C ASN C 63 -34.03 -16.76 9.75
N PRO C 64 -34.10 -15.44 9.43
CA PRO C 64 -33.70 -14.94 8.12
C PRO C 64 -32.19 -15.08 7.91
N GLN C 65 -31.42 -15.24 8.98
CA GLN C 65 -29.96 -15.47 8.88
C GLN C 65 -29.70 -16.88 8.36
N SER C 66 -30.47 -17.86 8.81
CA SER C 66 -30.42 -19.25 8.31
C SER C 66 -30.71 -19.26 6.80
N LYS C 67 -31.69 -18.47 6.37
CA LYS C 67 -32.16 -18.48 4.97
C LYS C 67 -31.06 -17.87 4.09
N PHE C 68 -30.42 -16.80 4.59
CA PHE C 68 -29.28 -16.15 3.93
C PHE C 68 -28.18 -17.18 3.68
N ILE C 69 -27.78 -17.88 4.73
CA ILE C 69 -26.70 -18.91 4.66
C ILE C 69 -27.15 -20.07 3.75
N ALA C 70 -28.44 -20.41 3.74
CA ALA C 70 -28.99 -21.45 2.84
C ALA C 70 -28.76 -21.02 1.38
N LEU C 71 -29.01 -19.75 1.06
CA LEU C 71 -28.85 -19.19 -0.31
C LEU C 71 -27.36 -19.17 -0.69
N SER C 72 -26.43 -18.87 0.24
CA SER C 72 -24.96 -18.99 0.01
C SER C 72 -24.63 -20.40 -0.47
N ILE C 73 -25.13 -21.40 0.24
CA ILE C 73 -24.93 -22.83 -0.12
C ILE C 73 -25.47 -23.06 -1.54
N LEU C 74 -26.69 -22.59 -1.83
CA LEU C 74 -27.32 -22.76 -3.17
C LEU C 74 -26.43 -22.10 -4.22
N ASP C 75 -25.88 -20.92 -3.91
CA ASP C 75 -25.02 -20.13 -4.83
C ASP C 75 -23.76 -20.92 -5.21
N LYS C 76 -23.12 -21.62 -4.26
CA LYS C 76 -21.92 -22.46 -4.54
C LYS C 76 -22.29 -23.55 -5.53
N LEU C 77 -23.42 -24.23 -5.32
CA LEU C 77 -23.95 -25.24 -6.27
C LEU C 77 -24.15 -24.60 -7.65
N ILE C 78 -24.89 -23.49 -7.74
CA ILE C 78 -25.31 -22.87 -9.03
C ILE C 78 -24.07 -22.45 -9.82
N THR C 79 -23.04 -21.91 -9.15
CA THR C 79 -21.87 -21.32 -9.82
C THR C 79 -20.83 -22.40 -10.16
N ARG C 80 -20.84 -23.58 -9.52
CA ARG C 80 -19.76 -24.60 -9.65
C ARG C 80 -20.27 -25.90 -10.28
N LYS C 81 -21.46 -26.38 -9.94
CA LYS C 81 -21.86 -27.79 -10.23
C LYS C 81 -23.26 -27.87 -10.83
N TRP C 82 -23.85 -26.73 -11.16
CA TRP C 82 -25.22 -26.60 -11.72
C TRP C 82 -25.45 -27.61 -12.85
N LYS C 83 -24.47 -27.77 -13.74
CA LYS C 83 -24.67 -28.48 -15.02
C LYS C 83 -24.69 -30.00 -14.80
N LEU C 84 -24.24 -30.50 -13.64
CA LEU C 84 -24.42 -31.93 -13.23
C LEU C 84 -25.90 -32.23 -13.00
N LEU C 85 -26.72 -31.26 -12.62
CA LEU C 85 -28.12 -31.52 -12.20
C LEU C 85 -28.95 -31.89 -13.42
N PRO C 86 -29.86 -32.89 -13.34
CA PRO C 86 -30.88 -33.09 -14.37
C PRO C 86 -31.67 -31.80 -14.63
N ASN C 87 -32.23 -31.66 -15.83
CA ASN C 87 -32.99 -30.46 -16.23
C ASN C 87 -34.17 -30.28 -15.27
N ASP C 88 -34.82 -31.38 -14.90
CA ASP C 88 -36.00 -31.34 -14.00
C ASP C 88 -35.60 -30.67 -12.68
N HIS C 89 -34.41 -30.97 -12.16
CA HIS C 89 -33.97 -30.47 -10.84
C HIS C 89 -33.67 -28.97 -10.97
N ARG C 90 -33.04 -28.56 -12.07
CA ARG C 90 -32.66 -27.16 -12.36
C ARG C 90 -33.92 -26.29 -12.48
N ILE C 91 -34.95 -26.80 -13.16
CA ILE C 91 -36.28 -26.12 -13.27
C ILE C 91 -36.91 -26.05 -11.87
N GLY C 92 -36.83 -27.12 -11.06
CA GLY C 92 -37.36 -27.13 -9.68
C GLY C 92 -36.74 -26.02 -8.84
N ILE C 93 -35.42 -25.95 -8.81
CA ILE C 93 -34.67 -24.93 -8.02
C ILE C 93 -35.06 -23.53 -8.52
N ARG C 94 -34.95 -23.29 -9.82
CA ARG C 94 -35.37 -22.03 -10.50
C ARG C 94 -36.76 -21.61 -10.00
N ASN C 95 -37.75 -22.50 -10.03
CA ASN C 95 -39.16 -22.18 -9.67
C ASN C 95 -39.28 -21.88 -8.18
N PHE C 96 -38.59 -22.63 -7.33
CA PHE C 96 -38.58 -22.41 -5.86
C PHE C 96 -38.06 -20.98 -5.60
N VAL C 97 -36.94 -20.61 -6.21
CA VAL C 97 -36.29 -19.28 -6.01
C VAL C 97 -37.23 -18.15 -6.44
N VAL C 98 -37.75 -18.20 -7.67
CA VAL C 98 -38.74 -17.21 -8.20
C VAL C 98 -39.94 -17.13 -7.25
N GLY C 99 -40.52 -18.28 -6.88
CA GLY C 99 -41.64 -18.40 -5.92
C GLY C 99 -41.35 -17.73 -4.58
N MET C 100 -40.17 -17.92 -4.02
CA MET C 100 -39.77 -17.32 -2.73
C MET C 100 -39.69 -15.79 -2.90
N ILE C 101 -39.18 -15.31 -4.04
CA ILE C 101 -38.98 -13.86 -4.29
C ILE C 101 -40.36 -13.19 -4.36
N ILE C 102 -41.27 -13.75 -5.15
CA ILE C 102 -42.62 -13.17 -5.40
C ILE C 102 -43.39 -13.14 -4.08
N SER C 103 -43.33 -14.21 -3.31
CA SER C 103 -43.98 -14.37 -1.99
C SER C 103 -43.51 -13.28 -1.01
N MET C 104 -42.20 -13.07 -0.88
CA MET C 104 -41.60 -12.04 0.02
C MET C 104 -42.03 -10.64 -0.44
N CYS C 105 -42.15 -10.39 -1.74
CA CYS C 105 -42.56 -9.08 -2.32
C CYS C 105 -44.04 -8.79 -2.09
N GLN C 106 -44.88 -9.82 -2.09
CA GLN C 106 -46.36 -9.70 -1.96
C GLN C 106 -46.76 -9.42 -0.51
N ASP C 107 -45.93 -9.78 0.46
CA ASP C 107 -46.08 -9.44 1.90
C ASP C 107 -45.38 -8.10 2.18
N ASP C 108 -46.14 -7.01 2.31
CA ASP C 108 -45.64 -5.63 2.57
C ASP C 108 -44.71 -5.60 3.78
N GLU C 109 -45.02 -6.33 4.85
CA GLU C 109 -44.23 -6.38 6.11
C GLU C 109 -42.85 -6.99 5.84
N VAL C 110 -42.80 -8.12 5.11
CA VAL C 110 -41.56 -8.85 4.76
C VAL C 110 -40.73 -8.01 3.77
N PHE C 111 -41.35 -7.45 2.72
CA PHE C 111 -40.67 -6.52 1.77
C PHE C 111 -39.97 -5.38 2.54
N LYS C 112 -40.65 -4.76 3.50
CA LYS C 112 -40.11 -3.62 4.31
C LYS C 112 -38.87 -4.07 5.08
N THR C 113 -38.96 -5.20 5.80
CA THR C 113 -38.09 -5.58 6.95
C THR C 113 -37.05 -6.64 6.59
N GLN C 114 -37.13 -7.29 5.42
CA GLN C 114 -36.23 -8.43 5.07
C GLN C 114 -35.40 -8.10 3.82
N LYS C 115 -34.98 -6.86 3.64
CA LYS C 115 -34.25 -6.41 2.43
C LYS C 115 -33.01 -7.27 2.19
N ASN C 116 -32.31 -7.68 3.25
CA ASN C 116 -31.09 -8.52 3.16
C ASN C 116 -31.46 -9.81 2.42
N LEU C 117 -32.45 -10.53 2.91
CA LEU C 117 -32.83 -11.85 2.35
C LEU C 117 -33.33 -11.71 0.90
N ILE C 118 -34.11 -10.67 0.60
CA ILE C 118 -34.67 -10.41 -0.76
C ILE C 118 -33.51 -10.16 -1.74
N ASN C 119 -32.58 -9.28 -1.38
CA ASN C 119 -31.41 -8.92 -2.21
C ASN C 119 -30.57 -10.18 -2.50
N LYS C 120 -30.36 -11.02 -1.49
CA LYS C 120 -29.58 -12.27 -1.60
C LYS C 120 -30.33 -13.25 -2.51
N SER C 121 -31.66 -13.29 -2.39
CA SER C 121 -32.55 -14.11 -3.26
C SER C 121 -32.41 -13.64 -4.70
N ASP C 122 -32.43 -12.33 -4.92
CA ASP C 122 -32.30 -11.70 -6.27
C ASP C 122 -30.94 -12.07 -6.87
N LEU C 123 -29.89 -12.07 -6.07
CA LEU C 123 -28.53 -12.40 -6.54
C LEU C 123 -28.49 -13.89 -6.91
N THR C 124 -29.10 -14.77 -6.11
CA THR C 124 -29.20 -16.22 -6.41
C THR C 124 -29.90 -16.40 -7.78
N LEU C 125 -31.04 -15.73 -7.99
CA LEU C 125 -31.74 -15.76 -9.30
C LEU C 125 -30.79 -15.35 -10.44
N VAL C 126 -30.04 -14.27 -10.27
CA VAL C 126 -29.11 -13.77 -11.30
C VAL C 126 -28.05 -14.86 -11.57
N GLN C 127 -27.59 -15.56 -10.54
CA GLN C 127 -26.62 -16.66 -10.73
C GLN C 127 -27.26 -17.72 -11.63
N ILE C 128 -28.55 -18.00 -11.47
CA ILE C 128 -29.27 -19.02 -12.28
C ILE C 128 -29.40 -18.50 -13.73
N LEU C 129 -29.76 -17.22 -13.92
CA LEU C 129 -29.86 -16.58 -15.27
C LEU C 129 -28.53 -16.74 -16.01
N LYS C 130 -27.40 -16.56 -15.32
CA LYS C 130 -26.05 -16.67 -15.92
C LYS C 130 -25.87 -18.08 -16.47
N GLN C 131 -26.51 -19.09 -15.85
CA GLN C 131 -26.36 -20.51 -16.26
C GLN C 131 -27.39 -20.86 -17.35
N GLU C 132 -28.62 -20.37 -17.23
CA GLU C 132 -29.80 -20.88 -17.94
C GLU C 132 -30.27 -19.94 -19.05
N TRP C 133 -29.92 -18.65 -19.01
CA TRP C 133 -30.63 -17.60 -19.79
C TRP C 133 -29.72 -17.06 -20.88
N PRO C 134 -30.25 -16.75 -22.08
CA PRO C 134 -31.66 -17.00 -22.44
C PRO C 134 -31.98 -18.39 -23.01
N GLN C 135 -30.97 -19.12 -23.46
CA GLN C 135 -31.11 -20.41 -24.19
C GLN C 135 -32.11 -21.35 -23.50
N ASN C 136 -32.10 -21.47 -22.16
CA ASN C 136 -32.97 -22.43 -21.44
C ASN C 136 -34.06 -21.67 -20.66
N TRP C 137 -34.36 -20.41 -21.02
CA TRP C 137 -35.34 -19.58 -20.28
C TRP C 137 -35.76 -18.37 -21.12
N PRO C 138 -36.24 -18.59 -22.37
CA PRO C 138 -36.47 -17.48 -23.31
C PRO C 138 -37.51 -16.45 -22.83
N GLU C 139 -38.42 -16.85 -21.93
CA GLU C 139 -39.57 -16.02 -21.48
C GLU C 139 -39.21 -15.15 -20.26
N PHE C 140 -37.99 -15.25 -19.71
CA PHE C 140 -37.65 -14.58 -18.43
C PHE C 140 -37.97 -13.09 -18.51
N ILE C 141 -37.47 -12.40 -19.53
CA ILE C 141 -37.64 -10.93 -19.65
C ILE C 141 -39.11 -10.59 -19.89
N PRO C 142 -39.81 -11.17 -20.90
CA PRO C 142 -41.27 -10.99 -21.04
C PRO C 142 -42.05 -11.16 -19.72
N GLU C 143 -41.81 -12.24 -18.97
CA GLU C 143 -42.51 -12.53 -17.69
C GLU C 143 -42.16 -11.47 -16.63
N LEU C 144 -40.91 -11.02 -16.55
CA LEU C 144 -40.47 -9.99 -15.57
C LEU C 144 -41.21 -8.69 -15.87
N ILE C 145 -41.20 -8.29 -17.15
CA ILE C 145 -41.92 -7.08 -17.64
C ILE C 145 -43.39 -7.22 -17.25
N GLY C 146 -44.01 -8.36 -17.55
CA GLY C 146 -45.43 -8.65 -17.23
C GLY C 146 -45.70 -8.57 -15.74
N SER C 147 -44.94 -9.28 -14.90
CA SER C 147 -45.14 -9.38 -13.44
C SER C 147 -44.96 -8.00 -12.77
N SER C 148 -44.36 -7.04 -13.48
CA SER C 148 -44.00 -5.71 -12.92
C SER C 148 -45.26 -4.85 -12.76
N SER C 149 -46.28 -5.00 -13.60
CA SER C 149 -47.55 -4.23 -13.51
C SER C 149 -48.42 -4.74 -12.35
N SER C 150 -48.23 -6.00 -11.93
CA SER C 150 -49.11 -6.70 -10.95
C SER C 150 -48.95 -6.10 -9.54
N SER C 151 -47.83 -5.42 -9.24
CA SER C 151 -47.48 -4.95 -7.89
C SER C 151 -46.32 -3.95 -7.95
N VAL C 152 -46.35 -2.91 -7.10
CA VAL C 152 -45.25 -1.91 -6.96
C VAL C 152 -44.04 -2.57 -6.29
N ASN C 153 -44.25 -3.51 -5.36
CA ASN C 153 -43.15 -4.22 -4.66
C ASN C 153 -42.40 -5.12 -5.66
N VAL C 154 -43.13 -5.82 -6.53
CA VAL C 154 -42.54 -6.79 -7.50
C VAL C 154 -41.77 -5.99 -8.55
N CYS C 155 -42.37 -4.92 -9.06
CA CYS C 155 -41.77 -3.98 -10.03
C CYS C 155 -40.44 -3.45 -9.47
N GLU C 156 -40.44 -3.00 -8.22
CA GLU C 156 -39.26 -2.45 -7.51
C GLU C 156 -38.18 -3.53 -7.39
N ASN C 157 -38.58 -4.74 -6.99
CA ASN C 157 -37.64 -5.88 -6.84
C ASN C 157 -37.11 -6.30 -8.23
N ASN C 158 -37.94 -6.21 -9.27
CA ASN C 158 -37.51 -6.52 -10.67
C ASN C 158 -36.45 -5.50 -11.13
N MET C 159 -36.48 -4.26 -10.63
CA MET C 159 -35.43 -3.27 -10.94
C MET C 159 -34.12 -3.70 -10.28
N ILE C 160 -34.15 -4.27 -9.09
CA ILE C 160 -32.95 -4.78 -8.39
C ILE C 160 -32.37 -5.97 -9.18
N VAL C 161 -33.22 -6.85 -9.69
CA VAL C 161 -32.79 -8.06 -10.45
C VAL C 161 -32.10 -7.59 -11.72
N LEU C 162 -32.68 -6.62 -12.43
CA LEU C 162 -32.10 -6.11 -13.71
C LEU C 162 -30.79 -5.36 -13.45
N LYS C 163 -30.70 -4.65 -12.33
CA LYS C 163 -29.44 -3.97 -11.91
C LYS C 163 -28.33 -5.02 -11.72
N LEU C 164 -28.59 -6.05 -10.92
CA LEU C 164 -27.62 -7.13 -10.62
C LEU C 164 -27.26 -7.86 -11.92
N LEU C 165 -28.22 -8.11 -12.80
CA LEU C 165 -27.97 -8.81 -14.08
C LEU C 165 -26.99 -7.98 -14.91
N SER C 166 -27.23 -6.68 -15.08
CA SER C 166 -26.37 -5.75 -15.83
C SER C 166 -24.94 -5.70 -15.24
N GLU C 167 -24.80 -5.61 -13.93
CA GLU C 167 -23.48 -5.63 -13.24
C GLU C 167 -22.75 -6.94 -13.57
N GLU C 168 -23.44 -8.07 -13.47
CA GLU C 168 -22.79 -9.40 -13.60
C GLU C 168 -22.35 -9.58 -15.07
N VAL C 169 -23.11 -9.08 -16.03
CA VAL C 169 -22.86 -9.27 -17.49
C VAL C 169 -21.85 -8.24 -18.00
N PHE C 170 -21.94 -6.97 -17.60
CA PHE C 170 -21.11 -5.89 -18.20
C PHE C 170 -20.03 -5.39 -17.23
N ASP C 171 -20.21 -5.44 -15.91
CA ASP C 171 -19.23 -4.78 -14.99
C ASP C 171 -18.25 -5.80 -14.40
N PHE C 172 -18.65 -7.05 -14.17
CA PHE C 172 -17.83 -8.02 -13.39
C PHE C 172 -17.62 -9.31 -14.20
N SER C 173 -17.99 -9.34 -15.47
CA SER C 173 -17.88 -10.54 -16.33
C SER C 173 -16.40 -10.82 -16.66
N ALA C 174 -15.60 -9.76 -16.83
CA ALA C 174 -14.21 -9.82 -17.35
C ALA C 174 -13.45 -10.97 -16.68
N GLU C 175 -13.49 -11.07 -15.35
CA GLU C 175 -12.63 -12.05 -14.64
C GLU C 175 -13.42 -13.33 -14.37
N GLN C 176 -14.74 -13.34 -14.52
CA GLN C 176 -15.62 -14.38 -13.91
C GLN C 176 -16.18 -15.34 -14.97
N MET C 177 -16.10 -14.98 -16.25
CA MET C 177 -16.69 -15.78 -17.37
C MET C 177 -15.66 -15.95 -18.47
N THR C 178 -15.83 -16.96 -19.30
CA THR C 178 -15.06 -17.04 -20.56
C THR C 178 -15.47 -15.86 -21.45
N GLN C 179 -14.58 -15.46 -22.33
CA GLN C 179 -14.85 -14.45 -23.40
C GLN C 179 -16.13 -14.82 -24.17
N ALA C 180 -16.28 -16.07 -24.61
CA ALA C 180 -17.46 -16.53 -25.38
C ALA C 180 -18.73 -16.32 -24.54
N LYS C 181 -18.69 -16.66 -23.25
CA LYS C 181 -19.93 -16.66 -22.43
C LYS C 181 -20.32 -15.20 -22.15
N ALA C 182 -19.34 -14.35 -21.87
CA ALA C 182 -19.51 -12.90 -21.64
C ALA C 182 -20.18 -12.28 -22.88
N LEU C 183 -19.66 -12.56 -24.07
CA LEU C 183 -20.20 -12.02 -25.33
C LEU C 183 -21.64 -12.52 -25.52
N HIS C 184 -21.89 -13.81 -25.29
CA HIS C 184 -23.26 -14.40 -25.35
C HIS C 184 -24.22 -13.61 -24.44
N LEU C 185 -23.88 -13.42 -23.17
CA LEU C 185 -24.81 -12.74 -22.23
C LEU C 185 -24.96 -11.26 -22.61
N LYS C 186 -23.89 -10.59 -23.06
CA LYS C 186 -23.93 -9.17 -23.49
C LYS C 186 -24.88 -9.02 -24.67
N ASN C 187 -24.74 -9.84 -25.71
CA ASN C 187 -25.63 -9.81 -26.91
C ASN C 187 -27.06 -10.10 -26.46
N SER C 188 -27.23 -11.02 -25.52
CA SER C 188 -28.59 -11.42 -25.07
C SER C 188 -29.23 -10.20 -24.40
N MET C 189 -28.52 -9.51 -23.52
CA MET C 189 -29.12 -8.36 -22.79
C MET C 189 -29.37 -7.23 -23.79
N SER C 190 -28.42 -7.03 -24.72
CA SER C 190 -28.53 -6.05 -25.83
C SER C 190 -29.80 -6.31 -26.66
N LYS C 191 -30.04 -7.56 -27.09
CA LYS C 191 -31.24 -7.96 -27.89
C LYS C 191 -32.54 -7.55 -27.18
N GLU C 192 -32.64 -7.71 -25.86
CA GLU C 192 -33.93 -7.54 -25.14
C GLU C 192 -33.98 -6.18 -24.42
N PHE C 193 -32.99 -5.32 -24.61
CA PHE C 193 -32.91 -4.06 -23.83
C PHE C 193 -34.09 -3.14 -24.18
N GLU C 194 -34.49 -3.11 -25.45
CA GLU C 194 -35.55 -2.19 -25.93
C GLU C 194 -36.76 -2.37 -25.01
N GLN C 195 -37.09 -3.61 -24.67
CA GLN C 195 -38.29 -3.89 -23.84
C GLN C 195 -37.97 -3.48 -22.39
N ILE C 196 -36.75 -3.71 -21.92
CA ILE C 196 -36.39 -3.33 -20.52
C ILE C 196 -36.49 -1.81 -20.41
N PHE C 197 -36.03 -1.07 -21.41
CA PHE C 197 -35.99 0.41 -21.38
C PHE C 197 -37.43 0.95 -21.33
N LYS C 198 -38.28 0.49 -22.25
CA LYS C 198 -39.73 0.78 -22.25
C LYS C 198 -40.27 0.69 -20.82
N LEU C 199 -39.96 -0.37 -20.07
CA LEU C 199 -40.45 -0.55 -18.66
C LEU C 199 -39.87 0.55 -17.76
N CYS C 200 -38.56 0.76 -17.81
N CYS C 200 -38.54 0.72 -17.80
CA CYS C 200 -37.84 1.73 -16.95
CA CYS C 200 -37.74 1.73 -17.05
C CYS C 200 -38.37 3.14 -17.24
C CYS C 200 -38.36 3.11 -17.26
N PHE C 201 -38.56 3.49 -18.53
CA PHE C 201 -39.09 4.80 -18.96
C PHE C 201 -40.51 5.03 -18.41
N GLN C 202 -41.39 4.05 -18.55
CA GLN C 202 -42.78 4.13 -18.05
C GLN C 202 -42.78 4.41 -16.55
N VAL C 203 -42.03 3.62 -15.76
CA VAL C 203 -41.95 3.80 -14.29
C VAL C 203 -41.46 5.23 -14.01
N LEU C 204 -40.43 5.68 -14.70
CA LEU C 204 -39.86 7.03 -14.47
C LEU C 204 -40.89 8.11 -14.86
N GLU C 205 -41.68 7.89 -15.91
CA GLU C 205 -42.73 8.86 -16.36
C GLU C 205 -43.91 8.86 -15.39
N GLN C 206 -44.43 7.68 -15.04
CA GLN C 206 -45.73 7.45 -14.34
C GLN C 206 -45.57 7.66 -12.82
N GLY C 207 -44.32 7.71 -12.34
CA GLY C 207 -43.93 8.30 -11.06
C GLY C 207 -44.56 7.65 -9.85
N SER C 208 -44.42 8.29 -8.68
CA SER C 208 -45.25 8.14 -7.45
C SER C 208 -44.40 7.57 -6.31
N SER C 209 -44.13 6.27 -6.29
CA SER C 209 -43.37 5.58 -5.21
C SER C 209 -41.87 5.93 -5.34
N SER C 210 -41.32 6.65 -4.36
CA SER C 210 -39.92 7.11 -4.35
C SER C 210 -38.98 5.89 -4.36
N SER C 211 -39.29 4.87 -3.55
CA SER C 211 -38.49 3.63 -3.43
C SER C 211 -38.45 2.93 -4.79
N LEU C 212 -39.57 2.90 -5.54
CA LEU C 212 -39.60 2.34 -6.91
C LEU C 212 -38.77 3.20 -7.87
N ILE C 213 -38.92 4.52 -7.79
CA ILE C 213 -38.20 5.50 -8.66
C ILE C 213 -36.70 5.32 -8.41
N VAL C 214 -36.28 5.30 -7.16
CA VAL C 214 -34.85 5.15 -6.76
C VAL C 214 -34.30 3.82 -7.31
N ALA C 215 -34.99 2.69 -7.13
CA ALA C 215 -34.51 1.37 -7.66
C ALA C 215 -34.34 1.45 -9.19
N THR C 216 -35.29 2.06 -9.90
CA THR C 216 -35.24 2.22 -11.38
C THR C 216 -34.03 3.07 -11.78
N LEU C 217 -33.78 4.18 -11.07
CA LEU C 217 -32.62 5.04 -11.38
C LEU C 217 -31.33 4.30 -11.04
N GLU C 218 -31.32 3.49 -9.98
CA GLU C 218 -30.14 2.64 -9.63
C GLU C 218 -29.83 1.71 -10.81
N SER C 219 -30.85 1.11 -11.45
CA SER C 219 -30.64 0.18 -12.58
C SER C 219 -30.17 1.00 -13.80
N LEU C 220 -30.74 2.18 -14.02
CA LEU C 220 -30.33 3.08 -15.12
C LEU C 220 -28.83 3.43 -15.02
N LEU C 221 -28.31 3.70 -13.81
CA LEU C 221 -26.87 4.00 -13.62
C LEU C 221 -26.03 2.87 -14.22
N ARG C 222 -26.42 1.61 -13.98
CA ARG C 222 -25.70 0.43 -14.52
C ARG C 222 -25.86 0.39 -16.05
N TYR C 223 -27.08 0.63 -16.58
CA TYR C 223 -27.34 0.56 -18.05
C TYR C 223 -26.45 1.56 -18.77
N LEU C 224 -26.22 2.72 -18.15
CA LEU C 224 -25.48 3.83 -18.77
C LEU C 224 -24.02 3.43 -19.04
N HIS C 225 -23.48 2.39 -18.36
CA HIS C 225 -22.12 1.87 -18.63
C HIS C 225 -22.03 1.28 -20.04
N TRP C 226 -23.13 0.82 -20.65
CA TRP C 226 -23.04 0.08 -21.93
C TRP C 226 -24.07 0.49 -22.98
N ILE C 227 -25.22 1.09 -22.66
CA ILE C 227 -26.29 1.30 -23.68
C ILE C 227 -25.89 2.42 -24.65
N PRO C 228 -26.43 2.37 -25.89
CA PRO C 228 -26.20 3.42 -26.88
C PRO C 228 -26.87 4.74 -26.43
N TYR C 229 -26.26 5.86 -26.82
CA TYR C 229 -26.67 7.24 -26.41
C TYR C 229 -28.13 7.52 -26.78
N ARG C 230 -28.64 6.90 -27.85
CA ARG C 230 -30.00 7.28 -28.36
C ARG C 230 -31.09 7.01 -27.31
N TYR C 231 -30.95 6.06 -26.41
CA TYR C 231 -31.96 5.82 -25.35
C TYR C 231 -32.05 7.03 -24.41
N ILE C 232 -31.01 7.84 -24.37
CA ILE C 232 -30.91 9.02 -23.45
C ILE C 232 -31.33 10.28 -24.20
N TYR C 233 -30.77 10.49 -25.39
CA TYR C 233 -30.89 11.74 -26.17
C TYR C 233 -32.14 11.76 -27.07
N GLU C 234 -32.73 10.61 -27.41
CA GLU C 234 -33.87 10.55 -28.37
C GLU C 234 -35.18 10.18 -27.64
N THR C 235 -35.19 10.29 -26.32
CA THR C 235 -36.39 10.11 -25.47
C THR C 235 -36.48 11.32 -24.53
N ASN C 236 -37.50 11.37 -23.69
CA ASN C 236 -37.71 12.47 -22.72
C ASN C 236 -36.73 12.32 -21.54
N ILE C 237 -35.95 11.25 -21.46
CA ILE C 237 -35.28 10.86 -20.18
C ILE C 237 -34.27 11.93 -19.73
N LEU C 238 -33.50 12.57 -20.63
CA LEU C 238 -32.56 13.63 -20.19
C LEU C 238 -33.30 14.73 -19.41
N GLU C 239 -34.45 15.15 -19.93
CA GLU C 239 -35.27 16.22 -19.32
C GLU C 239 -35.73 15.77 -17.94
N LEU C 240 -36.17 14.52 -17.78
CA LEU C 240 -36.66 14.00 -16.47
C LEU C 240 -35.54 14.02 -15.44
N LEU C 241 -34.37 13.48 -15.82
CA LEU C 241 -33.20 13.39 -14.91
C LEU C 241 -32.82 14.81 -14.46
N SER C 242 -32.70 15.76 -15.40
CA SER C 242 -32.12 17.10 -15.15
C SER C 242 -33.14 18.08 -14.55
N THR C 243 -34.42 17.73 -14.42
CA THR C 243 -35.46 18.61 -13.81
C THR C 243 -36.12 17.91 -12.62
N LYS C 244 -37.17 17.13 -12.90
CA LYS C 244 -38.00 16.39 -11.91
C LYS C 244 -37.11 15.71 -10.85
N PHE C 245 -36.18 14.85 -11.25
CA PHE C 245 -35.47 13.97 -10.30
C PHE C 245 -34.38 14.73 -9.52
N MET C 246 -33.96 15.92 -9.98
CA MET C 246 -33.00 16.76 -9.21
C MET C 246 -33.73 17.55 -8.12
N THR C 247 -35.05 17.73 -8.22
CA THR C 247 -35.86 18.56 -7.29
C THR C 247 -36.09 17.83 -5.96
N SER C 248 -36.31 16.52 -5.97
CA SER C 248 -36.58 15.76 -4.72
C SER C 248 -35.30 15.11 -4.23
N PRO C 249 -35.00 15.17 -2.92
CA PRO C 249 -33.74 14.65 -2.37
C PRO C 249 -33.58 13.13 -2.35
N ASP C 250 -34.68 12.38 -2.29
CA ASP C 250 -34.68 10.90 -2.41
C ASP C 250 -34.03 10.47 -3.74
N THR C 251 -34.34 11.15 -4.85
CA THR C 251 -33.88 10.77 -6.21
C THR C 251 -32.62 11.54 -6.61
N ARG C 252 -32.23 12.57 -5.85
CA ARG C 252 -31.23 13.58 -6.26
C ARG C 252 -29.84 12.95 -6.37
N ALA C 253 -29.43 12.17 -5.37
CA ALA C 253 -28.07 11.58 -5.31
C ALA C 253 -27.85 10.61 -6.49
N ILE C 254 -28.81 9.71 -6.73
CA ILE C 254 -28.71 8.68 -7.80
C ILE C 254 -28.78 9.41 -9.18
N THR C 255 -29.62 10.44 -9.29
CA THR C 255 -29.83 11.19 -10.56
C THR C 255 -28.52 11.86 -10.96
N LEU C 256 -27.87 12.50 -10.00
CA LEU C 256 -26.57 13.16 -10.20
C LEU C 256 -25.53 12.14 -10.70
N LYS C 257 -25.48 10.94 -10.11
CA LYS C 257 -24.56 9.86 -10.57
C LYS C 257 -24.94 9.41 -11.98
N CYS C 258 -26.24 9.32 -12.31
CA CYS C 258 -26.73 8.99 -13.68
C CYS C 258 -26.22 10.05 -14.66
N LEU C 259 -26.33 11.33 -14.29
CA LEU C 259 -25.99 12.45 -15.19
C LEU C 259 -24.48 12.51 -15.39
N THR C 260 -23.72 12.11 -14.39
CA THR C 260 -22.26 11.97 -14.52
C THR C 260 -21.95 10.92 -15.59
N GLU C 261 -22.63 9.77 -15.56
CA GLU C 261 -22.37 8.70 -16.57
C GLU C 261 -22.95 9.16 -17.91
N VAL C 262 -24.05 9.92 -17.92
CA VAL C 262 -24.61 10.50 -19.19
C VAL C 262 -23.52 11.33 -19.84
N SER C 263 -22.80 12.10 -19.04
CA SER C 263 -21.69 12.97 -19.48
C SER C 263 -20.56 12.13 -20.10
N ASN C 264 -20.44 10.84 -19.77
CA ASN C 264 -19.39 9.92 -20.29
C ASN C 264 -19.86 9.09 -21.51
N LEU C 265 -21.09 9.25 -22.01
CA LEU C 265 -21.63 8.42 -23.11
C LEU C 265 -20.81 8.70 -24.38
N LYS C 266 -20.67 7.67 -25.22
CA LYS C 266 -20.12 7.81 -26.60
C LYS C 266 -21.18 8.54 -27.41
N ILE C 267 -20.86 9.72 -27.93
CA ILE C 267 -21.86 10.68 -28.52
C ILE C 267 -21.29 11.21 -29.84
N PRO C 268 -22.13 11.36 -30.90
CA PRO C 268 -21.70 12.03 -32.14
C PRO C 268 -21.16 13.45 -31.89
N GLN C 269 -20.07 13.83 -32.57
CA GLN C 269 -19.24 15.05 -32.29
C GLN C 269 -19.65 16.26 -33.15
N ASP C 270 -20.48 16.05 -34.17
CA ASP C 270 -20.64 16.98 -35.33
C ASP C 270 -22.13 17.29 -35.52
N ASN C 271 -22.90 17.36 -34.43
CA ASN C 271 -24.38 17.42 -34.46
C ASN C 271 -24.88 18.50 -33.51
N ASP C 272 -25.41 19.60 -34.06
CA ASP C 272 -25.87 20.79 -33.30
C ASP C 272 -27.03 20.45 -32.35
N LEU C 273 -27.94 19.55 -32.72
CA LEU C 273 -29.09 19.22 -31.84
C LEU C 273 -28.55 18.55 -30.57
N ILE C 274 -27.59 17.64 -30.72
CA ILE C 274 -26.99 16.92 -29.58
C ILE C 274 -26.22 17.91 -28.70
N LYS C 275 -25.43 18.79 -29.30
CA LYS C 275 -24.69 19.83 -28.56
C LYS C 275 -25.67 20.65 -27.72
N ARG C 276 -26.80 21.04 -28.29
CA ARG C 276 -27.83 21.84 -27.57
C ARG C 276 -28.43 21.00 -26.43
N GLN C 277 -28.67 19.71 -26.65
CA GLN C 277 -29.26 18.86 -25.60
C GLN C 277 -28.28 18.68 -24.43
N THR C 278 -26.99 18.65 -24.74
CA THR C 278 -25.87 18.46 -23.77
C THR C 278 -25.77 19.72 -22.91
N VAL C 279 -25.88 20.89 -23.53
CA VAL C 279 -25.96 22.20 -22.83
C VAL C 279 -27.21 22.23 -21.93
N LEU C 280 -28.37 21.83 -22.46
CA LEU C 280 -29.68 21.98 -21.78
C LEU C 280 -29.70 21.15 -20.48
N PHE C 281 -29.22 19.91 -20.47
CA PHE C 281 -29.33 19.09 -19.24
C PHE C 281 -28.41 19.69 -18.17
N PHE C 282 -27.30 20.29 -18.56
CA PHE C 282 -26.35 20.94 -17.63
C PHE C 282 -27.04 22.15 -17.02
N GLN C 283 -27.61 23.01 -17.86
CA GLN C 283 -28.35 24.22 -17.44
C GLN C 283 -29.47 23.84 -16.46
N ASN C 284 -30.29 22.84 -16.82
CA ASN C 284 -31.41 22.36 -15.98
C ASN C 284 -30.88 21.83 -14.64
N THR C 285 -29.80 21.05 -14.64
CA THR C 285 -29.26 20.46 -13.40
C THR C 285 -28.79 21.59 -12.45
N LEU C 286 -28.04 22.55 -12.96
CA LEU C 286 -27.45 23.67 -12.18
C LEU C 286 -28.59 24.58 -11.70
N GLN C 287 -29.64 24.77 -12.51
CA GLN C 287 -30.79 25.60 -12.09
C GLN C 287 -31.50 24.89 -10.91
N GLN C 288 -31.69 23.57 -10.97
CA GLN C 288 -32.33 22.83 -9.86
C GLN C 288 -31.46 22.90 -8.62
N ILE C 289 -30.14 22.82 -8.74
CA ILE C 289 -29.20 22.94 -7.57
C ILE C 289 -29.41 24.31 -6.93
N ALA C 290 -29.35 25.37 -7.73
CA ALA C 290 -29.36 26.78 -7.25
C ALA C 290 -30.70 27.12 -6.59
N THR C 291 -31.81 26.53 -7.04
CA THR C 291 -33.17 26.83 -6.53
C THR C 291 -33.60 25.85 -5.43
N SER C 292 -33.20 24.58 -5.47
CA SER C 292 -33.70 23.53 -4.53
C SER C 292 -32.66 23.18 -3.46
N VAL C 293 -31.36 23.39 -3.70
CA VAL C 293 -30.32 22.88 -2.76
C VAL C 293 -29.54 24.03 -2.12
N MET C 294 -28.75 24.77 -2.90
CA MET C 294 -28.02 25.93 -2.36
C MET C 294 -27.59 26.84 -3.50
N PRO C 295 -27.61 28.16 -3.28
CA PRO C 295 -27.12 29.12 -4.26
C PRO C 295 -25.59 29.06 -4.42
N VAL C 296 -25.12 29.69 -5.49
CA VAL C 296 -23.69 29.65 -5.93
C VAL C 296 -22.82 30.23 -4.81
N THR C 297 -23.35 31.16 -4.03
CA THR C 297 -22.61 31.86 -2.95
C THR C 297 -22.47 30.98 -1.70
N ALA C 298 -23.20 29.88 -1.57
CA ALA C 298 -23.28 29.10 -0.31
C ALA C 298 -21.88 28.67 0.16
N ASP C 299 -21.69 28.66 1.49
CA ASP C 299 -20.45 28.20 2.17
C ASP C 299 -20.48 26.67 2.28
N LEU C 300 -19.94 25.98 1.29
CA LEU C 300 -20.02 24.50 1.22
C LEU C 300 -19.00 23.90 2.21
N LYS C 301 -17.94 24.64 2.52
CA LYS C 301 -16.97 24.25 3.56
C LYS C 301 -17.72 24.02 4.88
N ALA C 302 -18.52 25.01 5.30
CA ALA C 302 -19.38 24.96 6.50
C ALA C 302 -20.39 23.81 6.36
N THR C 303 -21.11 23.70 5.25
CA THR C 303 -22.14 22.65 5.07
C THR C 303 -21.46 21.28 5.22
N TYR C 304 -20.41 21.06 4.48
CA TYR C 304 -19.73 19.74 4.47
C TYR C 304 -19.30 19.40 5.90
N ALA C 305 -18.65 20.35 6.57
CA ALA C 305 -18.12 20.18 7.94
C ALA C 305 -19.25 19.70 8.84
N ASN C 306 -20.43 20.32 8.74
CA ASN C 306 -21.59 20.12 9.65
C ASN C 306 -22.14 18.71 9.45
N ALA C 307 -21.92 18.16 8.24
CA ALA C 307 -22.11 16.72 7.95
C ALA C 307 -23.56 16.29 8.16
N ASN C 308 -24.55 17.16 7.89
CA ASN C 308 -25.99 16.83 8.10
C ASN C 308 -26.43 15.82 7.05
N GLY C 309 -27.20 14.80 7.47
CA GLY C 309 -27.74 13.73 6.60
C GLY C 309 -26.73 13.31 5.54
N ASN C 310 -27.12 13.35 4.26
CA ASN C 310 -26.33 12.82 3.11
C ASN C 310 -25.60 13.96 2.39
N ASP C 311 -25.44 15.10 3.05
CA ASP C 311 -24.83 16.33 2.47
C ASP C 311 -23.44 15.99 1.93
N GLN C 312 -22.62 15.23 2.68
CA GLN C 312 -21.21 14.99 2.29
C GLN C 312 -21.19 14.26 0.95
N SER C 313 -21.96 13.16 0.81
CA SER C 313 -22.05 12.36 -0.44
C SER C 313 -22.59 13.19 -1.59
N PHE C 314 -23.62 13.98 -1.35
CA PHE C 314 -24.24 14.87 -2.36
C PHE C 314 -23.16 15.82 -2.91
N LEU C 315 -22.38 16.44 -2.03
CA LEU C 315 -21.36 17.43 -2.46
C LEU C 315 -20.20 16.73 -3.19
N GLN C 316 -19.77 15.56 -2.73
CA GLN C 316 -18.79 14.70 -3.48
C GLN C 316 -19.35 14.41 -4.88
N ASP C 317 -20.62 14.00 -4.97
CA ASP C 317 -21.26 13.67 -6.26
C ASP C 317 -21.37 14.92 -7.14
N LEU C 318 -21.66 16.09 -6.57
CA LEU C 318 -21.74 17.34 -7.37
C LEU C 318 -20.37 17.65 -7.97
N ALA C 319 -19.30 17.52 -7.17
CA ALA C 319 -17.91 17.70 -7.61
C ALA C 319 -17.61 16.75 -8.76
N MET C 320 -18.02 15.48 -8.63
CA MET C 320 -17.75 14.46 -9.66
C MET C 320 -18.50 14.85 -10.94
N PHE C 321 -19.75 15.33 -10.81
CA PHE C 321 -20.59 15.70 -11.98
C PHE C 321 -20.00 16.94 -12.68
N LEU C 322 -19.76 18.02 -11.94
CA LEU C 322 -19.22 19.25 -12.56
C LEU C 322 -17.88 18.98 -13.25
N THR C 323 -16.92 18.33 -12.58
CA THR C 323 -15.57 18.09 -13.14
C THR C 323 -15.68 17.21 -14.39
N THR C 324 -16.50 16.16 -14.35
CA THR C 324 -16.67 15.22 -15.50
C THR C 324 -17.28 15.96 -16.68
N TYR C 325 -18.36 16.69 -16.44
CA TYR C 325 -19.09 17.39 -17.53
C TYR C 325 -18.18 18.48 -18.12
N LEU C 326 -17.57 19.32 -17.29
CA LEU C 326 -16.78 20.49 -17.78
C LEU C 326 -15.50 20.02 -18.46
N ALA C 327 -14.87 18.93 -17.99
CA ALA C 327 -13.63 18.41 -18.61
C ALA C 327 -13.94 17.99 -20.05
N ARG C 328 -15.15 17.55 -20.31
CA ARG C 328 -15.55 17.12 -21.66
C ARG C 328 -16.21 18.25 -22.45
N ASN C 329 -16.99 19.15 -21.82
CA ASN C 329 -18.00 19.96 -22.54
C ASN C 329 -17.82 21.47 -22.36
N ARG C 330 -16.80 21.94 -21.66
CA ARG C 330 -16.84 23.39 -21.33
C ARG C 330 -16.71 24.21 -22.63
N ALA C 331 -16.08 23.70 -23.69
CA ALA C 331 -15.98 24.41 -24.99
C ALA C 331 -17.40 24.67 -25.54
N LEU C 332 -18.38 23.80 -25.28
CA LEU C 332 -19.80 24.07 -25.65
C LEU C 332 -20.30 25.37 -25.01
N LEU C 333 -19.79 25.74 -23.83
CA LEU C 333 -20.34 26.89 -23.06
C LEU C 333 -19.54 28.17 -23.32
N GLU C 334 -18.39 28.10 -23.99
CA GLU C 334 -17.36 29.18 -23.94
C GLU C 334 -17.59 30.29 -24.99
N SER C 335 -18.15 30.01 -26.17
CA SER C 335 -18.17 31.00 -27.28
C SER C 335 -19.55 31.66 -27.43
N ASP C 336 -20.54 31.30 -26.61
CA ASP C 336 -21.92 31.85 -26.68
C ASP C 336 -22.16 32.76 -25.46
N GLU C 337 -22.49 34.03 -25.70
CA GLU C 337 -22.63 35.09 -24.66
C GLU C 337 -23.69 34.64 -23.65
N SER C 338 -24.73 33.97 -24.13
CA SER C 338 -25.90 33.57 -23.30
C SER C 338 -25.57 32.38 -22.41
N LEU C 339 -24.44 31.69 -22.62
CA LEU C 339 -24.02 30.54 -21.76
C LEU C 339 -22.87 30.93 -20.83
N ARG C 340 -22.45 32.20 -20.84
CA ARG C 340 -21.29 32.65 -20.03
C ARG C 340 -21.62 32.51 -18.54
N GLU C 341 -22.79 32.97 -18.11
CA GLU C 341 -23.23 32.88 -16.69
C GLU C 341 -23.29 31.41 -16.25
N LEU C 342 -23.84 30.52 -17.06
CA LEU C 342 -23.88 29.08 -16.74
C LEU C 342 -22.45 28.56 -16.54
N LEU C 343 -21.55 28.89 -17.46
CA LEU C 343 -20.13 28.45 -17.38
C LEU C 343 -19.49 28.95 -16.07
N LEU C 344 -19.67 30.22 -15.73
CA LEU C 344 -18.93 30.78 -14.58
C LEU C 344 -19.55 30.32 -13.26
N ASN C 345 -20.87 30.16 -13.22
CA ASN C 345 -21.58 29.62 -12.02
C ASN C 345 -21.13 28.19 -11.77
N ALA C 346 -21.01 27.36 -12.79
CA ALA C 346 -20.57 25.96 -12.61
C ALA C 346 -19.15 25.95 -12.01
N HIS C 347 -18.26 26.79 -12.54
CA HIS C 347 -16.88 26.97 -12.00
C HIS C 347 -16.93 27.55 -10.59
N GLN C 348 -17.86 28.47 -10.28
CA GLN C 348 -17.98 29.09 -8.94
C GLN C 348 -18.36 27.99 -7.94
N TYR C 349 -19.25 27.07 -8.31
CA TYR C 349 -19.60 25.91 -7.45
C TYR C 349 -18.32 25.11 -7.17
N LEU C 350 -17.48 24.93 -8.19
CA LEU C 350 -16.22 24.17 -8.04
C LEU C 350 -15.24 24.89 -7.13
N ILE C 351 -15.16 26.23 -7.20
CA ILE C 351 -14.33 27.02 -6.26
C ILE C 351 -14.86 26.77 -4.83
N GLN C 352 -16.17 26.84 -4.61
CA GLN C 352 -16.73 26.61 -3.25
C GLN C 352 -16.46 25.17 -2.81
N LEU C 353 -16.52 24.19 -3.71
CA LEU C 353 -16.28 22.77 -3.33
C LEU C 353 -14.80 22.58 -2.97
N SER C 354 -13.92 23.35 -3.62
CA SER C 354 -12.45 23.30 -3.48
C SER C 354 -12.05 23.83 -2.11
N LYS C 355 -12.94 24.49 -1.38
CA LYS C 355 -12.60 25.07 -0.05
C LYS C 355 -12.99 24.07 1.04
N ILE C 356 -13.71 23.01 0.70
CA ILE C 356 -14.07 21.98 1.71
C ILE C 356 -12.76 21.35 2.26
N GLU C 357 -12.68 21.21 3.57
CA GLU C 357 -11.57 20.50 4.26
C GLU C 357 -11.85 18.99 4.20
N GLU C 358 -11.39 18.36 3.15
CA GLU C 358 -11.56 16.91 2.84
C GLU C 358 -10.56 16.59 1.75
N ARG C 359 -9.41 16.06 2.16
CA ARG C 359 -8.24 15.85 1.29
C ARG C 359 -8.65 15.19 -0.03
N GLU C 360 -9.43 14.11 0.04
CA GLU C 360 -9.75 13.29 -1.15
C GLU C 360 -10.68 14.05 -2.08
N LEU C 361 -11.63 14.83 -1.56
CA LEU C 361 -12.49 15.71 -2.41
C LEU C 361 -11.61 16.79 -3.08
N PHE C 362 -10.73 17.42 -2.31
CA PHE C 362 -9.80 18.45 -2.82
C PHE C 362 -9.00 17.91 -4.01
N LYS C 363 -8.51 16.68 -3.92
CA LYS C 363 -7.72 16.06 -5.01
C LYS C 363 -8.59 15.90 -6.27
N THR C 364 -9.87 15.66 -6.10
CA THR C 364 -10.79 15.47 -7.25
C THR C 364 -10.90 16.82 -7.98
N THR C 365 -11.16 17.90 -7.24
CA THR C 365 -11.30 19.24 -7.84
C THR C 365 -9.94 19.69 -8.40
N LEU C 366 -8.82 19.32 -7.77
CA LEU C 366 -7.47 19.75 -8.21
C LEU C 366 -7.15 19.14 -9.57
N ASP C 367 -7.51 17.87 -9.80
CA ASP C 367 -7.36 17.22 -11.12
C ASP C 367 -8.11 18.04 -12.18
N TYR C 368 -9.33 18.53 -11.86
CA TYR C 368 -10.10 19.36 -12.81
C TYR C 368 -9.35 20.68 -13.03
N TRP C 369 -8.97 21.38 -11.96
CA TRP C 369 -8.27 22.68 -12.09
C TRP C 369 -6.99 22.52 -12.93
N HIS C 370 -6.24 21.43 -12.73
CA HIS C 370 -5.04 21.11 -13.53
C HIS C 370 -5.40 21.07 -15.03
N ASN C 371 -6.46 20.34 -15.37
CA ASN C 371 -6.98 20.27 -16.75
C ASN C 371 -7.30 21.69 -17.23
N LEU C 372 -7.98 22.52 -16.43
CA LEU C 372 -8.45 23.85 -16.90
C LEU C 372 -7.24 24.75 -17.13
N VAL C 373 -6.33 24.88 -16.16
CA VAL C 373 -5.32 25.95 -16.26
C VAL C 373 -4.27 25.54 -17.31
N ALA C 374 -4.04 24.25 -17.50
CA ALA C 374 -3.18 23.71 -18.58
C ALA C 374 -3.75 24.16 -19.93
N ASP C 375 -5.06 24.03 -20.10
CA ASP C 375 -5.82 24.50 -21.27
C ASP C 375 -5.66 26.00 -21.51
N LEU C 376 -5.86 26.82 -20.47
CA LEU C 376 -5.77 28.30 -20.55
C LEU C 376 -4.35 28.72 -20.91
N PHE C 377 -3.36 27.93 -20.52
CA PHE C 377 -1.93 28.17 -20.82
C PHE C 377 -1.67 27.98 -22.34
N TYR C 378 -2.28 26.98 -22.97
CA TYR C 378 -2.03 26.67 -24.40
C TYR C 378 -3.17 27.09 -25.34
N GLU C 379 -4.43 27.00 -24.90
CA GLU C 379 -5.57 27.29 -25.80
C GLU C 379 -5.70 28.81 -26.02
N PRO C 380 -5.76 29.27 -27.29
CA PRO C 380 -5.90 30.69 -27.62
C PRO C 380 -7.28 31.28 -27.32
N LEU C 381 -7.30 32.55 -26.89
CA LEU C 381 -8.52 33.35 -26.59
C LEU C 381 -9.40 32.68 -25.54
N LYS C 382 -8.84 32.10 -24.48
CA LYS C 382 -9.70 31.47 -23.44
C LYS C 382 -9.47 32.10 -22.05
N LYS C 383 -8.23 32.47 -21.69
CA LYS C 383 -7.90 32.78 -20.27
C LYS C 383 -8.79 33.93 -19.77
N HIS C 384 -9.10 34.95 -20.59
CA HIS C 384 -9.89 36.16 -20.20
C HIS C 384 -11.28 35.79 -19.62
N ILE C 385 -11.89 34.71 -20.09
CA ILE C 385 -13.20 34.16 -19.61
C ILE C 385 -13.09 33.85 -18.11
N TYR C 386 -11.94 33.32 -17.69
CA TYR C 386 -11.76 32.61 -16.40
C TYR C 386 -10.97 33.46 -15.40
N GLU C 387 -10.75 34.75 -15.67
CA GLU C 387 -9.87 35.61 -14.83
C GLU C 387 -10.31 35.61 -13.36
N GLU C 388 -11.59 35.81 -13.07
CA GLU C 388 -12.11 35.90 -11.69
C GLU C 388 -12.05 34.52 -11.03
N ILE C 389 -12.33 33.46 -11.79
CA ILE C 389 -12.21 32.05 -11.29
C ILE C 389 -10.75 31.79 -10.94
N CYS C 390 -9.82 32.18 -11.82
CA CYS C 390 -8.38 31.92 -11.63
C CYS C 390 -7.87 32.67 -10.41
N SER C 391 -8.40 33.86 -10.16
CA SER C 391 -7.94 34.72 -9.05
C SER C 391 -8.31 34.04 -7.73
N GLN C 392 -9.52 33.54 -7.63
CA GLN C 392 -10.00 32.82 -6.42
C GLN C 392 -9.18 31.54 -6.26
N LEU C 393 -8.87 30.86 -7.36
CA LEU C 393 -8.16 29.55 -7.32
C LEU C 393 -6.75 29.76 -6.79
N ARG C 394 -6.11 30.89 -7.15
CA ARG C 394 -4.77 31.23 -6.64
C ARG C 394 -4.82 31.15 -5.11
N LEU C 395 -5.81 31.78 -4.49
CA LEU C 395 -5.91 31.83 -3.01
C LEU C 395 -6.15 30.41 -2.48
N VAL C 396 -7.03 29.65 -3.11
CA VAL C 396 -7.38 28.29 -2.63
C VAL C 396 -6.10 27.43 -2.65
N ILE C 397 -5.30 27.47 -3.71
CA ILE C 397 -4.13 26.57 -3.87
C ILE C 397 -3.07 26.98 -2.84
N ILE C 398 -2.83 28.28 -2.69
CA ILE C 398 -1.81 28.84 -1.76
C ILE C 398 -2.18 28.49 -0.31
N GLU C 399 -3.45 28.60 0.07
CA GLU C 399 -3.90 28.30 1.46
C GLU C 399 -3.87 26.78 1.69
N ASN C 400 -3.76 25.97 0.64
CA ASN C 400 -3.83 24.50 0.74
C ASN C 400 -2.50 23.82 0.37
N MET C 401 -1.41 24.58 0.21
CA MET C 401 -0.12 23.99 -0.23
C MET C 401 0.35 23.03 0.85
N VAL C 402 0.71 21.83 0.44
CA VAL C 402 1.28 20.81 1.35
C VAL C 402 2.80 20.84 1.17
N ARG C 403 3.52 20.19 2.08
CA ARG C 403 4.99 20.12 2.05
C ARG C 403 5.41 19.25 0.87
N PRO C 404 6.57 19.52 0.25
CA PRO C 404 7.04 18.73 -0.89
C PRO C 404 7.23 17.21 -0.64
N GLU C 405 7.23 16.82 0.64
CA GLU C 405 7.34 15.41 1.09
C GLU C 405 6.13 14.63 0.58
N GLU C 406 4.95 15.27 0.55
CA GLU C 406 3.74 14.65 -0.03
C GLU C 406 3.87 14.91 -1.53
N ILE C 407 4.61 14.04 -2.22
CA ILE C 407 5.09 14.18 -3.62
C ILE C 407 3.99 14.30 -4.67
N GLN C 408 2.99 13.41 -4.65
CA GLN C 408 1.94 13.50 -5.69
C GLN C 408 1.07 14.75 -5.53
N LEU C 409 0.69 15.08 -4.29
CA LEU C 409 -0.24 16.20 -4.05
C LEU C 409 0.54 17.52 -4.25
N TYR C 410 1.79 17.59 -3.78
CA TYR C 410 2.67 18.79 -3.93
C TYR C 410 2.89 19.04 -5.41
N LYS C 411 3.21 17.99 -6.16
CA LYS C 411 3.43 18.07 -7.62
C LYS C 411 2.19 18.67 -8.31
N SER C 412 1.00 18.12 -8.07
CA SER C 412 -0.28 18.57 -8.68
C SER C 412 -0.49 20.04 -8.31
N GLU C 413 -0.33 20.41 -7.04
CA GLU C 413 -0.56 21.77 -6.53
C GLU C 413 0.42 22.73 -7.19
N ARG C 414 1.70 22.36 -7.24
CA ARG C 414 2.77 23.20 -7.82
C ARG C 414 2.41 23.48 -9.29
N GLU C 415 2.09 22.43 -10.04
CA GLU C 415 1.79 22.54 -11.49
C GLU C 415 0.63 23.52 -11.69
N VAL C 416 -0.42 23.44 -10.85
CA VAL C 416 -1.58 24.36 -10.98
C VAL C 416 -1.12 25.78 -10.67
N LEU C 417 -0.30 25.96 -9.64
CA LEU C 417 0.14 27.30 -9.20
C LEU C 417 1.10 27.90 -10.23
N VAL C 418 1.93 27.07 -10.85
CA VAL C 418 2.90 27.53 -11.91
C VAL C 418 2.07 28.05 -13.09
N TYR C 419 1.11 27.27 -13.56
CA TYR C 419 0.21 27.70 -14.66
C TYR C 419 -0.50 29.02 -14.29
N LEU C 420 -1.04 29.13 -13.07
CA LEU C 420 -1.82 30.33 -12.63
C LEU C 420 -0.89 31.53 -12.53
N THR C 421 0.36 31.31 -12.15
CA THR C 421 1.36 32.39 -12.03
C THR C 421 1.70 32.93 -13.41
N HIS C 422 1.93 32.04 -14.37
CA HIS C 422 2.13 32.40 -15.80
C HIS C 422 0.94 33.25 -16.28
N LEU C 423 -0.29 32.84 -15.99
CA LEU C 423 -1.51 33.54 -16.47
C LEU C 423 -1.64 34.93 -15.84
N ASN C 424 -1.24 35.14 -14.58
CA ASN C 424 -1.23 36.50 -13.97
C ASN C 424 -0.22 36.55 -12.82
N VAL C 425 1.02 36.93 -13.13
CA VAL C 425 2.16 36.98 -12.17
C VAL C 425 1.87 38.04 -11.11
N ILE C 426 1.27 39.14 -11.50
CA ILE C 426 0.98 40.27 -10.57
C ILE C 426 -0.02 39.80 -9.51
N ASP C 427 -1.12 39.14 -9.91
CA ASP C 427 -2.16 38.69 -8.96
C ASP C 427 -1.52 37.66 -8.01
N THR C 428 -0.67 36.75 -8.51
CA THR C 428 -0.02 35.72 -7.66
C THR C 428 0.85 36.38 -6.59
N GLU C 429 1.74 37.28 -7.00
CA GLU C 429 2.66 38.05 -6.13
C GLU C 429 1.85 38.80 -5.06
N GLU C 430 0.79 39.50 -5.46
CA GLU C 430 -0.04 40.33 -4.55
C GLU C 430 -0.62 39.44 -3.45
N ILE C 431 -1.13 38.28 -3.82
CA ILE C 431 -1.76 37.33 -2.85
C ILE C 431 -0.67 36.86 -1.88
N MET C 432 0.53 36.54 -2.37
CA MET C 432 1.60 35.98 -1.50
C MET C 432 2.14 37.05 -0.57
N ILE C 433 2.37 38.27 -1.05
CA ILE C 433 2.84 39.42 -0.22
C ILE C 433 1.75 39.74 0.83
N SER C 434 0.49 39.83 0.47
CA SER C 434 -0.56 40.18 1.46
C SER C 434 -0.77 39.02 2.44
N LYS C 435 -0.54 37.75 2.05
CA LYS C 435 -0.60 36.63 3.04
C LYS C 435 0.55 36.77 4.04
N LEU C 436 1.73 37.16 3.55
CA LEU C 436 2.95 37.41 4.36
C LEU C 436 2.68 38.55 5.34
N ALA C 437 2.06 39.65 4.91
CA ALA C 437 1.69 40.81 5.77
C ALA C 437 0.75 40.36 6.90
N ARG C 438 -0.14 39.39 6.66
CA ARG C 438 -1.09 38.89 7.69
C ARG C 438 -0.39 37.90 8.63
N GLN C 439 0.78 37.37 8.26
CA GLN C 439 1.66 36.63 9.20
C GLN C 439 2.35 37.63 10.13
N ILE C 440 2.87 38.72 9.56
CA ILE C 440 3.62 39.79 10.27
C ILE C 440 2.69 40.56 11.25
N ASP C 441 1.46 40.87 10.88
CA ASP C 441 0.53 41.63 11.76
C ASP C 441 -0.14 40.69 12.77
N GLY C 442 0.11 39.38 12.72
CA GLY C 442 -0.35 38.41 13.74
C GLY C 442 -1.74 37.85 13.45
N SER C 443 -2.52 38.45 12.54
CA SER C 443 -3.94 38.09 12.29
C SER C 443 -4.07 36.62 11.85
N GLU C 444 -3.13 36.09 11.05
CA GLU C 444 -3.15 34.69 10.53
C GLU C 444 -1.90 33.92 10.97
N TRP C 445 -1.11 34.50 11.89
CA TRP C 445 0.13 33.86 12.40
C TRP C 445 -0.16 32.49 13.04
N SER C 446 0.57 31.48 12.58
CA SER C 446 0.74 30.14 13.18
C SER C 446 1.86 29.41 12.42
N TRP C 447 2.44 28.39 13.03
CA TRP C 447 3.53 27.60 12.42
C TRP C 447 3.01 26.99 11.13
N HIS C 448 1.86 26.34 11.18
CA HIS C 448 1.22 25.73 9.98
C HIS C 448 1.09 26.79 8.88
N ASN C 449 0.67 28.01 9.23
CA ASN C 449 0.30 29.05 8.23
C ASN C 449 1.58 29.59 7.57
N ILE C 450 2.65 29.83 8.34
CA ILE C 450 3.91 30.38 7.75
C ILE C 450 4.59 29.27 6.93
N ASN C 451 4.43 28.00 7.33
CA ASN C 451 5.04 26.84 6.62
C ASN C 451 4.35 26.68 5.26
N THR C 452 3.02 26.63 5.28
CA THR C 452 2.13 26.56 4.09
C THR C 452 2.55 27.65 3.10
N LEU C 453 2.65 28.89 3.57
CA LEU C 453 2.94 30.04 2.70
C LEU C 453 4.35 29.88 2.09
N SER C 454 5.33 29.44 2.89
CA SER C 454 6.73 29.24 2.45
C SER C 454 6.77 28.17 1.34
N TRP C 455 6.06 27.06 1.53
CA TRP C 455 5.92 25.99 0.52
C TRP C 455 5.31 26.55 -0.77
N ALA C 456 4.27 27.38 -0.67
CA ALA C 456 3.61 28.01 -1.85
C ALA C 456 4.61 28.93 -2.58
N ILE C 457 5.26 29.82 -1.84
CA ILE C 457 6.26 30.77 -2.41
C ILE C 457 7.38 29.98 -3.11
N GLY C 458 7.88 28.91 -2.48
CA GLY C 458 8.92 28.04 -3.04
C GLY C 458 8.49 27.42 -4.35
N SER C 459 7.21 27.05 -4.47
CA SER C 459 6.69 26.18 -5.55
C SER C 459 6.73 26.88 -6.92
N ILE C 460 6.75 28.22 -6.95
CA ILE C 460 6.62 29.01 -8.22
C ILE C 460 8.00 29.53 -8.69
N SER C 461 9.09 29.14 -8.02
CA SER C 461 10.47 29.42 -8.48
C SER C 461 10.61 29.13 -9.98
N GLY C 462 11.17 30.03 -10.78
CA GLY C 462 11.43 29.76 -12.21
C GLY C 462 10.30 30.19 -13.13
N THR C 463 9.18 30.70 -12.61
CA THR C 463 7.99 31.05 -13.44
C THR C 463 8.04 32.53 -13.81
N MET C 464 8.54 33.39 -12.92
CA MET C 464 8.64 34.84 -13.12
C MET C 464 9.87 35.14 -13.98
N SER C 465 9.89 36.29 -14.65
CA SER C 465 11.10 36.85 -15.30
C SER C 465 12.19 37.00 -14.22
N GLU C 466 13.45 36.90 -14.62
CA GLU C 466 14.60 37.05 -13.70
C GLU C 466 14.47 38.37 -12.92
N ASP C 467 14.15 39.48 -13.58
CA ASP C 467 13.96 40.82 -12.94
C ASP C 467 12.81 40.78 -11.91
N THR C 468 11.66 40.22 -12.25
CA THR C 468 10.48 40.17 -11.35
C THR C 468 10.82 39.29 -10.15
N GLU C 469 11.43 38.15 -10.40
CA GLU C 469 11.85 37.19 -9.37
C GLU C 469 12.78 37.89 -8.38
N LYS C 470 13.77 38.64 -8.87
CA LYS C 470 14.76 39.34 -8.03
C LYS C 470 14.01 40.21 -7.02
N ARG C 471 13.11 41.09 -7.47
CA ARG C 471 12.38 42.01 -6.56
C ARG C 471 11.48 41.18 -5.63
N PHE C 472 10.83 40.13 -6.14
CA PHE C 472 9.92 39.30 -5.33
C PHE C 472 10.70 38.60 -4.20
N VAL C 473 11.84 37.97 -4.53
CA VAL C 473 12.62 37.17 -3.54
C VAL C 473 13.14 38.13 -2.46
N VAL C 474 13.71 39.27 -2.85
CA VAL C 474 14.21 40.27 -1.89
C VAL C 474 13.06 40.68 -0.96
N THR C 475 11.90 41.02 -1.51
CA THR C 475 10.72 41.44 -0.71
C THR C 475 10.41 40.36 0.33
N VAL C 476 10.32 39.10 -0.11
CA VAL C 476 9.92 37.95 0.74
C VAL C 476 10.97 37.72 1.85
N ILE C 477 12.27 37.73 1.52
CA ILE C 477 13.35 37.51 2.51
C ILE C 477 13.35 38.68 3.53
N LYS C 478 13.28 39.94 3.08
CA LYS C 478 13.18 41.10 4.02
C LYS C 478 12.00 40.87 4.97
N ASP C 479 10.82 40.49 4.45
CA ASP C 479 9.61 40.28 5.27
C ASP C 479 9.83 39.13 6.27
N LEU C 480 10.40 38.01 5.85
CA LEU C 480 10.57 36.83 6.74
C LEU C 480 11.61 37.15 7.81
N LEU C 481 12.67 37.91 7.48
CA LEU C 481 13.70 38.39 8.42
C LEU C 481 13.06 39.28 9.51
N GLY C 482 12.26 40.27 9.11
CA GLY C 482 11.46 41.10 10.02
C GLY C 482 10.57 40.25 10.91
N LEU C 483 9.85 39.29 10.34
CA LEU C 483 9.01 38.31 11.08
C LEU C 483 9.86 37.63 12.16
N CYS C 484 11.07 37.16 11.79
CA CYS C 484 12.00 36.45 12.71
C CYS C 484 12.37 37.36 13.88
N GLU C 485 12.94 38.54 13.60
CA GLU C 485 13.31 39.54 14.64
C GLU C 485 12.13 39.73 15.60
N GLN C 486 11.00 40.17 15.05
CA GLN C 486 9.72 40.45 15.75
C GLN C 486 9.35 39.30 16.70
N LYS C 487 9.55 38.04 16.31
CA LYS C 487 9.09 36.88 17.11
C LYS C 487 10.01 36.62 18.31
N ARG C 488 9.42 36.03 19.36
CA ARG C 488 10.01 35.84 20.71
C ARG C 488 10.13 34.34 20.99
N GLY C 489 11.21 33.90 21.62
CA GLY C 489 11.42 32.48 21.99
C GLY C 489 11.95 31.70 20.81
N LYS C 490 12.72 30.65 21.07
CA LYS C 490 13.53 29.96 20.02
C LYS C 490 12.62 29.06 19.18
N ASP C 491 11.48 28.60 19.72
CA ASP C 491 10.48 27.79 18.97
C ASP C 491 10.08 28.59 17.72
N ASN C 492 9.57 29.81 17.93
CA ASN C 492 9.06 30.74 16.89
C ASN C 492 10.18 31.11 15.92
N LYS C 493 11.34 31.51 16.45
CA LYS C 493 12.50 31.92 15.61
C LYS C 493 12.95 30.74 14.76
N ALA C 494 12.97 29.52 15.30
CA ALA C 494 13.44 28.33 14.57
C ALA C 494 12.47 28.05 13.42
N VAL C 495 11.16 28.25 13.64
CA VAL C 495 10.12 28.00 12.61
C VAL C 495 10.37 28.94 11.43
N VAL C 496 10.55 30.23 11.67
CA VAL C 496 10.76 31.25 10.60
C VAL C 496 12.14 31.01 9.95
N ALA C 497 13.16 30.72 10.75
CA ALA C 497 14.52 30.42 10.22
C ALA C 497 14.46 29.23 9.25
N ARG C 498 13.75 28.14 9.58
CA ARG C 498 13.61 26.97 8.67
C ARG C 498 12.93 27.43 7.36
N ASP C 499 11.96 28.33 7.46
CA ASP C 499 11.17 28.79 6.28
C ASP C 499 12.04 29.71 5.42
N ILE C 500 12.91 30.52 6.02
CA ILE C 500 13.89 31.35 5.25
C ILE C 500 14.84 30.41 4.48
N MET C 501 15.42 29.42 5.17
CA MET C 501 16.28 28.38 4.53
C MET C 501 15.50 27.71 3.39
N TYR C 502 14.23 27.37 3.62
CA TYR C 502 13.43 26.64 2.62
C TYR C 502 13.32 27.50 1.34
N VAL C 503 12.94 28.77 1.51
CA VAL C 503 12.67 29.68 0.37
C VAL C 503 13.97 29.91 -0.42
N VAL C 504 15.07 30.20 0.26
CA VAL C 504 16.37 30.50 -0.41
C VAL C 504 16.77 29.27 -1.23
N GLY C 505 16.61 28.08 -0.66
CA GLY C 505 16.95 26.80 -1.31
C GLY C 505 16.16 26.55 -2.58
N GLU C 506 14.97 27.15 -2.71
CA GLU C 506 14.10 26.93 -3.90
C GLU C 506 14.37 27.97 -4.98
N TYR C 507 15.27 28.94 -4.79
CA TYR C 507 15.48 30.02 -5.79
C TYR C 507 16.92 30.02 -6.29
N PRO C 508 17.41 28.95 -6.96
CA PRO C 508 18.81 28.87 -7.37
C PRO C 508 19.18 29.96 -8.39
N ARG C 509 18.28 30.25 -9.33
CA ARG C 509 18.58 31.25 -10.39
C ARG C 509 18.99 32.58 -9.74
N PHE C 510 18.29 32.98 -8.68
CA PHE C 510 18.56 34.18 -7.88
C PHE C 510 19.94 34.05 -7.20
N LEU C 511 20.22 32.90 -6.59
CA LEU C 511 21.49 32.63 -5.87
C LEU C 511 22.65 32.70 -6.87
N LYS C 512 22.51 32.07 -8.05
CA LYS C 512 23.57 31.99 -9.09
C LYS C 512 23.92 33.36 -9.64
N ALA C 513 23.00 34.34 -9.55
CA ALA C 513 23.16 35.72 -10.09
C ALA C 513 23.78 36.65 -9.05
N HIS C 514 23.78 36.27 -7.76
CA HIS C 514 24.13 37.19 -6.63
C HIS C 514 25.13 36.48 -5.69
N TRP C 515 26.41 36.46 -6.06
CA TRP C 515 27.46 35.70 -5.35
C TRP C 515 27.51 36.11 -3.88
N ASN C 516 27.49 37.41 -3.60
CA ASN C 516 27.55 37.92 -2.21
C ASN C 516 26.44 37.28 -1.37
N PHE C 517 25.21 37.24 -1.92
CA PHE C 517 24.02 36.64 -1.27
C PHE C 517 24.27 35.15 -1.02
N LEU C 518 24.71 34.43 -2.04
CA LEU C 518 24.91 32.96 -1.97
C LEU C 518 25.88 32.65 -0.83
N ARG C 519 27.00 33.39 -0.82
CA ARG C 519 28.10 33.23 0.17
C ARG C 519 27.54 33.44 1.58
N THR C 520 26.79 34.52 1.79
CA THR C 520 26.13 34.85 3.07
C THR C 520 25.20 33.70 3.48
N VAL C 521 24.41 33.19 2.54
CA VAL C 521 23.46 32.08 2.81
C VAL C 521 24.26 30.90 3.35
N ILE C 522 25.33 30.51 2.65
CA ILE C 522 26.15 29.33 3.03
C ILE C 522 26.72 29.56 4.44
N LEU C 523 27.35 30.71 4.68
CA LEU C 523 27.96 31.03 6.01
C LEU C 523 26.87 31.05 7.08
N LYS C 524 25.65 31.47 6.74
CA LYS C 524 24.50 31.46 7.68
C LYS C 524 24.08 30.01 7.93
N LEU C 525 24.09 29.15 6.90
CA LEU C 525 23.79 27.71 7.09
C LEU C 525 24.85 27.10 7.98
N PHE C 526 26.12 27.51 7.84
CA PHE C 526 27.22 27.01 8.69
C PHE C 526 26.99 27.44 10.15
N GLU C 527 26.53 28.67 10.40
CA GLU C 527 26.18 29.14 11.77
C GLU C 527 25.05 28.29 12.35
N PHE C 528 24.00 28.04 11.57
CA PHE C 528 22.86 27.21 12.00
C PHE C 528 23.29 25.76 12.27
N MET C 529 24.41 25.29 11.74
CA MET C 529 24.90 23.92 12.01
C MET C 529 25.43 23.81 13.46
N HIS C 530 25.47 24.92 14.19
CA HIS C 530 25.85 24.97 15.64
C HIS C 530 24.61 25.10 16.53
N GLU C 531 23.42 25.36 15.96
CA GLU C 531 22.14 25.43 16.71
C GLU C 531 21.64 24.02 17.05
N THR C 532 21.65 23.64 18.33
CA THR C 532 21.13 22.33 18.81
C THR C 532 19.59 22.31 18.87
N HIS C 533 18.92 23.47 18.76
CA HIS C 533 17.43 23.55 18.75
C HIS C 533 16.86 22.64 17.64
N GLU C 534 15.92 21.76 17.99
CA GLU C 534 15.51 20.60 17.17
C GLU C 534 15.06 21.08 15.78
N GLY C 535 15.55 20.40 14.74
CA GLY C 535 15.16 20.59 13.33
C GLY C 535 16.06 21.58 12.61
N VAL C 536 16.84 22.38 13.32
CA VAL C 536 17.63 23.51 12.72
C VAL C 536 18.85 22.95 11.98
N GLN C 537 19.65 22.09 12.64
CA GLN C 537 20.85 21.44 12.04
C GLN C 537 20.43 20.63 10.81
N ASP C 538 19.37 19.82 10.93
CA ASP C 538 18.88 18.98 9.79
C ASP C 538 18.51 19.89 8.62
N MET C 539 17.82 21.00 8.88
CA MET C 539 17.33 21.89 7.81
C MET C 539 18.53 22.62 7.19
N ALA C 540 19.51 23.03 8.01
CA ALA C 540 20.75 23.66 7.51
C ALA C 540 21.51 22.68 6.59
N CYS C 541 21.65 21.40 6.97
CA CYS C 541 22.35 20.37 6.14
C CYS C 541 21.56 20.07 4.87
N ASP C 542 20.25 19.83 5.00
CA ASP C 542 19.35 19.58 3.84
C ASP C 542 19.42 20.76 2.87
N THR C 543 19.42 22.00 3.38
CA THR C 543 19.41 23.23 2.54
C THR C 543 20.77 23.35 1.88
N PHE C 544 21.83 23.05 2.62
CA PHE C 544 23.22 23.08 2.08
C PHE C 544 23.30 22.16 0.86
N ILE C 545 22.91 20.89 0.98
CA ILE C 545 23.12 19.93 -0.13
C ILE C 545 22.19 20.31 -1.29
N LYS C 546 20.98 20.81 -1.00
CA LYS C 546 20.03 21.24 -2.05
C LYS C 546 20.61 22.43 -2.83
N ILE C 547 21.17 23.43 -2.15
CA ILE C 547 21.78 24.59 -2.85
C ILE C 547 22.98 24.10 -3.68
N VAL C 548 23.78 23.19 -3.14
CA VAL C 548 24.99 22.67 -3.83
C VAL C 548 24.56 21.93 -5.11
N GLN C 549 23.56 21.05 -5.03
CA GLN C 549 23.04 20.30 -6.20
C GLN C 549 22.74 21.29 -7.34
N LYS C 550 22.16 22.44 -7.02
CA LYS C 550 21.66 23.44 -8.00
C LYS C 550 22.74 24.44 -8.40
N CYS C 551 23.70 24.82 -7.53
CA CYS C 551 24.62 25.97 -7.76
C CYS C 551 26.09 25.57 -7.72
N LYS C 552 26.39 24.28 -7.79
CA LYS C 552 27.72 23.66 -7.54
C LYS C 552 28.82 24.38 -8.33
N TYR C 553 28.57 24.78 -9.58
CA TYR C 553 29.58 25.46 -10.45
C TYR C 553 30.09 26.74 -9.77
N HIS C 554 29.27 27.42 -8.96
CA HIS C 554 29.68 28.69 -8.30
C HIS C 554 30.63 28.46 -7.12
N PHE C 555 30.78 27.22 -6.64
CA PHE C 555 31.68 26.85 -5.52
C PHE C 555 33.05 26.40 -6.06
N VAL C 556 33.14 26.15 -7.37
CA VAL C 556 34.30 25.44 -7.98
C VAL C 556 35.14 26.46 -8.79
N ILE C 557 34.56 27.57 -9.25
CA ILE C 557 35.31 28.70 -9.90
C ILE C 557 35.77 29.67 -8.81
N GLN C 558 36.79 30.46 -9.10
CA GLN C 558 37.16 31.63 -8.27
C GLN C 558 36.16 32.74 -8.62
N GLN C 559 35.37 33.17 -7.64
CA GLN C 559 34.42 34.30 -7.81
C GLN C 559 35.22 35.59 -7.75
N PRO C 560 34.87 36.63 -8.55
CA PRO C 560 35.55 37.93 -8.42
C PRO C 560 35.61 38.39 -6.96
N ARG C 561 36.81 38.85 -6.54
CA ARG C 561 37.11 39.48 -5.22
C ARG C 561 37.16 38.41 -4.11
N GLU C 562 37.23 37.12 -4.49
CA GLU C 562 37.61 35.99 -3.60
C GLU C 562 39.04 35.58 -3.92
N SER C 563 39.79 35.08 -2.93
CA SER C 563 41.20 34.68 -3.12
C SER C 563 41.26 33.27 -3.72
N GLU C 564 40.16 32.49 -3.61
CA GLU C 564 40.13 31.06 -4.00
C GLU C 564 38.71 30.58 -4.26
N PRO C 565 38.53 29.50 -5.05
CA PRO C 565 37.26 28.78 -5.11
C PRO C 565 36.71 28.47 -3.71
N PHE C 566 35.43 28.73 -3.51
CA PHE C 566 34.79 28.68 -2.17
C PHE C 566 34.87 27.26 -1.59
N ILE C 567 34.92 26.21 -2.42
CA ILE C 567 35.07 24.78 -1.98
C ILE C 567 36.35 24.66 -1.12
N GLN C 568 37.39 25.42 -1.43
CA GLN C 568 38.64 25.42 -0.63
C GLN C 568 38.33 25.97 0.76
N THR C 569 37.56 27.05 0.85
CA THR C 569 37.21 27.73 2.13
C THR C 569 36.34 26.78 2.98
N ILE C 570 35.40 26.09 2.36
CA ILE C 570 34.53 25.11 3.07
C ILE C 570 35.42 24.02 3.67
N ILE C 571 36.32 23.45 2.86
CA ILE C 571 37.16 22.29 3.26
C ILE C 571 38.10 22.73 4.39
N ARG C 572 38.77 23.90 4.24
CA ARG C 572 39.73 24.43 5.26
C ARG C 572 39.05 24.45 6.64
N ASP C 573 37.77 24.78 6.70
CA ASP C 573 37.08 25.02 7.99
C ASP C 573 36.14 23.86 8.37
N ILE C 574 36.27 22.72 7.70
CA ILE C 574 35.27 21.62 7.80
C ILE C 574 35.20 21.10 9.25
N GLN C 575 36.33 20.96 9.94
CA GLN C 575 36.35 20.45 11.34
C GLN C 575 35.43 21.30 12.22
N LYS C 576 35.64 22.62 12.20
CA LYS C 576 34.88 23.63 12.98
C LYS C 576 33.41 23.65 12.53
N THR C 577 33.15 23.78 11.23
CA THR C 577 31.78 23.81 10.63
C THR C 577 30.94 22.64 11.15
N THR C 578 31.50 21.41 11.16
CA THR C 578 30.74 20.16 11.42
C THR C 578 30.87 19.68 12.86
N ALA C 579 31.58 20.39 13.74
CA ALA C 579 31.93 19.92 15.10
C ALA C 579 30.67 19.57 15.93
N ASP C 580 29.51 20.21 15.71
CA ASP C 580 28.30 20.01 16.55
C ASP C 580 27.25 19.16 15.86
N LEU C 581 27.57 18.59 14.70
CA LEU C 581 26.60 17.78 13.92
C LEU C 581 26.61 16.33 14.43
N GLN C 582 25.47 15.64 14.31
CA GLN C 582 25.30 14.17 14.45
C GLN C 582 26.01 13.50 13.26
N PRO C 583 26.47 12.23 13.39
CA PRO C 583 27.08 11.52 12.27
C PRO C 583 26.33 11.61 10.92
N GLN C 584 25.02 11.39 10.87
CA GLN C 584 24.26 11.40 9.58
C GLN C 584 24.33 12.80 8.95
N GLN C 585 24.34 13.87 9.75
CA GLN C 585 24.47 15.26 9.27
C GLN C 585 25.88 15.48 8.70
N VAL C 586 26.92 14.95 9.35
CA VAL C 586 28.32 15.03 8.86
C VAL C 586 28.38 14.36 7.48
N HIS C 587 27.72 13.20 7.31
CA HIS C 587 27.77 12.40 6.05
C HIS C 587 27.11 13.21 4.94
N THR C 588 25.99 13.88 5.23
CA THR C 588 25.30 14.77 4.26
C THR C 588 26.28 15.88 3.83
N PHE C 589 26.95 16.47 4.80
CA PHE C 589 27.85 17.62 4.55
C PHE C 589 28.95 17.17 3.57
N TYR C 590 29.59 16.04 3.87
CA TYR C 590 30.71 15.50 3.07
C TYR C 590 30.17 15.11 1.69
N LYS C 591 28.96 14.55 1.61
CA LYS C 591 28.31 14.23 0.33
C LYS C 591 28.17 15.50 -0.50
N ALA C 592 27.69 16.60 0.10
CA ALA C 592 27.52 17.88 -0.60
C ALA C 592 28.88 18.36 -1.13
N CYS C 593 29.93 18.26 -0.33
CA CYS C 593 31.31 18.61 -0.76
C CYS C 593 31.75 17.76 -1.95
N GLY C 594 31.42 16.46 -1.98
CA GLY C 594 31.68 15.57 -3.14
C GLY C 594 31.01 16.04 -4.43
N ILE C 595 29.76 16.50 -4.36
CA ILE C 595 29.01 17.08 -5.51
C ILE C 595 29.82 18.25 -6.09
N ILE C 596 30.28 19.17 -5.24
CA ILE C 596 31.06 20.34 -5.71
C ILE C 596 32.33 19.83 -6.39
N ILE C 597 33.07 18.92 -5.73
CA ILE C 597 34.42 18.49 -6.21
C ILE C 597 34.32 17.78 -7.58
N SER C 598 33.26 17.01 -7.81
CA SER C 598 32.96 16.35 -9.11
C SER C 598 32.79 17.35 -10.24
N GLU C 599 32.44 18.62 -9.95
CA GLU C 599 32.35 19.70 -10.98
C GLU C 599 33.74 20.08 -11.52
N GLU C 600 34.81 19.87 -10.73
CA GLU C 600 36.20 20.21 -11.12
C GLU C 600 36.70 19.17 -12.12
N ARG C 601 36.89 19.54 -13.38
CA ARG C 601 37.20 18.57 -14.46
C ARG C 601 38.71 18.50 -14.68
N SER C 602 39.50 19.40 -14.08
CA SER C 602 40.98 19.19 -14.00
C SER C 602 41.27 18.07 -12.98
N VAL C 603 41.91 16.99 -13.42
CA VAL C 603 42.17 15.76 -12.62
C VAL C 603 43.04 16.10 -11.39
N ALA C 604 44.19 16.72 -11.60
CA ALA C 604 45.14 17.01 -10.49
C ALA C 604 44.41 17.81 -9.41
N GLU C 605 43.59 18.77 -9.80
CA GLU C 605 42.87 19.68 -8.89
C GLU C 605 41.76 18.90 -8.17
N ARG C 606 41.06 18.03 -8.89
CA ARG C 606 39.95 17.23 -8.32
C ARG C 606 40.52 16.28 -7.27
N ASN C 607 41.57 15.54 -7.63
CA ASN C 607 42.25 14.57 -6.74
C ASN C 607 42.76 15.29 -5.48
N ARG C 608 43.30 16.50 -5.63
CA ARG C 608 43.80 17.30 -4.49
C ARG C 608 42.62 17.72 -3.59
N LEU C 609 41.54 18.26 -4.14
CA LEU C 609 40.33 18.60 -3.32
C LEU C 609 39.78 17.34 -2.63
N LEU C 610 39.79 16.20 -3.31
CA LEU C 610 39.29 14.93 -2.74
C LEU C 610 40.19 14.52 -1.56
N SER C 611 41.49 14.59 -1.77
CA SER C 611 42.52 14.36 -0.74
C SER C 611 42.27 15.26 0.49
N ASP C 612 41.98 16.54 0.26
CA ASP C 612 41.81 17.57 1.32
C ASP C 612 40.50 17.27 2.05
N LEU C 613 39.43 16.94 1.32
CA LEU C 613 38.11 16.68 1.92
C LEU C 613 38.20 15.46 2.83
N MET C 614 38.90 14.42 2.39
CA MET C 614 38.99 13.13 3.13
C MET C 614 40.07 13.18 4.21
N GLN C 615 40.64 14.36 4.50
CA GLN C 615 41.80 14.48 5.41
C GLN C 615 41.43 13.93 6.79
N LEU C 616 40.32 14.37 7.39
CA LEU C 616 40.00 14.04 8.81
C LEU C 616 39.64 12.55 8.93
N PRO C 617 38.70 12.00 8.12
CA PRO C 617 38.48 10.55 8.13
C PRO C 617 39.75 9.74 7.80
N ASN C 618 40.61 10.21 6.88
CA ASN C 618 41.86 9.47 6.51
C ASN C 618 42.82 9.44 7.70
N MET C 619 42.91 10.51 8.48
CA MET C 619 43.83 10.57 9.64
C MET C 619 43.29 9.71 10.79
N ALA C 620 42.01 9.81 11.12
CA ALA C 620 41.34 8.91 12.11
C ALA C 620 41.57 7.45 11.71
N TRP C 621 41.41 7.12 10.43
CA TRP C 621 41.60 5.77 9.84
C TRP C 621 43.05 5.31 10.08
N ASP C 622 44.01 6.11 9.65
CA ASP C 622 45.46 5.80 9.74
C ASP C 622 45.85 5.47 11.18
N THR C 623 45.36 6.23 12.17
CA THR C 623 45.72 6.03 13.61
C THR C 623 45.05 4.72 14.07
N ILE C 624 43.84 4.42 13.61
CA ILE C 624 43.13 3.17 13.97
C ILE C 624 43.84 1.97 13.32
N VAL C 625 44.10 2.02 12.02
CA VAL C 625 44.78 0.92 11.29
C VAL C 625 46.12 0.62 11.96
N GLU C 626 46.84 1.65 12.44
CA GLU C 626 48.16 1.51 13.11
C GLU C 626 47.98 0.76 14.42
N GLN C 627 47.03 1.21 15.24
CA GLN C 627 46.80 0.68 16.60
C GLN C 627 46.10 -0.66 16.48
N SER C 628 45.12 -0.77 15.58
CA SER C 628 44.28 -1.98 15.36
C SER C 628 45.12 -3.17 14.87
N THR C 629 46.05 -2.94 13.94
CA THR C 629 46.94 -4.02 13.40
C THR C 629 48.04 -4.32 14.43
N ALA C 630 48.62 -3.28 15.05
CA ALA C 630 49.63 -3.41 16.13
C ALA C 630 49.05 -4.23 17.29
N ASN C 631 47.74 -4.13 17.54
CA ASN C 631 47.00 -4.86 18.61
C ASN C 631 45.55 -5.11 18.19
N PRO C 632 45.18 -6.35 17.76
CA PRO C 632 43.82 -6.65 17.27
C PRO C 632 42.67 -6.46 18.28
N THR C 633 42.96 -6.69 19.56
CA THR C 633 42.00 -6.59 20.69
C THR C 633 41.33 -5.20 20.74
N LEU C 634 41.88 -4.17 20.08
CA LEU C 634 41.40 -2.76 20.21
C LEU C 634 40.03 -2.60 19.53
N LEU C 635 39.69 -3.48 18.58
CA LEU C 635 38.38 -3.46 17.86
C LEU C 635 37.24 -3.77 18.82
N LEU C 636 37.36 -4.80 19.67
CA LEU C 636 36.30 -5.20 20.65
C LEU C 636 35.68 -3.95 21.29
N ASP C 637 36.47 -2.88 21.47
CA ASP C 637 36.02 -1.59 22.07
C ASP C 637 34.85 -0.99 21.27
N SER C 638 33.69 -0.96 21.89
CA SER C 638 32.43 -0.35 21.40
C SER C 638 32.72 0.99 20.69
N GLU C 639 33.53 1.87 21.29
CA GLU C 639 33.66 3.27 20.80
C GLU C 639 34.43 3.29 19.47
N THR C 640 35.42 2.40 19.31
CA THR C 640 36.28 2.31 18.10
C THR C 640 35.45 1.83 16.91
N VAL C 641 34.60 0.83 17.15
CA VAL C 641 33.67 0.25 16.15
C VAL C 641 32.77 1.36 15.59
N LYS C 642 32.29 2.25 16.46
CA LYS C 642 31.40 3.37 16.04
C LYS C 642 32.21 4.36 15.21
N ILE C 643 33.43 4.67 15.62
CA ILE C 643 34.33 5.57 14.84
C ILE C 643 34.63 4.93 13.47
N ILE C 644 34.98 3.65 13.43
CA ILE C 644 35.32 2.96 12.15
C ILE C 644 34.10 3.01 11.23
N ALA C 645 32.90 2.70 11.75
CA ALA C 645 31.66 2.65 10.94
C ALA C 645 31.40 4.04 10.37
N ASN C 646 31.59 5.09 11.18
CA ASN C 646 31.34 6.49 10.73
C ASN C 646 32.38 6.92 9.68
N ILE C 647 33.63 6.44 9.77
CA ILE C 647 34.67 6.66 8.72
C ILE C 647 34.21 6.00 7.42
N ILE C 648 33.82 4.74 7.47
CA ILE C 648 33.38 4.02 6.25
C ILE C 648 32.15 4.72 5.69
N LYS C 649 31.19 5.12 6.54
CA LYS C 649 29.95 5.83 6.08
C LYS C 649 30.29 7.16 5.40
N THR C 650 31.34 7.85 5.87
CA THR C 650 31.79 9.14 5.26
C THR C 650 32.30 8.83 3.85
N ASN C 651 33.09 7.77 3.69
CA ASN C 651 33.56 7.31 2.36
C ASN C 651 32.37 6.99 1.44
N VAL C 652 31.34 6.29 1.94
CA VAL C 652 30.14 5.93 1.13
C VAL C 652 29.46 7.24 0.66
N ALA C 653 29.27 8.20 1.57
CA ALA C 653 28.58 9.48 1.27
C ALA C 653 29.32 10.19 0.12
N VAL C 654 30.64 10.28 0.22
CA VAL C 654 31.44 11.01 -0.80
C VAL C 654 31.50 10.20 -2.11
N CYS C 655 31.64 8.89 -2.03
CA CYS C 655 31.58 8.01 -3.23
C CYS C 655 30.20 8.12 -3.92
N THR C 656 29.12 8.28 -3.17
CA THR C 656 27.76 8.39 -3.75
C THR C 656 27.75 9.59 -4.71
N SER C 657 28.31 10.74 -4.34
CA SER C 657 28.22 11.96 -5.16
C SER C 657 29.33 12.03 -6.21
N MET C 658 30.43 11.29 -6.05
CA MET C 658 31.63 11.44 -6.93
C MET C 658 31.76 10.27 -7.94
N GLY C 659 31.18 9.11 -7.65
CA GLY C 659 31.25 7.92 -8.53
C GLY C 659 32.66 7.62 -9.00
N ALA C 660 32.89 7.60 -10.32
CA ALA C 660 34.17 7.25 -10.96
C ALA C 660 35.31 8.10 -10.38
N ASP C 661 35.03 9.36 -10.04
CA ASP C 661 36.03 10.33 -9.50
C ASP C 661 36.54 9.87 -8.13
N PHE C 662 35.88 8.93 -7.45
CA PHE C 662 36.22 8.56 -6.05
C PHE C 662 37.43 7.62 -6.02
N TYR C 663 37.83 7.09 -7.17
CA TYR C 663 38.80 5.97 -7.24
C TYR C 663 40.06 6.22 -6.43
N PRO C 664 40.74 7.39 -6.47
CA PRO C 664 42.01 7.55 -5.77
C PRO C 664 41.80 7.38 -4.26
N GLN C 665 40.67 7.86 -3.72
CA GLN C 665 40.34 7.70 -2.28
C GLN C 665 40.10 6.20 -2.01
N LEU C 666 39.36 5.51 -2.87
CA LEU C 666 39.12 4.06 -2.69
C LEU C 666 40.47 3.33 -2.68
N GLY C 667 41.37 3.73 -3.59
CA GLY C 667 42.72 3.16 -3.75
C GLY C 667 43.55 3.35 -2.50
N HIS C 668 43.46 4.52 -1.85
CA HIS C 668 44.16 4.85 -0.58
C HIS C 668 43.74 3.91 0.57
N ILE C 669 42.47 3.51 0.70
CA ILE C 669 42.00 2.75 1.88
C ILE C 669 41.82 1.26 1.54
N TYR C 670 41.82 0.87 0.26
CA TYR C 670 41.29 -0.43 -0.21
C TYR C 670 41.93 -1.62 0.53
N TYR C 671 43.27 -1.73 0.50
CA TYR C 671 44.01 -2.87 1.12
C TYR C 671 43.63 -3.02 2.60
N ASN C 672 43.77 -1.95 3.38
CA ASN C 672 43.51 -1.96 4.84
C ASN C 672 42.02 -2.14 5.12
N MET C 673 41.15 -1.63 4.26
CA MET C 673 39.70 -1.83 4.42
C MET C 673 39.40 -3.32 4.31
N LEU C 674 40.01 -4.04 3.36
CA LEU C 674 39.72 -5.49 3.19
C LEU C 674 40.37 -6.28 4.34
N GLN C 675 41.47 -5.81 4.91
CA GLN C 675 42.10 -6.45 6.11
C GLN C 675 41.14 -6.27 7.29
N LEU C 676 40.59 -5.07 7.47
CA LEU C 676 39.56 -4.77 8.51
C LEU C 676 38.35 -5.68 8.37
N TYR C 677 37.88 -5.91 7.13
CA TYR C 677 36.75 -6.82 6.81
C TYR C 677 37.07 -8.21 7.39
N ARG C 678 38.27 -8.74 7.14
CA ARG C 678 38.68 -10.08 7.64
C ARG C 678 38.77 -10.06 9.18
N ALA C 679 39.34 -9.02 9.79
CA ALA C 679 39.57 -8.95 11.24
C ALA C 679 38.23 -8.92 11.96
N VAL C 680 37.29 -8.10 11.47
CA VAL C 680 35.92 -7.94 12.03
C VAL C 680 35.14 -9.26 11.86
N SER C 681 35.29 -9.94 10.72
CA SER C 681 34.72 -11.28 10.43
C SER C 681 35.15 -12.30 11.51
N SER C 682 36.45 -12.41 11.78
CA SER C 682 37.02 -13.33 12.81
C SER C 682 36.36 -13.05 14.17
N MET C 683 36.30 -11.78 14.55
CA MET C 683 35.66 -11.32 15.80
C MET C 683 34.19 -11.74 15.85
N ILE C 684 33.44 -11.63 14.76
CA ILE C 684 32.01 -12.04 14.77
C ILE C 684 31.91 -13.56 14.96
N SER C 685 32.63 -14.35 14.16
CA SER C 685 32.78 -15.82 14.25
C SER C 685 33.03 -16.29 15.70
N THR C 686 34.05 -15.74 16.36
CA THR C 686 34.52 -16.21 17.67
C THR C 686 33.60 -15.67 18.77
N GLN C 687 32.88 -14.58 18.52
CA GLN C 687 31.81 -14.07 19.41
C GLN C 687 30.62 -15.04 19.37
N VAL C 688 30.28 -15.55 18.19
CA VAL C 688 29.12 -16.47 18.00
C VAL C 688 29.44 -17.83 18.61
N ALA C 689 30.69 -18.28 18.53
CA ALA C 689 31.20 -19.51 19.20
C ALA C 689 31.09 -19.34 20.72
N ALA C 690 31.55 -18.21 21.25
CA ALA C 690 31.65 -17.94 22.70
C ALA C 690 30.24 -17.77 23.30
N GLU C 691 29.31 -17.13 22.60
CA GLU C 691 28.03 -16.71 23.23
C GLU C 691 26.80 -17.37 22.59
N GLY C 692 26.95 -18.01 21.43
CA GLY C 692 25.80 -18.57 20.67
C GLY C 692 25.19 -17.59 19.69
N LEU C 693 24.14 -18.04 18.99
CA LEU C 693 23.45 -17.24 17.94
C LEU C 693 22.96 -15.92 18.52
N ILE C 694 22.67 -15.88 19.83
CA ILE C 694 22.20 -14.65 20.52
C ILE C 694 23.19 -13.51 20.27
N ALA C 695 24.48 -13.83 20.12
CA ALA C 695 25.57 -12.85 19.88
C ALA C 695 25.19 -11.89 18.74
N THR C 696 24.54 -12.40 17.70
CA THR C 696 24.22 -11.62 16.46
C THR C 696 23.19 -10.52 16.78
N LYS C 697 22.52 -10.58 17.94
CA LYS C 697 21.57 -9.54 18.39
C LYS C 697 22.27 -8.47 19.25
N THR C 698 23.45 -8.77 19.79
CA THR C 698 24.20 -7.88 20.73
C THR C 698 24.65 -6.60 20.02
N PRO C 699 24.71 -5.45 20.74
CA PRO C 699 25.19 -4.20 20.14
C PRO C 699 26.61 -4.32 19.56
N LYS C 700 27.48 -5.12 20.20
CA LYS C 700 28.89 -5.27 19.76
C LYS C 700 28.91 -5.93 18.38
N VAL C 701 28.26 -7.07 18.22
CA VAL C 701 28.29 -7.85 16.95
C VAL C 701 27.50 -7.09 15.88
N ARG C 702 26.40 -6.42 16.23
CA ARG C 702 25.65 -5.56 15.27
C ARG C 702 26.57 -4.42 14.79
N GLY C 703 27.30 -3.76 15.70
CA GLY C 703 28.34 -2.76 15.35
C GLY C 703 29.39 -3.31 14.38
N LEU C 704 29.94 -4.50 14.64
CA LEU C 704 30.97 -5.12 13.77
C LEU C 704 30.38 -5.42 12.40
N ARG C 705 29.16 -5.92 12.36
CA ARG C 705 28.47 -6.31 11.11
C ARG C 705 28.18 -5.06 10.30
N THR C 706 27.82 -3.96 10.97
CA THR C 706 27.65 -2.63 10.33
C THR C 706 28.92 -2.28 9.56
N ILE C 707 30.09 -2.51 10.15
CA ILE C 707 31.38 -2.20 9.46
C ILE C 707 31.44 -3.04 8.18
N LYS C 708 31.15 -4.34 8.26
CA LYS C 708 31.20 -5.23 7.07
C LYS C 708 30.22 -4.73 5.99
N LYS C 709 28.98 -4.39 6.37
CA LYS C 709 27.93 -3.94 5.42
C LYS C 709 28.32 -2.61 4.78
N GLU C 710 28.89 -1.66 5.53
CA GLU C 710 29.31 -0.35 4.95
C GLU C 710 30.49 -0.55 3.99
N ILE C 711 31.44 -1.43 4.30
CA ILE C 711 32.56 -1.77 3.38
C ILE C 711 31.98 -2.31 2.05
N LEU C 712 31.02 -3.24 2.11
CA LEU C 712 30.38 -3.83 0.92
C LEU C 712 29.60 -2.75 0.17
N LYS C 713 28.94 -1.84 0.89
CA LYS C 713 28.17 -0.73 0.29
C LYS C 713 29.16 0.23 -0.40
N LEU C 714 30.29 0.50 0.21
CA LEU C 714 31.29 1.39 -0.42
C LEU C 714 31.75 0.80 -1.77
N VAL C 715 32.15 -0.47 -1.79
CA VAL C 715 32.66 -1.18 -2.99
C VAL C 715 31.56 -1.26 -4.06
N GLU C 716 30.34 -1.61 -3.69
CA GLU C 716 29.22 -1.73 -4.66
C GLU C 716 28.92 -0.33 -5.23
N THR C 717 28.94 0.73 -4.39
CA THR C 717 28.69 2.12 -4.83
C THR C 717 29.72 2.51 -5.88
N TYR C 718 31.00 2.23 -5.63
CA TYR C 718 32.10 2.61 -6.57
C TYR C 718 31.93 1.81 -7.85
N ILE C 719 31.79 0.48 -7.75
CA ILE C 719 31.83 -0.42 -8.94
C ILE C 719 30.61 -0.11 -9.84
N SER C 720 29.47 0.21 -9.25
CA SER C 720 28.24 0.56 -10.00
C SER C 720 28.45 1.83 -10.84
N LYS C 721 29.39 2.73 -10.48
CA LYS C 721 29.57 4.02 -11.20
C LYS C 721 30.94 4.07 -11.90
N ALA C 722 31.74 3.02 -11.82
CA ALA C 722 33.15 3.03 -12.28
C ALA C 722 33.17 3.19 -13.80
N ARG C 723 34.16 3.93 -14.31
CA ARG C 723 34.36 4.16 -15.75
C ARG C 723 35.49 3.26 -16.24
N ASN C 724 36.55 3.10 -15.45
CA ASN C 724 37.73 2.28 -15.79
C ASN C 724 37.50 0.86 -15.24
N LEU C 725 36.95 -0.03 -16.07
CA LEU C 725 36.55 -1.40 -15.67
C LEU C 725 37.80 -2.26 -15.62
N ASP C 726 38.85 -1.90 -16.36
CA ASP C 726 40.16 -2.61 -16.37
C ASP C 726 40.75 -2.56 -14.95
N ASP C 727 40.72 -1.41 -14.29
CA ASP C 727 41.22 -1.28 -12.90
C ASP C 727 40.29 -2.04 -11.94
N VAL C 728 38.98 -2.03 -12.19
CA VAL C 728 38.02 -2.78 -11.35
C VAL C 728 38.45 -4.25 -11.33
N VAL C 729 38.66 -4.83 -12.51
CA VAL C 729 39.02 -6.26 -12.67
C VAL C 729 40.45 -6.50 -12.18
N LYS C 730 41.39 -5.60 -12.46
CA LYS C 730 42.84 -5.83 -12.20
C LYS C 730 43.21 -5.53 -10.74
N VAL C 731 42.57 -4.54 -10.11
CA VAL C 731 42.96 -4.03 -8.76
C VAL C 731 41.92 -4.47 -7.71
N LEU C 732 40.62 -4.30 -7.97
CA LEU C 732 39.56 -4.41 -6.92
C LEU C 732 39.03 -5.84 -6.74
N VAL C 733 38.75 -6.56 -7.83
CA VAL C 733 37.88 -7.77 -7.79
C VAL C 733 38.57 -8.90 -7.02
N GLU C 734 39.84 -9.19 -7.29
CA GLU C 734 40.46 -10.42 -6.76
C GLU C 734 40.54 -10.31 -5.24
N PRO C 735 41.08 -9.20 -4.68
CA PRO C 735 41.10 -9.02 -3.24
C PRO C 735 39.69 -9.01 -2.63
N LEU C 736 38.69 -8.48 -3.34
CA LEU C 736 37.30 -8.43 -2.83
C LEU C 736 36.79 -9.86 -2.64
N LEU C 737 36.86 -10.69 -3.70
CA LEU C 737 36.37 -12.09 -3.71
C LEU C 737 37.12 -12.88 -2.65
N ASN C 738 38.44 -12.71 -2.54
CA ASN C 738 39.26 -13.40 -1.50
C ASN C 738 38.76 -13.00 -0.10
N ALA C 739 38.45 -11.74 0.13
CA ALA C 739 38.02 -11.24 1.45
C ALA C 739 36.60 -11.72 1.80
N VAL C 740 35.68 -11.83 0.84
CA VAL C 740 34.24 -11.92 1.23
C VAL C 740 33.65 -13.31 1.00
N LEU C 741 34.11 -14.10 0.02
CA LEU C 741 33.33 -15.28 -0.48
C LEU C 741 33.43 -16.43 0.52
N GLU C 742 34.65 -16.79 0.90
CA GLU C 742 34.91 -17.90 1.85
C GLU C 742 34.32 -17.49 3.20
N ASP C 743 34.46 -16.23 3.62
CA ASP C 743 33.87 -15.75 4.89
C ASP C 743 32.34 -16.02 4.89
N TYR C 744 31.66 -15.77 3.76
CA TYR C 744 30.18 -15.95 3.61
C TYR C 744 29.85 -17.44 3.71
N MET C 745 30.54 -18.25 2.90
CA MET C 745 30.34 -19.73 2.84
C MET C 745 30.55 -20.34 4.24
N ASN C 746 31.57 -19.91 4.99
CA ASN C 746 32.05 -20.64 6.19
C ASN C 746 31.45 -20.09 7.49
N ASN C 747 30.58 -19.09 7.41
CA ASN C 747 29.77 -18.60 8.55
C ASN C 747 28.49 -19.43 8.64
N VAL C 748 27.95 -19.56 9.84
CA VAL C 748 26.62 -20.18 10.09
C VAL C 748 25.58 -19.28 9.42
N PRO C 749 24.46 -19.83 8.90
CA PRO C 749 23.47 -19.04 8.20
C PRO C 749 23.15 -17.67 8.84
N ASP C 750 23.06 -17.60 10.16
CA ASP C 750 22.57 -16.41 10.90
C ASP C 750 23.63 -15.31 10.90
N ALA C 751 24.87 -15.63 10.56
CA ALA C 751 25.99 -14.65 10.51
C ALA C 751 26.30 -14.24 9.07
N ARG C 752 25.63 -14.80 8.08
CA ARG C 752 25.87 -14.44 6.65
C ARG C 752 25.16 -13.12 6.32
N ASP C 753 25.88 -12.17 5.74
CA ASP C 753 25.34 -10.85 5.31
C ASP C 753 24.79 -10.99 3.88
N ALA C 754 23.49 -10.72 3.72
CA ALA C 754 22.83 -10.71 2.40
C ALA C 754 23.44 -9.62 1.51
N GLU C 755 24.05 -8.58 2.10
CA GLU C 755 24.79 -7.52 1.37
C GLU C 755 25.92 -8.12 0.51
N VAL C 756 26.50 -9.27 0.91
CA VAL C 756 27.53 -9.95 0.08
C VAL C 756 26.91 -10.30 -1.28
N LEU C 757 25.69 -10.81 -1.28
CA LEU C 757 25.00 -11.23 -2.52
C LEU C 757 24.75 -10.00 -3.37
N ASN C 758 24.32 -8.91 -2.75
CA ASN C 758 24.01 -7.62 -3.40
C ASN C 758 25.27 -7.06 -4.07
N CYS C 759 26.39 -7.07 -3.35
CA CYS C 759 27.70 -6.58 -3.84
C CYS C 759 28.12 -7.43 -5.05
N MET C 760 27.97 -8.75 -4.97
CA MET C 760 28.38 -9.67 -6.06
C MET C 760 27.49 -9.43 -7.29
N THR C 761 26.22 -9.09 -7.08
CA THR C 761 25.28 -8.78 -8.19
C THR C 761 25.84 -7.61 -9.02
N THR C 762 26.30 -6.56 -8.33
CA THR C 762 26.85 -5.35 -8.97
C THR C 762 28.13 -5.74 -9.70
N VAL C 763 29.00 -6.54 -9.06
CA VAL C 763 30.28 -6.97 -9.67
C VAL C 763 29.96 -7.70 -10.99
N VAL C 764 29.05 -8.68 -10.98
CA VAL C 764 28.74 -9.49 -12.19
C VAL C 764 28.08 -8.58 -13.23
N GLU C 765 27.13 -7.75 -12.81
CA GLU C 765 26.48 -6.73 -13.67
C GLU C 765 27.53 -5.92 -14.43
N LYS C 766 28.51 -5.35 -13.74
CA LYS C 766 29.42 -4.34 -14.33
C LYS C 766 30.59 -5.02 -15.06
N VAL C 767 31.17 -6.10 -14.55
CA VAL C 767 32.43 -6.67 -15.14
C VAL C 767 32.34 -8.20 -15.31
N GLY C 768 31.15 -8.79 -15.22
CA GLY C 768 30.93 -10.25 -15.31
C GLY C 768 31.56 -10.89 -16.54
N HIS C 769 31.37 -10.28 -17.72
CA HIS C 769 31.96 -10.68 -19.02
C HIS C 769 33.48 -10.82 -18.89
N MET C 770 34.16 -10.02 -18.08
CA MET C 770 35.64 -9.97 -18.00
C MET C 770 36.21 -10.89 -16.92
N ILE C 771 35.39 -11.55 -16.08
CA ILE C 771 35.90 -12.39 -14.95
C ILE C 771 35.17 -13.73 -14.93
N PRO C 772 35.24 -14.54 -16.01
CA PRO C 772 34.51 -15.81 -16.07
C PRO C 772 34.87 -16.73 -14.90
N GLN C 773 36.15 -16.81 -14.53
CA GLN C 773 36.63 -17.63 -13.39
C GLN C 773 36.12 -17.02 -12.07
N GLY C 774 36.03 -15.69 -11.95
CA GLY C 774 35.46 -15.03 -10.76
C GLY C 774 33.99 -15.39 -10.55
N VAL C 775 33.22 -15.47 -11.64
CA VAL C 775 31.77 -15.76 -11.55
C VAL C 775 31.60 -17.20 -11.06
N ILE C 776 32.38 -18.13 -11.58
CA ILE C 776 32.35 -19.55 -11.12
C ILE C 776 32.61 -19.57 -9.61
N LEU C 777 33.61 -18.83 -9.13
CA LEU C 777 34.00 -18.76 -7.70
C LEU C 777 32.83 -18.18 -6.87
N ILE C 778 32.14 -17.16 -7.39
CA ILE C 778 30.93 -16.59 -6.74
C ILE C 778 29.89 -17.70 -6.64
N LEU C 779 29.56 -18.40 -7.73
CA LEU C 779 28.54 -19.48 -7.68
C LEU C 779 28.95 -20.52 -6.65
N GLN C 780 30.19 -20.99 -6.70
CA GLN C 780 30.68 -22.08 -5.82
C GLN C 780 30.58 -21.62 -4.36
N SER C 781 30.79 -20.34 -4.05
CA SER C 781 30.83 -19.87 -2.65
C SER C 781 29.42 -19.66 -2.08
N VAL C 782 28.45 -19.22 -2.88
CA VAL C 782 27.16 -18.70 -2.34
C VAL C 782 25.97 -19.56 -2.77
N PHE C 783 26.06 -20.32 -3.87
CA PHE C 783 24.88 -20.97 -4.50
C PHE C 783 24.24 -21.99 -3.53
N GLU C 784 24.93 -23.08 -3.19
CA GLU C 784 24.31 -24.20 -2.44
C GLU C 784 24.03 -23.78 -0.99
N CYS C 785 24.91 -23.00 -0.35
CA CYS C 785 24.68 -22.65 1.07
C CYS C 785 23.53 -21.63 1.15
N THR C 786 23.36 -20.75 0.16
CA THR C 786 22.20 -19.82 0.17
C THR C 786 20.91 -20.57 -0.17
N LEU C 787 20.93 -21.47 -1.15
CA LEU C 787 19.71 -22.22 -1.52
C LEU C 787 19.22 -23.01 -0.30
N ASP C 788 20.14 -23.56 0.49
CA ASP C 788 19.80 -24.40 1.67
C ASP C 788 19.17 -23.52 2.78
N MET C 789 19.50 -22.23 2.85
CA MET C 789 18.86 -21.31 3.82
C MET C 789 17.40 -21.03 3.42
N ILE C 790 17.06 -21.02 2.13
CA ILE C 790 15.77 -20.45 1.64
C ILE C 790 14.86 -21.53 1.07
N ASN C 791 15.21 -22.81 1.06
CA ASN C 791 14.39 -23.84 0.39
C ASN C 791 13.61 -24.71 1.40
N LYS C 792 13.48 -24.28 2.66
CA LYS C 792 12.68 -25.01 3.69
C LYS C 792 11.28 -24.39 3.85
N ASP C 793 11.10 -23.13 3.50
CA ASP C 793 9.83 -22.37 3.67
C ASP C 793 9.97 -21.09 2.86
N PHE C 794 8.92 -20.25 2.83
CA PHE C 794 8.93 -19.02 2.00
C PHE C 794 9.29 -17.80 2.85
N THR C 795 9.57 -17.96 4.15
CA THR C 795 9.64 -16.83 5.13
C THR C 795 11.08 -16.59 5.61
N GLU C 796 11.84 -17.62 5.94
CA GLU C 796 13.19 -17.42 6.56
C GLU C 796 14.07 -16.61 5.61
N TYR C 797 14.89 -15.72 6.16
CA TYR C 797 15.99 -15.01 5.46
C TYR C 797 15.44 -14.30 4.23
N PRO C 798 14.45 -13.39 4.40
CA PRO C 798 13.82 -12.70 3.26
C PRO C 798 14.81 -11.88 2.43
N GLU C 799 15.83 -11.29 3.06
CA GLU C 799 16.82 -10.45 2.32
C GLU C 799 17.67 -11.36 1.43
N HIS C 800 18.12 -12.50 1.95
CA HIS C 800 18.96 -13.49 1.24
C HIS C 800 18.19 -14.01 0.02
N ARG C 801 16.92 -14.32 0.23
CA ARG C 801 15.95 -14.81 -0.79
C ARG C 801 15.93 -13.84 -1.96
N VAL C 802 15.67 -12.57 -1.68
CA VAL C 802 15.59 -11.54 -2.74
C VAL C 802 16.97 -11.41 -3.43
N GLU C 803 18.05 -11.24 -2.68
CA GLU C 803 19.39 -10.98 -3.29
C GLU C 803 19.87 -12.24 -4.05
N PHE C 804 19.52 -13.43 -3.59
CA PHE C 804 19.91 -14.72 -4.23
C PHE C 804 19.41 -14.75 -5.67
N TYR C 805 18.13 -14.44 -5.91
CA TYR C 805 17.53 -14.59 -7.26
C TYR C 805 17.99 -13.44 -8.16
N LYS C 806 18.25 -12.26 -7.60
CA LYS C 806 18.87 -11.13 -8.35
C LYS C 806 20.27 -11.56 -8.81
N LEU C 807 21.04 -12.26 -7.97
CA LEU C 807 22.40 -12.71 -8.35
C LEU C 807 22.29 -13.78 -9.45
N LEU C 808 21.43 -14.79 -9.30
CA LEU C 808 21.28 -15.84 -10.34
C LEU C 808 20.81 -15.18 -11.66
N LYS C 809 19.94 -14.18 -11.58
CA LYS C 809 19.39 -13.52 -12.79
C LYS C 809 20.55 -12.88 -13.56
N VAL C 810 21.38 -12.09 -12.88
CA VAL C 810 22.47 -11.38 -13.58
C VAL C 810 23.52 -12.40 -14.05
N ILE C 811 23.82 -13.45 -13.28
CA ILE C 811 24.82 -14.47 -13.74
C ILE C 811 24.29 -15.14 -15.02
N ASN C 812 22.99 -15.45 -15.08
CA ASN C 812 22.33 -16.11 -16.22
C ASN C 812 22.32 -15.18 -17.43
N GLU C 813 22.22 -13.86 -17.21
CA GLU C 813 22.24 -12.85 -18.31
C GLU C 813 23.68 -12.64 -18.83
N LYS C 814 24.67 -12.58 -17.95
CA LYS C 814 26.02 -12.02 -18.28
C LYS C 814 27.08 -13.09 -18.43
N SER C 815 26.95 -14.21 -17.73
CA SER C 815 28.04 -15.22 -17.68
C SER C 815 27.43 -16.61 -17.57
N PHE C 816 26.56 -16.94 -18.53
CA PHE C 816 25.83 -18.23 -18.60
C PHE C 816 26.81 -19.39 -18.61
N ALA C 817 28.03 -19.17 -19.09
CA ALA C 817 29.13 -20.17 -19.12
C ALA C 817 29.38 -20.73 -17.70
N ALA C 818 29.19 -19.91 -16.66
CA ALA C 818 29.31 -20.33 -15.23
C ALA C 818 28.35 -21.48 -14.92
N PHE C 819 27.15 -21.52 -15.53
CA PHE C 819 26.14 -22.60 -15.34
C PHE C 819 26.49 -23.83 -16.18
N LEU C 820 27.04 -23.67 -17.39
CA LEU C 820 27.61 -24.77 -18.23
C LEU C 820 28.71 -25.51 -17.47
N GLU C 821 29.44 -24.82 -16.60
CA GLU C 821 30.60 -25.39 -15.84
C GLU C 821 30.12 -26.26 -14.67
N LEU C 822 28.88 -26.07 -14.21
CA LEU C 822 28.36 -26.79 -13.01
C LEU C 822 28.32 -28.29 -13.28
N PRO C 823 28.61 -29.15 -12.28
CA PRO C 823 28.37 -30.59 -12.43
C PRO C 823 26.87 -30.87 -12.48
N PRO C 824 26.41 -31.85 -13.30
CA PRO C 824 24.98 -32.13 -13.47
C PRO C 824 24.09 -31.95 -12.22
N ALA C 825 24.54 -32.43 -11.05
CA ALA C 825 23.77 -32.40 -9.78
C ALA C 825 23.55 -30.95 -9.33
N ALA C 826 24.54 -30.08 -9.57
CA ALA C 826 24.48 -28.66 -9.18
C ALA C 826 23.54 -27.94 -10.17
N PHE C 827 23.58 -28.35 -11.44
CA PHE C 827 22.72 -27.78 -12.51
C PHE C 827 21.26 -28.12 -12.20
N LYS C 828 20.99 -29.36 -11.79
CA LYS C 828 19.66 -29.81 -11.33
C LYS C 828 19.20 -28.90 -10.18
N LEU C 829 20.09 -28.57 -9.24
CA LEU C 829 19.74 -27.69 -8.09
C LEU C 829 19.36 -26.30 -8.61
N PHE C 830 20.01 -25.85 -9.68
CA PHE C 830 19.74 -24.55 -10.35
C PHE C 830 18.30 -24.58 -10.88
N VAL C 831 17.90 -25.66 -11.54
CA VAL C 831 16.55 -25.80 -12.12
C VAL C 831 15.53 -25.84 -10.99
N ASP C 832 15.79 -26.63 -9.94
CA ASP C 832 15.01 -26.69 -8.67
C ASP C 832 14.87 -25.30 -8.06
N ALA C 833 15.96 -24.51 -8.01
CA ALA C 833 15.96 -23.14 -7.43
C ALA C 833 15.02 -22.24 -8.23
N ILE C 834 15.03 -22.35 -9.56
CA ILE C 834 14.18 -21.49 -10.45
C ILE C 834 12.70 -21.84 -10.18
N CYS C 835 12.33 -23.12 -10.16
CA CYS C 835 10.93 -23.57 -9.94
C CYS C 835 10.47 -23.16 -8.53
N TRP C 836 11.36 -23.27 -7.55
CA TRP C 836 11.16 -22.76 -6.17
C TRP C 836 10.79 -21.26 -6.20
N ALA C 837 11.50 -20.44 -6.95
CA ALA C 837 11.17 -19.01 -7.12
C ALA C 837 9.74 -18.85 -7.68
N PHE C 838 9.34 -19.65 -8.69
CA PHE C 838 7.97 -19.63 -9.28
C PHE C 838 6.90 -19.72 -8.19
N LYS C 839 7.10 -20.57 -7.20
CA LYS C 839 6.11 -20.91 -6.15
C LYS C 839 6.03 -19.80 -5.09
N HIS C 840 6.88 -18.77 -5.16
CA HIS C 840 6.86 -17.66 -4.18
C HIS C 840 5.66 -16.75 -4.49
N ASN C 841 5.03 -16.26 -3.43
CA ASN C 841 3.94 -15.25 -3.47
C ASN C 841 4.58 -13.85 -3.47
N ASN C 842 5.68 -13.67 -2.73
CA ASN C 842 6.49 -12.43 -2.72
C ASN C 842 6.87 -12.13 -4.17
N ARG C 843 6.43 -10.97 -4.67
CA ARG C 843 6.43 -10.62 -6.11
C ARG C 843 7.86 -10.37 -6.61
N ASP C 844 8.79 -10.00 -5.73
CA ASP C 844 10.21 -9.76 -6.11
C ASP C 844 10.78 -11.08 -6.67
N VAL C 845 10.75 -12.14 -5.87
CA VAL C 845 11.34 -13.47 -6.15
C VAL C 845 10.66 -14.10 -7.37
N GLU C 846 9.32 -14.15 -7.37
CA GLU C 846 8.47 -14.88 -8.37
C GLU C 846 8.83 -14.36 -9.78
N VAL C 847 8.91 -13.04 -9.92
CA VAL C 847 9.14 -12.34 -11.21
C VAL C 847 10.59 -12.55 -11.68
N ASN C 848 11.57 -12.49 -10.77
CA ASN C 848 12.98 -12.89 -11.07
C ASN C 848 13.02 -14.38 -11.45
N GLY C 849 12.31 -15.24 -10.72
CA GLY C 849 12.21 -16.68 -11.00
C GLY C 849 11.77 -16.93 -12.44
N LEU C 850 10.71 -16.24 -12.86
CA LEU C 850 10.11 -16.42 -14.20
C LEU C 850 11.01 -15.84 -15.28
N GLN C 851 11.68 -14.74 -14.98
CA GLN C 851 12.63 -14.08 -15.91
C GLN C 851 13.86 -14.97 -16.11
N ILE C 852 14.45 -15.51 -15.03
CA ILE C 852 15.60 -16.46 -15.14
C ILE C 852 15.18 -17.60 -16.07
N ALA C 853 13.95 -18.12 -15.91
CA ALA C 853 13.46 -19.28 -16.70
C ALA C 853 13.43 -18.94 -18.19
N LEU C 854 12.87 -17.78 -18.55
CA LEU C 854 12.83 -17.22 -19.93
C LEU C 854 14.26 -17.12 -20.47
N ASP C 855 15.13 -16.44 -19.73
CA ASP C 855 16.54 -16.16 -20.11
C ASP C 855 17.31 -17.48 -20.30
N LEU C 856 17.05 -18.45 -19.43
CA LEU C 856 17.70 -19.78 -19.48
C LEU C 856 17.30 -20.50 -20.76
N VAL C 857 16.01 -20.51 -21.07
CA VAL C 857 15.50 -21.11 -22.34
C VAL C 857 16.20 -20.40 -23.50
N LYS C 858 16.23 -19.06 -23.50
CA LYS C 858 16.89 -18.23 -24.54
C LYS C 858 18.38 -18.66 -24.64
N ASN C 859 19.07 -18.77 -23.50
CA ASN C 859 20.49 -19.20 -23.44
C ASN C 859 20.68 -20.60 -24.06
N ILE C 860 19.75 -21.54 -23.84
CA ILE C 860 19.84 -22.92 -24.38
C ILE C 860 19.56 -22.88 -25.89
N GLU C 861 18.50 -22.18 -26.31
CA GLU C 861 18.15 -21.99 -27.73
C GLU C 861 19.39 -21.52 -28.50
N ARG C 862 20.08 -20.47 -28.00
CA ARG C 862 21.28 -19.85 -28.64
C ARG C 862 22.35 -20.89 -28.95
N MET C 863 22.45 -21.97 -28.15
CA MET C 863 23.55 -22.97 -28.28
C MET C 863 23.36 -23.79 -29.56
N GLY C 864 22.18 -23.70 -30.18
CA GLY C 864 21.84 -24.46 -31.39
C GLY C 864 21.82 -25.95 -31.09
N ASN C 865 21.92 -26.78 -32.13
CA ASN C 865 21.76 -28.25 -32.05
C ASN C 865 23.06 -28.92 -31.55
N VAL C 866 23.32 -28.89 -30.24
CA VAL C 866 24.49 -29.59 -29.59
C VAL C 866 24.00 -30.41 -28.41
N PRO C 867 24.84 -31.34 -27.87
CA PRO C 867 24.40 -32.31 -26.88
C PRO C 867 24.03 -31.77 -25.50
N PHE C 868 24.49 -30.56 -25.13
CA PHE C 868 24.12 -29.95 -23.83
C PHE C 868 22.66 -29.47 -23.91
N ALA C 869 22.32 -28.78 -25.00
CA ALA C 869 20.96 -28.28 -25.29
C ALA C 869 19.99 -29.46 -25.38
N ASN C 870 20.33 -30.48 -26.16
CA ASN C 870 19.48 -31.70 -26.32
C ASN C 870 19.28 -32.38 -24.95
N GLU C 871 20.30 -32.49 -24.09
CA GLU C 871 20.20 -33.12 -22.74
C GLU C 871 19.34 -32.24 -21.82
N PHE C 872 19.39 -30.92 -22.03
CA PHE C 872 18.64 -29.94 -21.22
C PHE C 872 17.15 -30.14 -21.46
N HIS C 873 16.74 -30.24 -22.73
CA HIS C 873 15.33 -30.43 -23.13
C HIS C 873 14.81 -31.77 -22.62
N LYS C 874 15.50 -32.87 -22.92
CA LYS C 874 15.12 -34.22 -22.42
C LYS C 874 14.98 -34.24 -20.90
N ASN C 875 15.78 -33.45 -20.17
CA ASN C 875 15.84 -33.51 -18.68
C ASN C 875 14.86 -32.51 -18.04
N TYR C 876 14.54 -31.39 -18.70
CA TYR C 876 13.96 -30.23 -18.00
C TYR C 876 12.76 -29.64 -18.72
N PHE C 877 12.53 -29.93 -20.00
CA PHE C 877 11.44 -29.25 -20.76
C PHE C 877 10.11 -29.48 -20.01
N PHE C 878 9.81 -30.74 -19.67
CA PHE C 878 8.51 -31.09 -19.04
C PHE C 878 8.45 -30.61 -17.59
N ILE C 879 9.58 -30.58 -16.90
CA ILE C 879 9.62 -29.93 -15.55
C ILE C 879 9.21 -28.46 -15.69
N PHE C 880 9.70 -27.71 -16.67
CA PHE C 880 9.35 -26.27 -16.80
C PHE C 880 7.90 -26.08 -17.26
N VAL C 881 7.42 -26.91 -18.17
CA VAL C 881 6.01 -26.83 -18.67
C VAL C 881 5.04 -27.06 -17.50
N SER C 882 5.29 -28.08 -16.66
CA SER C 882 4.33 -28.54 -15.62
C SER C 882 4.45 -27.62 -14.40
N GLU C 883 5.66 -27.17 -14.06
CA GLU C 883 5.85 -26.19 -12.97
C GLU C 883 5.14 -24.90 -13.35
N THR C 884 5.21 -24.47 -14.62
CA THR C 884 4.55 -23.22 -15.07
C THR C 884 3.02 -23.40 -14.98
N PHE C 885 2.50 -24.48 -15.51
CA PHE C 885 1.05 -24.80 -15.46
C PHE C 885 0.58 -24.84 -13.99
N PHE C 886 1.36 -25.43 -13.08
CA PHE C 886 1.00 -25.52 -11.64
C PHE C 886 0.73 -24.12 -11.08
N VAL C 887 1.64 -23.16 -11.31
CA VAL C 887 1.51 -21.81 -10.70
C VAL C 887 0.43 -21.02 -11.47
N LEU C 888 0.20 -21.33 -12.75
CA LEU C 888 -0.90 -20.70 -13.54
C LEU C 888 -2.27 -21.08 -12.97
N THR C 889 -2.47 -22.32 -12.53
CA THR C 889 -3.81 -22.91 -12.29
C THR C 889 -4.16 -23.03 -10.79
N ASP C 890 -3.27 -22.72 -9.86
CA ASP C 890 -3.51 -23.04 -8.42
C ASP C 890 -4.09 -21.82 -7.69
N SER C 891 -4.29 -20.68 -8.37
CA SER C 891 -5.02 -19.51 -7.82
C SER C 891 -4.19 -18.79 -6.74
N ASP C 892 -2.94 -19.21 -6.48
CA ASP C 892 -2.13 -18.65 -5.37
C ASP C 892 -1.02 -17.77 -5.93
N HIS C 893 -0.98 -17.52 -7.24
CA HIS C 893 0.17 -16.88 -7.95
C HIS C 893 -0.32 -15.97 -9.07
N LYS C 894 -1.43 -15.27 -8.86
CA LYS C 894 -2.13 -14.49 -9.92
C LYS C 894 -1.32 -13.27 -10.34
N SER C 895 -0.41 -12.76 -9.51
CA SER C 895 0.43 -11.58 -9.81
C SER C 895 1.47 -11.93 -10.90
N GLY C 896 1.91 -13.19 -10.97
CA GLY C 896 2.87 -13.71 -11.97
C GLY C 896 2.23 -14.11 -13.31
N PHE C 897 0.95 -13.83 -13.52
CA PHE C 897 0.17 -14.36 -14.68
C PHE C 897 0.90 -14.10 -16.00
N SER C 898 1.23 -12.84 -16.25
CA SER C 898 1.83 -12.37 -17.54
C SER C 898 3.13 -13.09 -17.86
N LYS C 899 4.01 -13.27 -16.87
CA LYS C 899 5.32 -13.91 -17.14
C LYS C 899 5.16 -15.44 -17.18
N GLN C 900 4.23 -16.00 -16.39
CA GLN C 900 3.87 -17.44 -16.53
C GLN C 900 3.44 -17.70 -17.98
N ALA C 901 2.58 -16.84 -18.54
CA ALA C 901 1.99 -17.01 -19.88
C ALA C 901 3.08 -16.90 -20.96
N LEU C 902 3.96 -15.90 -20.81
CA LEU C 902 5.12 -15.66 -21.73
C LEU C 902 6.02 -16.89 -21.71
N LEU C 903 6.36 -17.44 -20.54
CA LEU C 903 7.22 -18.64 -20.42
C LEU C 903 6.52 -19.83 -21.09
N LEU C 904 5.23 -20.01 -20.83
CA LEU C 904 4.51 -21.18 -21.40
C LEU C 904 4.44 -21.04 -22.93
N MET C 905 4.15 -19.85 -23.43
CA MET C 905 4.11 -19.57 -24.89
C MET C 905 5.48 -19.91 -25.51
N LYS C 906 6.58 -19.49 -24.89
CA LYS C 906 7.94 -19.78 -25.41
C LYS C 906 8.14 -21.30 -25.49
N LEU C 907 7.82 -22.01 -24.41
CA LEU C 907 8.05 -23.48 -24.33
C LEU C 907 7.20 -24.20 -25.38
N ILE C 908 5.95 -23.80 -25.57
CA ILE C 908 5.03 -24.41 -26.57
C ILE C 908 5.50 -24.06 -28.00
N SER C 909 5.92 -22.83 -28.27
CA SER C 909 6.41 -22.41 -29.62
C SER C 909 7.67 -23.20 -30.02
N LEU C 910 8.58 -23.53 -29.08
CA LEU C 910 9.78 -24.38 -29.38
C LEU C 910 9.39 -25.70 -30.06
N VAL C 911 8.34 -26.34 -29.56
CA VAL C 911 7.86 -27.65 -30.08
C VAL C 911 7.03 -27.39 -31.33
N TYR C 912 6.15 -26.39 -31.33
CA TYR C 912 5.28 -26.10 -32.49
C TYR C 912 6.13 -25.76 -33.74
N ASP C 913 7.32 -25.18 -33.55
CA ASP C 913 8.25 -24.76 -34.64
C ASP C 913 9.25 -25.87 -34.97
N ASN C 914 9.21 -27.00 -34.25
CA ASN C 914 10.15 -28.13 -34.45
C ASN C 914 11.59 -27.67 -34.18
N LYS C 915 11.78 -26.81 -33.18
CA LYS C 915 13.11 -26.23 -32.84
C LYS C 915 13.81 -27.07 -31.75
N ILE C 916 13.32 -28.29 -31.47
CA ILE C 916 14.00 -29.22 -30.53
C ILE C 916 14.39 -30.47 -31.33
N SER C 917 15.69 -30.71 -31.48
CA SER C 917 16.28 -31.69 -32.43
C SER C 917 15.89 -33.12 -32.06
N VAL C 918 15.83 -33.46 -30.76
CA VAL C 918 15.69 -34.87 -30.30
C VAL C 918 14.26 -35.14 -29.87
N PRO C 919 13.82 -36.43 -29.84
CA PRO C 919 12.53 -36.76 -29.25
C PRO C 919 12.55 -36.44 -27.75
N LEU C 920 11.48 -35.83 -27.25
CA LEU C 920 11.33 -35.50 -25.81
C LEU C 920 10.92 -36.75 -25.02
N TYR C 921 10.33 -37.74 -25.69
CA TYR C 921 9.85 -39.02 -25.09
C TYR C 921 10.99 -40.04 -25.10
N GLN C 922 11.02 -40.92 -24.10
CA GLN C 922 11.99 -42.05 -24.02
C GLN C 922 11.41 -43.24 -24.77
N GLU C 923 12.25 -43.96 -25.52
CA GLU C 923 11.81 -44.86 -26.62
C GLU C 923 10.91 -45.96 -26.04
N ALA C 924 10.00 -46.46 -26.89
CA ALA C 924 8.97 -47.49 -26.59
C ALA C 924 7.86 -46.87 -25.73
N GLU C 925 7.74 -45.54 -25.72
CA GLU C 925 6.64 -44.81 -25.05
C GLU C 925 5.61 -44.39 -26.08
N VAL C 926 6.02 -44.35 -27.36
CA VAL C 926 5.19 -43.91 -28.52
C VAL C 926 5.91 -44.46 -29.75
N PRO C 927 5.24 -44.61 -30.92
CA PRO C 927 5.94 -44.97 -32.16
C PRO C 927 7.12 -44.01 -32.42
N GLN C 928 8.23 -44.55 -32.91
CA GLN C 928 9.56 -43.87 -32.96
C GLN C 928 9.55 -42.71 -33.96
N GLY C 929 8.63 -42.71 -34.94
CA GLY C 929 8.46 -41.57 -35.87
C GLY C 929 7.94 -40.31 -35.19
N THR C 930 7.20 -40.45 -34.08
CA THR C 930 6.25 -39.45 -33.50
C THR C 930 6.89 -38.06 -33.30
N SER C 931 6.27 -37.03 -33.85
CA SER C 931 6.67 -35.62 -33.71
C SER C 931 6.56 -35.20 -32.23
N ASN C 932 7.44 -34.31 -31.78
CA ASN C 932 7.41 -33.78 -30.39
C ASN C 932 6.06 -33.08 -30.16
N GLN C 933 5.44 -32.52 -31.23
CA GLN C 933 4.13 -31.82 -31.16
C GLN C 933 3.06 -32.80 -30.68
N VAL C 934 2.92 -33.93 -31.36
CA VAL C 934 1.96 -35.03 -31.02
C VAL C 934 2.19 -35.43 -29.56
N TYR C 935 3.45 -35.61 -29.14
CA TYR C 935 3.79 -36.10 -27.79
C TYR C 935 3.44 -35.04 -26.73
N LEU C 936 3.71 -33.76 -27.00
CA LEU C 936 3.42 -32.64 -26.07
C LEU C 936 1.91 -32.57 -25.83
N SER C 937 1.12 -32.61 -26.91
CA SER C 937 -0.36 -32.69 -26.91
C SER C 937 -0.84 -33.78 -25.94
N GLN C 938 -0.30 -34.97 -26.11
CA GLN C 938 -0.64 -36.19 -25.36
C GLN C 938 -0.25 -35.99 -23.89
N TYR C 939 0.96 -35.48 -23.64
CA TYR C 939 1.51 -35.30 -22.27
C TYR C 939 0.64 -34.28 -21.55
N LEU C 940 0.26 -33.20 -22.23
CA LEU C 940 -0.51 -32.11 -21.60
C LEU C 940 -1.94 -32.61 -21.36
N ALA C 941 -2.54 -33.30 -22.33
CA ALA C 941 -3.89 -33.89 -22.18
C ALA C 941 -3.92 -34.73 -20.89
N ASN C 942 -2.95 -35.63 -20.72
N ASN C 942 -2.95 -35.63 -20.72
CA ASN C 942 -2.81 -36.56 -19.57
CA ASN C 942 -2.81 -36.55 -19.56
C ASN C 942 -2.60 -35.74 -18.28
C ASN C 942 -2.61 -35.74 -18.27
N MET C 943 -1.69 -34.78 -18.29
CA MET C 943 -1.37 -33.98 -17.09
C MET C 943 -2.63 -33.20 -16.66
N LEU C 944 -3.36 -32.60 -17.60
CA LEU C 944 -4.51 -31.73 -17.23
C LEU C 944 -5.68 -32.62 -16.77
N SER C 945 -5.84 -33.77 -17.38
CA SER C 945 -6.89 -34.74 -16.99
C SER C 945 -6.69 -35.22 -15.55
N ASN C 946 -5.47 -35.54 -15.15
CA ASN C 946 -5.12 -36.00 -13.77
C ASN C 946 -5.30 -34.84 -12.79
N ALA C 947 -4.92 -33.61 -13.18
CA ALA C 947 -4.93 -32.47 -12.25
C ALA C 947 -6.36 -31.92 -12.11
N PHE C 948 -7.22 -32.10 -13.12
CA PHE C 948 -8.58 -31.51 -13.21
C PHE C 948 -9.52 -32.58 -13.71
N PRO C 949 -9.80 -33.64 -12.90
CA PRO C 949 -10.55 -34.80 -13.39
C PRO C 949 -12.01 -34.49 -13.76
N HIS C 950 -12.53 -33.35 -13.35
CA HIS C 950 -13.94 -32.94 -13.63
C HIS C 950 -14.05 -32.36 -15.05
N LEU C 951 -12.94 -32.00 -15.70
CA LEU C 951 -12.97 -31.52 -17.12
C LEU C 951 -13.23 -32.73 -18.00
N THR C 952 -13.97 -32.56 -19.11
CA THR C 952 -14.11 -33.58 -20.17
C THR C 952 -12.84 -33.61 -21.03
N SER C 953 -12.66 -34.70 -21.75
CA SER C 953 -11.59 -34.89 -22.75
C SER C 953 -11.71 -33.80 -23.81
N GLU C 954 -12.94 -33.48 -24.18
CA GLU C 954 -13.29 -32.48 -25.22
C GLU C 954 -12.80 -31.10 -24.75
N GLN C 955 -13.09 -30.70 -23.51
CA GLN C 955 -12.65 -29.39 -22.96
C GLN C 955 -11.13 -29.28 -23.07
N ILE C 956 -10.41 -30.33 -22.70
CA ILE C 956 -8.93 -30.34 -22.61
C ILE C 956 -8.35 -30.30 -24.04
N ALA C 957 -8.82 -31.16 -24.92
CA ALA C 957 -8.38 -31.23 -26.34
C ALA C 957 -8.61 -29.86 -26.99
N SER C 958 -9.74 -29.21 -26.75
CA SER C 958 -10.09 -27.92 -27.39
C SER C 958 -9.16 -26.82 -26.87
N PHE C 959 -8.97 -26.79 -25.55
CA PHE C 959 -8.07 -25.85 -24.85
C PHE C 959 -6.67 -25.95 -25.47
N LEU C 960 -6.15 -27.17 -25.60
CA LEU C 960 -4.76 -27.43 -26.05
C LEU C 960 -4.62 -27.13 -27.54
N SER C 961 -5.65 -27.45 -28.34
CA SER C 961 -5.78 -27.07 -29.77
C SER C 961 -5.65 -25.54 -29.90
N ALA C 962 -6.40 -24.77 -29.10
CA ALA C 962 -6.38 -23.30 -29.15
C ALA C 962 -5.00 -22.79 -28.71
N LEU C 963 -4.48 -23.27 -27.58
CA LEU C 963 -3.17 -22.89 -27.03
C LEU C 963 -2.05 -23.03 -28.08
N THR C 964 -1.95 -24.17 -28.77
CA THR C 964 -0.82 -24.43 -29.70
C THR C 964 -0.95 -23.54 -30.95
N LYS C 965 -2.18 -23.28 -31.41
CA LYS C 965 -2.47 -22.37 -32.55
C LYS C 965 -2.11 -20.92 -32.23
N GLN C 966 -2.19 -20.53 -30.96
CA GLN C 966 -2.12 -19.11 -30.53
C GLN C 966 -0.77 -18.85 -29.86
N CYS C 967 0.20 -19.74 -30.01
CA CYS C 967 1.50 -19.66 -29.30
C CYS C 967 2.43 -18.63 -29.96
N LYS C 968 1.98 -17.89 -30.98
CA LYS C 968 2.68 -16.67 -31.50
C LYS C 968 1.90 -15.39 -31.18
N ASP C 969 0.74 -15.44 -30.52
CA ASP C 969 -0.10 -14.24 -30.26
C ASP C 969 -0.42 -14.12 -28.77
N LEU C 970 0.42 -13.39 -28.04
CA LEU C 970 0.45 -13.39 -26.56
C LEU C 970 -0.92 -12.97 -26.01
N VAL C 971 -1.54 -11.93 -26.56
CA VAL C 971 -2.79 -11.38 -25.94
C VAL C 971 -3.90 -12.43 -26.07
N VAL C 972 -3.94 -13.14 -27.18
CA VAL C 972 -4.97 -14.16 -27.49
C VAL C 972 -4.71 -15.42 -26.63
N PHE C 973 -3.45 -15.85 -26.58
CA PHE C 973 -2.91 -16.94 -25.72
C PHE C 973 -3.33 -16.71 -24.26
N LYS C 974 -3.04 -15.53 -23.73
CA LYS C 974 -3.45 -15.10 -22.38
C LYS C 974 -4.98 -15.20 -22.24
N GLY C 975 -5.72 -14.82 -23.30
CA GLY C 975 -7.19 -14.95 -23.31
C GLY C 975 -7.61 -16.41 -23.13
N THR C 976 -6.96 -17.33 -23.83
CA THR C 976 -7.23 -18.78 -23.77
C THR C 976 -6.89 -19.30 -22.36
N LEU C 977 -5.76 -18.88 -21.80
CA LEU C 977 -5.38 -19.28 -20.43
C LEU C 977 -6.45 -18.81 -19.44
N ARG C 978 -6.93 -17.58 -19.56
CA ARG C 978 -7.98 -17.03 -18.67
C ARG C 978 -9.29 -17.80 -18.82
N ASP C 979 -9.64 -18.22 -20.03
CA ASP C 979 -10.85 -19.02 -20.32
C ASP C 979 -10.72 -20.34 -19.54
N PHE C 980 -9.55 -20.95 -19.57
CA PHE C 980 -9.24 -22.24 -18.90
C PHE C 980 -9.36 -22.08 -17.37
N LEU C 981 -8.89 -20.97 -16.82
CA LEU C 981 -8.93 -20.65 -15.37
C LEU C 981 -10.37 -20.44 -14.90
N VAL C 982 -11.26 -19.94 -15.75
CA VAL C 982 -12.71 -19.91 -15.45
C VAL C 982 -13.25 -21.34 -15.49
N GLN C 983 -12.93 -22.13 -16.52
CA GLN C 983 -13.59 -23.43 -16.72
C GLN C 983 -13.17 -24.45 -15.64
N ILE C 984 -11.96 -24.37 -15.10
CA ILE C 984 -11.49 -25.34 -14.07
C ILE C 984 -12.27 -25.11 -12.76
N LYS C 985 -12.99 -24.00 -12.61
CA LYS C 985 -13.68 -23.64 -11.36
C LYS C 985 -15.12 -24.15 -11.41
N GLU C 986 -15.54 -24.77 -12.51
CA GLU C 986 -16.93 -25.22 -12.66
C GLU C 986 -16.94 -26.55 -13.41
N VAL C 987 -18.09 -27.20 -13.41
CA VAL C 987 -18.34 -28.45 -14.18
C VAL C 987 -19.12 -28.08 -15.44
N GLY C 988 -18.78 -28.69 -16.58
CA GLY C 988 -19.57 -28.62 -17.81
C GLY C 988 -19.30 -27.33 -18.57
N GLY C 989 -18.09 -26.80 -18.50
CA GLY C 989 -17.64 -25.70 -19.38
C GLY C 989 -17.75 -26.10 -20.85
N ASP C 990 -18.24 -25.20 -21.69
CA ASP C 990 -18.41 -25.39 -23.15
C ASP C 990 -17.04 -25.47 -23.83
N PRO C 991 -16.71 -26.60 -24.50
CA PRO C 991 -15.45 -26.68 -25.23
C PRO C 991 -15.34 -25.71 -26.42
N THR C 992 -16.46 -25.24 -26.99
CA THR C 992 -16.45 -24.30 -28.14
C THR C 992 -15.97 -22.90 -27.70
N ASP C 993 -15.98 -22.60 -26.40
CA ASP C 993 -15.44 -21.33 -25.82
C ASP C 993 -14.00 -21.09 -26.31
N TYR C 994 -13.19 -22.13 -26.53
CA TYR C 994 -11.76 -21.95 -26.93
C TYR C 994 -11.63 -21.57 -28.42
N LEU C 995 -12.75 -21.50 -29.14
CA LEU C 995 -12.74 -21.08 -30.56
C LEU C 995 -13.09 -19.59 -30.64
N PHE C 996 -13.17 -18.92 -29.50
CA PHE C 996 -13.55 -17.48 -29.47
C PHE C 996 -12.55 -16.67 -30.28
N ALA C 997 -13.07 -15.75 -31.10
CA ALA C 997 -12.22 -14.88 -31.94
C ALA C 997 -12.73 -13.44 -31.89
N GLU C 998 -11.86 -12.48 -32.21
CA GLU C 998 -12.22 -11.03 -32.21
C GLU C 998 -12.83 -10.66 -30.86
MG MG D . -6.33 -12.04 8.83
C1 GOL E . 7.56 6.08 7.53
O1 GOL E . 7.97 4.75 7.81
C2 GOL E . 6.18 6.13 6.89
O2 GOL E . 5.32 5.20 7.54
C3 GOL E . 5.57 7.52 6.91
O3 GOL E . 4.88 7.83 5.70
PG GTP F . -5.96 -12.81 5.81
O1G GTP F . -5.44 -13.97 5.16
O2G GTP F . -6.32 -13.04 7.20
O3G GTP F . -7.03 -12.20 5.05
O3B GTP F . -4.79 -11.77 5.88
PB GTP F . -4.61 -10.45 6.72
O1B GTP F . -5.00 -9.34 5.89
O2B GTP F . -5.26 -10.65 7.99
O3A GTP F . -3.04 -10.38 6.94
PA GTP F . -2.20 -10.33 8.27
O1A GTP F . -2.44 -9.05 8.95
O2A GTP F . -2.45 -11.58 9.00
O5' GTP F . -0.73 -10.38 7.74
C5' GTP F . -0.16 -9.25 7.10
C4' GTP F . 1.31 -9.50 6.95
O4' GTP F . 1.92 -8.26 6.56
C3' GTP F . 2.04 -9.90 8.24
O3' GTP F . 3.28 -10.51 7.97
C2' GTP F . 2.25 -8.53 8.88
O2' GTP F . 3.33 -8.53 9.77
C1' GTP F . 2.56 -7.68 7.66
N9 GTP F . 2.11 -6.31 7.78
C8 GTP F . 0.91 -5.87 8.25
N7 GTP F . 0.81 -4.57 8.25
C5 GTP F . 2.00 -4.12 7.75
C6 GTP F . 2.46 -2.81 7.51
O6 GTP F . 1.87 -1.75 7.71
N1 GTP F . 3.75 -2.79 7.00
C2 GTP F . 4.49 -3.92 6.74
N2 GTP F . 5.71 -3.72 6.24
N3 GTP F . 4.07 -5.16 6.95
C4 GTP F . 2.82 -5.19 7.46
CL CL G . -13.70 20.94 -23.49
CL CL H . -15.39 -27.73 -9.35
S DMS I . -24.03 -32.72 -7.73
O DMS I . -25.14 -33.65 -7.31
C1 DMS I . -24.80 -31.39 -8.62
C2 DMS I . -23.56 -31.82 -6.28
C1 GOL J . -7.62 19.78 1.20
O1 GOL J . -8.77 19.65 2.04
C2 GOL J . -6.32 19.57 1.95
O2 GOL J . -6.04 18.17 2.07
C3 GOL J . -5.12 20.25 1.30
O3 GOL J . -4.28 20.88 2.26
C1 GOL K . -11.40 15.97 -13.34
O1 GOL K . -11.70 16.04 -14.72
C2 GOL K . -12.27 14.92 -12.68
O2 GOL K . -11.82 14.74 -11.35
C3 GOL K . -12.33 13.62 -13.46
O3 GOL K . -12.82 12.53 -12.67
C1 GOL L . -27.72 28.65 -12.68
O1 GOL L . -26.73 28.21 -11.77
C2 GOL L . -27.18 28.79 -14.10
O2 GOL L . -26.24 29.86 -14.13
C3 GOL L . -28.24 29.02 -15.15
O3 GOL L . -27.81 29.97 -16.13
S DMS M . 46.16 -3.52 -2.14
O DMS M . 45.43 -3.98 -3.37
C1 DMS M . 47.06 -2.05 -2.59
C2 DMS M . 47.55 -4.62 -1.91
CL CL N . 25.34 27.61 -13.22
S DMS O . -0.89 -29.27 -13.01
O DMS O . -1.50 -27.92 -12.75
C1 DMS O . 0.82 -28.99 -13.35
C2 DMS O . -0.71 -30.04 -11.43
F33 N59 P . 19.82 43.71 5.74
C31 N59 P . 19.43 43.70 4.46
C30 N59 P . 19.30 44.91 3.76
C29 N59 P . 18.89 44.89 2.43
C28 N59 P . 18.61 43.66 1.81
C32 N59 P . 19.16 42.48 3.84
C26 N59 P . 18.75 42.45 2.50
S24 N59 P . 18.43 41.03 1.78
O25 N59 P . 17.14 40.55 2.19
O27 N59 P . 18.40 41.11 0.35
N23 N59 P . 19.56 39.95 2.18
C15 N59 P . 20.85 39.94 1.77
C16 N59 P . 21.43 40.89 0.90
C17 N59 P . 22.78 40.79 0.55
C20 N59 P . 23.44 41.77 -0.37
O22 N59 P . 22.96 42.92 -0.55
O21 N59 P . 24.49 41.38 -0.95
C18 N59 P . 23.57 39.75 1.04
C19 N59 P . 23.01 38.83 1.89
C14 N59 P . 21.68 38.94 2.24
N11 N59 P . 21.19 37.96 3.10
C10 N59 P . 21.00 38.27 4.51
C09 N59 P . 19.84 37.37 4.91
C12 N59 P . 20.90 36.65 2.55
C13 N59 P . 21.26 35.68 3.64
N08 N59 P . 20.35 36.01 4.74
C01 N59 P . 19.93 35.05 5.62
C06 N59 P . 19.76 33.75 5.17
C05 N59 P . 19.34 32.78 6.05
CL7 N59 P . 19.17 31.11 5.40
C04 N59 P . 19.08 33.13 7.38
C03 N59 P . 19.23 34.44 7.83
C02 N59 P . 19.67 35.40 6.94
#